data_1WBA
# 
_entry.id   1WBA 
# 
_audit_conform.dict_name       mmcif_pdbx.dic 
_audit_conform.dict_version    5.397 
_audit_conform.dict_location   http://mmcif.pdb.org/dictionaries/ascii/mmcif_pdbx.dic 
# 
loop_
_database_2.database_id 
_database_2.database_code 
_database_2.pdbx_database_accession 
_database_2.pdbx_DOI 
PDB   1WBA         pdb_00001wba 10.2210/pdb1wba/pdb 
WWPDB D_1000177171 ?            ?                   
# 
loop_
_pdbx_audit_revision_history.ordinal 
_pdbx_audit_revision_history.data_content_type 
_pdbx_audit_revision_history.major_revision 
_pdbx_audit_revision_history.minor_revision 
_pdbx_audit_revision_history.revision_date 
1 'Structure model' 1 0 1997-01-11 
2 'Structure model' 1 1 2008-03-24 
3 'Structure model' 1 2 2011-07-13 
4 'Structure model' 1 3 2024-04-03 
5 'Structure model' 1 4 2024-10-09 
# 
_pdbx_audit_revision_details.ordinal             1 
_pdbx_audit_revision_details.revision_ordinal    1 
_pdbx_audit_revision_details.data_content_type   'Structure model' 
_pdbx_audit_revision_details.provider            repository 
_pdbx_audit_revision_details.type                'Initial release' 
_pdbx_audit_revision_details.description         ? 
_pdbx_audit_revision_details.details             ? 
# 
loop_
_pdbx_audit_revision_group.ordinal 
_pdbx_audit_revision_group.revision_ordinal 
_pdbx_audit_revision_group.data_content_type 
_pdbx_audit_revision_group.group 
1 2 'Structure model' 'Version format compliance' 
2 3 'Structure model' 'Version format compliance' 
3 4 'Structure model' 'Data collection'           
4 4 'Structure model' 'Database references'       
5 4 'Structure model' 'Derived calculations'      
6 4 'Structure model' Other                       
7 4 'Structure model' 'Refinement description'    
8 5 'Structure model' 'Structure summary'         
# 
loop_
_pdbx_audit_revision_category.ordinal 
_pdbx_audit_revision_category.revision_ordinal 
_pdbx_audit_revision_category.data_content_type 
_pdbx_audit_revision_category.category 
1 4 'Structure model' chem_comp_atom                
2 4 'Structure model' chem_comp_bond                
3 4 'Structure model' database_2                    
4 4 'Structure model' pdbx_database_status          
5 4 'Structure model' pdbx_initial_refinement_model 
6 4 'Structure model' pdbx_struct_special_symmetry  
7 4 'Structure model' software                      
8 5 'Structure model' pdbx_entry_details            
9 5 'Structure model' pdbx_modification_feature     
# 
loop_
_pdbx_audit_revision_item.ordinal 
_pdbx_audit_revision_item.revision_ordinal 
_pdbx_audit_revision_item.data_content_type 
_pdbx_audit_revision_item.item 
1 4 'Structure model' '_database_2.pdbx_DOI'                
2 4 'Structure model' '_database_2.pdbx_database_accession' 
3 4 'Structure model' '_pdbx_database_status.process_site'  
4 4 'Structure model' '_software.name'                      
# 
_pdbx_database_status.status_code                     REL 
_pdbx_database_status.entry_id                        1WBA 
_pdbx_database_status.recvd_initial_deposition_date   1996-06-19 
_pdbx_database_status.deposit_site                    ? 
_pdbx_database_status.process_site                    BNL 
_pdbx_database_status.status_code_sf                  REL 
_pdbx_database_status.status_code_mr                  ? 
_pdbx_database_status.SG_entry                        ? 
_pdbx_database_status.pdb_format_compatible           Y 
_pdbx_database_status.status_code_cs                  ? 
_pdbx_database_status.status_code_nmr_data            ? 
_pdbx_database_status.methods_development_category    ? 
# 
_audit_author.name           'Mccoy, A.J.' 
_audit_author.pdbx_ordinal   1 
# 
_citation.id                        primary 
_citation.title                     
'Crystallization and preliminary crystallographic data of the major albumin from Psophocarpus tetragonolobus (L.) DC.' 
_citation.journal_abbrev            J.Biol.Chem. 
_citation.journal_volume            262 
_citation.page_first                10287 
_citation.page_last                 10289 
_citation.year                      1987 
_citation.journal_id_ASTM           JBCHA3 
_citation.country                   US 
_citation.journal_id_ISSN           0021-9258 
_citation.journal_id_CSD            0071 
_citation.book_publisher            ? 
_citation.pdbx_database_id_PubMed   3611061 
_citation.pdbx_database_id_DOI      ? 
# 
loop_
_citation_author.citation_id 
_citation_author.name 
_citation_author.ordinal 
_citation_author.identifier_ORCID 
primary 'Dayan, S.M.'       1 ? 
primary 'Van Donkelaar, A.' 2 ? 
primary 'Kortt, A.A.'       3 ? 
# 
loop_
_entity.id 
_entity.type 
_entity.src_method 
_entity.pdbx_description 
_entity.formula_weight 
_entity.pdbx_number_of_molecules 
_entity.pdbx_ec 
_entity.pdbx_mutation 
_entity.pdbx_fragment 
_entity.details 
1 polymer nat 'WINGED BEAN ALBUMIN 1' 19356.781 1  ? ? ? ? 
2 water   nat water                   18.015    87 ? ? ? ? 
# 
_entity_poly.entity_id                      1 
_entity_poly.type                           'polypeptide(L)' 
_entity_poly.nstd_linkage                   no 
_entity_poly.nstd_monomer                   no 
_entity_poly.pdbx_seq_one_letter_code       
;ADDPVYDAEGNKLVNRGKYTIVSFSDGAGIDVVATGNENPEDPLSIVKSTRNIMYATSISSEDKTPPQPRNILENMRLKI
NFATDPHKGDVWSVVDFQPDGQQLKLAGRYPNQVKGAFTIQKGSNTPRTYKLLFCPVGSPCKNIGISTDPEGKKRLVVSY
QSDPLVVKFHRHEPE
;
_entity_poly.pdbx_seq_one_letter_code_can   
;ADDPVYDAEGNKLVNRGKYTIVSFSDGAGIDVVATGNENPEDPLSIVKSTRNIMYATSISSEDKTPPQPRNILENMRLKI
NFATDPHKGDVWSVVDFQPDGQQLKLAGRYPNQVKGAFTIQKGSNTPRTYKLLFCPVGSPCKNIGISTDPEGKKRLVVSY
QSDPLVVKFHRHEPE
;
_entity_poly.pdbx_strand_id                 A 
_entity_poly.pdbx_target_identifier         ? 
# 
_pdbx_entity_nonpoly.entity_id   2 
_pdbx_entity_nonpoly.name        water 
_pdbx_entity_nonpoly.comp_id     HOH 
# 
loop_
_entity_poly_seq.entity_id 
_entity_poly_seq.num 
_entity_poly_seq.mon_id 
_entity_poly_seq.hetero 
1 1   ALA n 
1 2   ASP n 
1 3   ASP n 
1 4   PRO n 
1 5   VAL n 
1 6   TYR n 
1 7   ASP n 
1 8   ALA n 
1 9   GLU n 
1 10  GLY n 
1 11  ASN n 
1 12  LYS n 
1 13  LEU n 
1 14  VAL n 
1 15  ASN n 
1 16  ARG n 
1 17  GLY n 
1 18  LYS n 
1 19  TYR n 
1 20  THR n 
1 21  ILE n 
1 22  VAL n 
1 23  SER n 
1 24  PHE n 
1 25  SER n 
1 26  ASP n 
1 27  GLY n 
1 28  ALA n 
1 29  GLY n 
1 30  ILE n 
1 31  ASP n 
1 32  VAL n 
1 33  VAL n 
1 34  ALA n 
1 35  THR n 
1 36  GLY n 
1 37  ASN n 
1 38  GLU n 
1 39  ASN n 
1 40  PRO n 
1 41  GLU n 
1 42  ASP n 
1 43  PRO n 
1 44  LEU n 
1 45  SER n 
1 46  ILE n 
1 47  VAL n 
1 48  LYS n 
1 49  SER n 
1 50  THR n 
1 51  ARG n 
1 52  ASN n 
1 53  ILE n 
1 54  MET n 
1 55  TYR n 
1 56  ALA n 
1 57  THR n 
1 58  SER n 
1 59  ILE n 
1 60  SER n 
1 61  SER n 
1 62  GLU n 
1 63  ASP n 
1 64  LYS n 
1 65  THR n 
1 66  PRO n 
1 67  PRO n 
1 68  GLN n 
1 69  PRO n 
1 70  ARG n 
1 71  ASN n 
1 72  ILE n 
1 73  LEU n 
1 74  GLU n 
1 75  ASN n 
1 76  MET n 
1 77  ARG n 
1 78  LEU n 
1 79  LYS n 
1 80  ILE n 
1 81  ASN n 
1 82  PHE n 
1 83  ALA n 
1 84  THR n 
1 85  ASP n 
1 86  PRO n 
1 87  HIS n 
1 88  LYS n 
1 89  GLY n 
1 90  ASP n 
1 91  VAL n 
1 92  TRP n 
1 93  SER n 
1 94  VAL n 
1 95  VAL n 
1 96  ASP n 
1 97  PHE n 
1 98  GLN n 
1 99  PRO n 
1 100 ASP n 
1 101 GLY n 
1 102 GLN n 
1 103 GLN n 
1 104 LEU n 
1 105 LYS n 
1 106 LEU n 
1 107 ALA n 
1 108 GLY n 
1 109 ARG n 
1 110 TYR n 
1 111 PRO n 
1 112 ASN n 
1 113 GLN n 
1 114 VAL n 
1 115 LYS n 
1 116 GLY n 
1 117 ALA n 
1 118 PHE n 
1 119 THR n 
1 120 ILE n 
1 121 GLN n 
1 122 LYS n 
1 123 GLY n 
1 124 SER n 
1 125 ASN n 
1 126 THR n 
1 127 PRO n 
1 128 ARG n 
1 129 THR n 
1 130 TYR n 
1 131 LYS n 
1 132 LEU n 
1 133 LEU n 
1 134 PHE n 
1 135 CYS n 
1 136 PRO n 
1 137 VAL n 
1 138 GLY n 
1 139 SER n 
1 140 PRO n 
1 141 CYS n 
1 142 LYS n 
1 143 ASN n 
1 144 ILE n 
1 145 GLY n 
1 146 ILE n 
1 147 SER n 
1 148 THR n 
1 149 ASP n 
1 150 PRO n 
1 151 GLU n 
1 152 GLY n 
1 153 LYS n 
1 154 LYS n 
1 155 ARG n 
1 156 LEU n 
1 157 VAL n 
1 158 VAL n 
1 159 SER n 
1 160 TYR n 
1 161 GLN n 
1 162 SER n 
1 163 ASP n 
1 164 PRO n 
1 165 LEU n 
1 166 VAL n 
1 167 VAL n 
1 168 LYS n 
1 169 PHE n 
1 170 HIS n 
1 171 ARG n 
1 172 HIS n 
1 173 GLU n 
1 174 PRO n 
1 175 GLU n 
# 
_entity_src_nat.entity_id                  1 
_entity_src_nat.pdbx_src_id                1 
_entity_src_nat.pdbx_alt_source_flag       sample 
_entity_src_nat.pdbx_beg_seq_num           ? 
_entity_src_nat.pdbx_end_seq_num           ? 
_entity_src_nat.common_name                'winged bean' 
_entity_src_nat.pdbx_organism_scientific   'Psophocarpus tetragonolobus' 
_entity_src_nat.pdbx_ncbi_taxonomy_id      3891 
_entity_src_nat.genus                      Psophocarpus 
_entity_src_nat.species                    ? 
_entity_src_nat.strain                     ? 
_entity_src_nat.tissue                     ? 
_entity_src_nat.tissue_fraction            ? 
_entity_src_nat.pdbx_secretion             ? 
_entity_src_nat.pdbx_fragment              ? 
_entity_src_nat.pdbx_variant               ? 
_entity_src_nat.pdbx_cell_line             ? 
_entity_src_nat.pdbx_atcc                  ? 
_entity_src_nat.pdbx_cellular_location     ? 
_entity_src_nat.pdbx_organ                 ? 
_entity_src_nat.pdbx_organelle             ? 
_entity_src_nat.pdbx_cell                  ? 
_entity_src_nat.pdbx_plasmid_name          ? 
_entity_src_nat.pdbx_plasmid_details       ? 
_entity_src_nat.details                    ? 
# 
loop_
_chem_comp.id 
_chem_comp.type 
_chem_comp.mon_nstd_flag 
_chem_comp.name 
_chem_comp.pdbx_synonyms 
_chem_comp.formula 
_chem_comp.formula_weight 
ALA 'L-peptide linking' y ALANINE         ? 'C3 H7 N O2'     89.093  
ARG 'L-peptide linking' y ARGININE        ? 'C6 H15 N4 O2 1' 175.209 
ASN 'L-peptide linking' y ASPARAGINE      ? 'C4 H8 N2 O3'    132.118 
ASP 'L-peptide linking' y 'ASPARTIC ACID' ? 'C4 H7 N O4'     133.103 
CYS 'L-peptide linking' y CYSTEINE        ? 'C3 H7 N O2 S'   121.158 
GLN 'L-peptide linking' y GLUTAMINE       ? 'C5 H10 N2 O3'   146.144 
GLU 'L-peptide linking' y 'GLUTAMIC ACID' ? 'C5 H9 N O4'     147.129 
GLY 'peptide linking'   y GLYCINE         ? 'C2 H5 N O2'     75.067  
HIS 'L-peptide linking' y HISTIDINE       ? 'C6 H10 N3 O2 1' 156.162 
HOH non-polymer         . WATER           ? 'H2 O'           18.015  
ILE 'L-peptide linking' y ISOLEUCINE      ? 'C6 H13 N O2'    131.173 
LEU 'L-peptide linking' y LEUCINE         ? 'C6 H13 N O2'    131.173 
LYS 'L-peptide linking' y LYSINE          ? 'C6 H15 N2 O2 1' 147.195 
MET 'L-peptide linking' y METHIONINE      ? 'C5 H11 N O2 S'  149.211 
PHE 'L-peptide linking' y PHENYLALANINE   ? 'C9 H11 N O2'    165.189 
PRO 'L-peptide linking' y PROLINE         ? 'C5 H9 N O2'     115.130 
SER 'L-peptide linking' y SERINE          ? 'C3 H7 N O3'     105.093 
THR 'L-peptide linking' y THREONINE       ? 'C4 H9 N O3'     119.119 
TRP 'L-peptide linking' y TRYPTOPHAN      ? 'C11 H12 N2 O2'  204.225 
TYR 'L-peptide linking' y TYROSINE        ? 'C9 H11 N O3'    181.189 
VAL 'L-peptide linking' y VALINE          ? 'C5 H11 N O2'    117.146 
# 
loop_
_pdbx_poly_seq_scheme.asym_id 
_pdbx_poly_seq_scheme.entity_id 
_pdbx_poly_seq_scheme.seq_id 
_pdbx_poly_seq_scheme.mon_id 
_pdbx_poly_seq_scheme.ndb_seq_num 
_pdbx_poly_seq_scheme.pdb_seq_num 
_pdbx_poly_seq_scheme.auth_seq_num 
_pdbx_poly_seq_scheme.pdb_mon_id 
_pdbx_poly_seq_scheme.auth_mon_id 
_pdbx_poly_seq_scheme.pdb_strand_id 
_pdbx_poly_seq_scheme.pdb_ins_code 
_pdbx_poly_seq_scheme.hetero 
A 1 1   ALA 1   1   ?   ?   ?   A . n 
A 1 2   ASP 2   2   2   ASP ASP A . n 
A 1 3   ASP 3   3   3   ASP ASP A . n 
A 1 4   PRO 4   4   4   PRO PRO A . n 
A 1 5   VAL 5   5   5   VAL VAL A . n 
A 1 6   TYR 6   6   6   TYR TYR A . n 
A 1 7   ASP 7   7   7   ASP ASP A . n 
A 1 8   ALA 8   8   8   ALA ALA A . n 
A 1 9   GLU 9   9   9   GLU GLU A . n 
A 1 10  GLY 10  10  10  GLY GLY A . n 
A 1 11  ASN 11  11  11  ASN ASN A . n 
A 1 12  LYS 12  12  12  LYS LYS A . n 
A 1 13  LEU 13  13  13  LEU LEU A . n 
A 1 14  VAL 14  14  14  VAL VAL A . n 
A 1 15  ASN 15  15  15  ASN ASN A . n 
A 1 16  ARG 16  16  16  ARG ARG A . n 
A 1 17  GLY 17  17  17  GLY GLY A . n 
A 1 18  LYS 18  18  18  LYS LYS A . n 
A 1 19  TYR 19  19  19  TYR TYR A . n 
A 1 20  THR 20  20  20  THR THR A . n 
A 1 21  ILE 21  21  21  ILE ILE A . n 
A 1 22  VAL 22  22  22  VAL VAL A . n 
A 1 23  SER 23  23  23  SER SER A . n 
A 1 24  PHE 24  24  24  PHE PHE A . n 
A 1 25  SER 25  25  25  SER SER A . n 
A 1 26  ASP 26  26  26  ASP ASP A . n 
A 1 27  GLY 27  27  27  GLY GLY A . n 
A 1 28  ALA 28  28  28  ALA ALA A . n 
A 1 29  GLY 29  29  29  GLY GLY A . n 
A 1 30  ILE 30  30  30  ILE ILE A . n 
A 1 31  ASP 31  31  31  ASP ASP A . n 
A 1 32  VAL 32  32  32  VAL VAL A . n 
A 1 33  VAL 33  33  33  VAL VAL A . n 
A 1 34  ALA 34  34  34  ALA ALA A . n 
A 1 35  THR 35  35  35  THR THR A . n 
A 1 36  GLY 36  36  36  GLY GLY A . n 
A 1 37  ASN 37  37  37  ASN ASN A . n 
A 1 38  GLU 38  38  38  GLU GLU A . n 
A 1 39  ASN 39  39  39  ASN ASN A . n 
A 1 40  PRO 40  40  40  PRO PRO A . n 
A 1 41  GLU 41  41  41  GLU GLU A . n 
A 1 42  ASP 42  42  42  ASP ASP A . n 
A 1 43  PRO 43  43  43  PRO PRO A . n 
A 1 44  LEU 44  44  44  LEU LEU A . n 
A 1 45  SER 45  45  45  SER SER A . n 
A 1 46  ILE 46  46  46  ILE ILE A . n 
A 1 47  VAL 47  47  47  VAL VAL A . n 
A 1 48  LYS 48  48  48  LYS LYS A . n 
A 1 49  SER 49  49  49  SER SER A . n 
A 1 50  THR 50  50  50  THR THR A . n 
A 1 51  ARG 51  51  51  ARG ARG A . n 
A 1 52  ASN 52  52  52  ASN ASN A . n 
A 1 53  ILE 53  53  53  ILE ILE A . n 
A 1 54  MET 54  54  54  MET MET A . n 
A 1 55  TYR 55  55  55  TYR TYR A . n 
A 1 56  ALA 56  56  56  ALA ALA A . n 
A 1 57  THR 57  57  57  THR THR A . n 
A 1 58  SER 58  58  58  SER SER A . n 
A 1 59  ILE 59  59  59  ILE ILE A . n 
A 1 60  SER 60  60  60  SER SER A . n 
A 1 61  SER 61  61  61  SER SER A . n 
A 1 62  GLU 62  62  62  GLU GLU A . n 
A 1 63  ASP 63  63  63  ASP ASP A . n 
A 1 64  LYS 64  64  64  LYS LYS A . n 
A 1 65  THR 65  65  65  THR THR A . n 
A 1 66  PRO 66  66  66  PRO PRO A . n 
A 1 67  PRO 67  67  67  PRO PRO A . n 
A 1 68  GLN 68  68  68  GLN GLN A . n 
A 1 69  PRO 69  69  69  PRO PRO A . n 
A 1 70  ARG 70  70  70  ARG ARG A . n 
A 1 71  ASN 71  71  71  ASN ASN A . n 
A 1 72  ILE 72  72  72  ILE ILE A . n 
A 1 73  LEU 73  73  73  LEU LEU A . n 
A 1 74  GLU 74  74  74  GLU GLU A . n 
A 1 75  ASN 75  75  75  ASN ASN A . n 
A 1 76  MET 76  76  76  MET MET A . n 
A 1 77  ARG 77  77  77  ARG ARG A . n 
A 1 78  LEU 78  78  78  LEU LEU A . n 
A 1 79  LYS 79  79  79  LYS LYS A . n 
A 1 80  ILE 80  80  80  ILE ILE A . n 
A 1 81  ASN 81  81  81  ASN ASN A . n 
A 1 82  PHE 82  82  82  PHE PHE A . n 
A 1 83  ALA 83  83  83  ALA ALA A . n 
A 1 84  THR 84  84  84  THR THR A . n 
A 1 85  ASP 85  85  85  ASP ASP A . n 
A 1 86  PRO 86  86  86  PRO PRO A . n 
A 1 87  HIS 87  87  87  HIS HIS A . n 
A 1 88  LYS 88  88  88  LYS LYS A . n 
A 1 89  GLY 89  89  89  GLY GLY A . n 
A 1 90  ASP 90  90  90  ASP ASP A . n 
A 1 91  VAL 91  91  91  VAL VAL A . n 
A 1 92  TRP 92  92  92  TRP TRP A . n 
A 1 93  SER 93  93  93  SER SER A . n 
A 1 94  VAL 94  94  94  VAL VAL A . n 
A 1 95  VAL 95  95  95  VAL VAL A . n 
A 1 96  ASP 96  96  96  ASP ASP A . n 
A 1 97  PHE 97  97  97  PHE PHE A . n 
A 1 98  GLN 98  98  98  GLN GLN A . n 
A 1 99  PRO 99  99  99  PRO PRO A . n 
A 1 100 ASP 100 100 100 ASP ASP A . n 
A 1 101 GLY 101 101 101 GLY GLY A . n 
A 1 102 GLN 102 102 102 GLN GLN A . n 
A 1 103 GLN 103 103 103 GLN GLN A . n 
A 1 104 LEU 104 104 104 LEU LEU A . n 
A 1 105 LYS 105 105 105 LYS LYS A . n 
A 1 106 LEU 106 106 106 LEU LEU A . n 
A 1 107 ALA 107 107 107 ALA ALA A . n 
A 1 108 GLY 108 108 108 GLY GLY A . n 
A 1 109 ARG 109 109 109 ARG ARG A . n 
A 1 110 TYR 110 110 110 TYR TYR A . n 
A 1 111 PRO 111 111 111 PRO PRO A . n 
A 1 112 ASN 112 112 112 ASN ASN A . n 
A 1 113 GLN 113 113 113 GLN GLN A . n 
A 1 114 VAL 114 114 114 VAL VAL A . n 
A 1 115 LYS 115 115 115 LYS LYS A . n 
A 1 116 GLY 116 116 116 GLY GLY A . n 
A 1 117 ALA 117 117 117 ALA ALA A . n 
A 1 118 PHE 118 118 118 PHE PHE A . n 
A 1 119 THR 119 119 119 THR THR A . n 
A 1 120 ILE 120 120 120 ILE ILE A . n 
A 1 121 GLN 121 121 121 GLN GLN A . n 
A 1 122 LYS 122 122 122 LYS LYS A . n 
A 1 123 GLY 123 123 123 GLY GLY A . n 
A 1 124 SER 124 124 124 SER SER A . n 
A 1 125 ASN 125 125 125 ASN ASN A . n 
A 1 126 THR 126 126 126 THR THR A . n 
A 1 127 PRO 127 127 127 PRO PRO A . n 
A 1 128 ARG 128 128 128 ARG ARG A . n 
A 1 129 THR 129 129 129 THR THR A . n 
A 1 130 TYR 130 130 130 TYR TYR A . n 
A 1 131 LYS 131 131 131 LYS LYS A . n 
A 1 132 LEU 132 132 132 LEU LEU A . n 
A 1 133 LEU 133 133 133 LEU LEU A . n 
A 1 134 PHE 134 134 134 PHE PHE A . n 
A 1 135 CYS 135 135 135 CYS CYS A . n 
A 1 136 PRO 136 136 136 PRO PRO A . n 
A 1 137 VAL 137 137 137 VAL VAL A . n 
A 1 138 GLY 138 138 138 GLY GLY A . n 
A 1 139 SER 139 139 139 SER SER A . n 
A 1 140 PRO 140 140 140 PRO PRO A . n 
A 1 141 CYS 141 141 141 CYS CYS A . n 
A 1 142 LYS 142 142 142 LYS LYS A . n 
A 1 143 ASN 143 143 143 ASN ASN A . n 
A 1 144 ILE 144 144 144 ILE ILE A . n 
A 1 145 GLY 145 145 145 GLY GLY A . n 
A 1 146 ILE 146 146 146 ILE ILE A . n 
A 1 147 SER 147 147 147 SER SER A . n 
A 1 148 THR 148 148 148 THR THR A . n 
A 1 149 ASP 149 149 149 ASP ASP A . n 
A 1 150 PRO 150 150 150 PRO PRO A . n 
A 1 151 GLU 151 151 151 GLU GLU A . n 
A 1 152 GLY 152 152 152 GLY GLY A . n 
A 1 153 LYS 153 153 153 LYS LYS A . n 
A 1 154 LYS 154 154 154 LYS LYS A . n 
A 1 155 ARG 155 155 155 ARG ARG A . n 
A 1 156 LEU 156 156 156 LEU LEU A . n 
A 1 157 VAL 157 157 157 VAL VAL A . n 
A 1 158 VAL 158 158 158 VAL VAL A . n 
A 1 159 SER 159 159 159 SER SER A . n 
A 1 160 TYR 160 160 160 TYR TYR A . n 
A 1 161 GLN 161 161 161 GLN GLN A . n 
A 1 162 SER 162 162 162 SER SER A . n 
A 1 163 ASP 163 163 163 ASP ASP A . n 
A 1 164 PRO 164 164 164 PRO PRO A . n 
A 1 165 LEU 165 165 165 LEU LEU A . n 
A 1 166 VAL 166 166 166 VAL VAL A . n 
A 1 167 VAL 167 167 167 VAL VAL A . n 
A 1 168 LYS 168 168 168 LYS LYS A . n 
A 1 169 PHE 169 169 169 PHE PHE A . n 
A 1 170 HIS 170 170 170 HIS HIS A . n 
A 1 171 ARG 171 171 171 ARG ARG A . n 
A 1 172 HIS 172 172 172 HIS HIS A . n 
A 1 173 GLU 173 173 ?   ?   ?   A . n 
A 1 174 PRO 174 174 ?   ?   ?   A . n 
A 1 175 GLU 175 175 ?   ?   ?   A . n 
# 
loop_
_pdbx_nonpoly_scheme.asym_id 
_pdbx_nonpoly_scheme.entity_id 
_pdbx_nonpoly_scheme.mon_id 
_pdbx_nonpoly_scheme.ndb_seq_num 
_pdbx_nonpoly_scheme.pdb_seq_num 
_pdbx_nonpoly_scheme.auth_seq_num 
_pdbx_nonpoly_scheme.pdb_mon_id 
_pdbx_nonpoly_scheme.auth_mon_id 
_pdbx_nonpoly_scheme.pdb_strand_id 
_pdbx_nonpoly_scheme.pdb_ins_code 
B 2 HOH 1  176 1  HOH HOH A . 
B 2 HOH 2  177 2  HOH HOH A . 
B 2 HOH 3  178 3  HOH HOH A . 
B 2 HOH 4  179 4  HOH HOH A . 
B 2 HOH 5  180 5  HOH HOH A . 
B 2 HOH 6  181 6  HOH HOH A . 
B 2 HOH 7  182 7  HOH HOH A . 
B 2 HOH 8  183 8  HOH HOH A . 
B 2 HOH 9  184 9  HOH HOH A . 
B 2 HOH 10 185 10 HOH HOH A . 
B 2 HOH 11 186 11 HOH HOH A . 
B 2 HOH 12 187 12 HOH HOH A . 
B 2 HOH 13 188 13 HOH HOH A . 
B 2 HOH 14 189 14 HOH HOH A . 
B 2 HOH 15 190 15 HOH HOH A . 
B 2 HOH 16 191 16 HOH HOH A . 
B 2 HOH 17 192 17 HOH HOH A . 
B 2 HOH 18 193 18 HOH HOH A . 
B 2 HOH 19 194 19 HOH HOH A . 
B 2 HOH 20 195 20 HOH HOH A . 
B 2 HOH 21 196 21 HOH HOH A . 
B 2 HOH 22 197 22 HOH HOH A . 
B 2 HOH 23 198 23 HOH HOH A . 
B 2 HOH 24 199 24 HOH HOH A . 
B 2 HOH 25 200 25 HOH HOH A . 
B 2 HOH 26 201 26 HOH HOH A . 
B 2 HOH 27 202 27 HOH HOH A . 
B 2 HOH 28 203 28 HOH HOH A . 
B 2 HOH 29 204 29 HOH HOH A . 
B 2 HOH 30 205 30 HOH HOH A . 
B 2 HOH 31 206 31 HOH HOH A . 
B 2 HOH 32 207 32 HOH HOH A . 
B 2 HOH 33 208 33 HOH HOH A . 
B 2 HOH 34 209 34 HOH HOH A . 
B 2 HOH 35 210 35 HOH HOH A . 
B 2 HOH 36 211 36 HOH HOH A . 
B 2 HOH 37 212 37 HOH HOH A . 
B 2 HOH 38 213 38 HOH HOH A . 
B 2 HOH 39 214 39 HOH HOH A . 
B 2 HOH 40 215 40 HOH HOH A . 
B 2 HOH 41 216 41 HOH HOH A . 
B 2 HOH 42 217 42 HOH HOH A . 
B 2 HOH 43 218 43 HOH HOH A . 
B 2 HOH 44 219 44 HOH HOH A . 
B 2 HOH 45 220 45 HOH HOH A . 
B 2 HOH 46 221 46 HOH HOH A . 
B 2 HOH 47 222 47 HOH HOH A . 
B 2 HOH 48 223 48 HOH HOH A . 
B 2 HOH 49 224 49 HOH HOH A . 
B 2 HOH 50 225 50 HOH HOH A . 
B 2 HOH 51 226 51 HOH HOH A . 
B 2 HOH 52 227 52 HOH HOH A . 
B 2 HOH 53 228 53 HOH HOH A . 
B 2 HOH 54 229 54 HOH HOH A . 
B 2 HOH 55 230 55 HOH HOH A . 
B 2 HOH 56 231 56 HOH HOH A . 
B 2 HOH 57 232 57 HOH HOH A . 
B 2 HOH 58 233 58 HOH HOH A . 
B 2 HOH 59 234 59 HOH HOH A . 
B 2 HOH 60 235 60 HOH HOH A . 
B 2 HOH 61 236 61 HOH HOH A . 
B 2 HOH 62 237 62 HOH HOH A . 
B 2 HOH 63 238 63 HOH HOH A . 
B 2 HOH 64 239 64 HOH HOH A . 
B 2 HOH 65 240 65 HOH HOH A . 
B 2 HOH 66 241 66 HOH HOH A . 
B 2 HOH 67 242 67 HOH HOH A . 
B 2 HOH 68 243 68 HOH HOH A . 
B 2 HOH 69 244 69 HOH HOH A . 
B 2 HOH 70 245 70 HOH HOH A . 
B 2 HOH 71 246 71 HOH HOH A . 
B 2 HOH 72 247 72 HOH HOH A . 
B 2 HOH 73 248 73 HOH HOH A . 
B 2 HOH 74 249 74 HOH HOH A . 
B 2 HOH 75 250 75 HOH HOH A . 
B 2 HOH 76 251 76 HOH HOH A . 
B 2 HOH 77 252 77 HOH HOH A . 
B 2 HOH 78 253 78 HOH HOH A . 
B 2 HOH 79 254 79 HOH HOH A . 
B 2 HOH 80 255 80 HOH HOH A . 
B 2 HOH 81 256 81 HOH HOH A . 
B 2 HOH 82 257 82 HOH HOH A . 
B 2 HOH 83 258 83 HOH HOH A . 
B 2 HOH 84 259 84 HOH HOH A . 
B 2 HOH 85 260 85 HOH HOH A . 
B 2 HOH 86 261 86 HOH HOH A . 
B 2 HOH 87 262 87 HOH HOH A . 
# 
loop_
_pdbx_unobs_or_zero_occ_atoms.id 
_pdbx_unobs_or_zero_occ_atoms.PDB_model_num 
_pdbx_unobs_or_zero_occ_atoms.polymer_flag 
_pdbx_unobs_or_zero_occ_atoms.occupancy_flag 
_pdbx_unobs_or_zero_occ_atoms.auth_asym_id 
_pdbx_unobs_or_zero_occ_atoms.auth_comp_id 
_pdbx_unobs_or_zero_occ_atoms.auth_seq_id 
_pdbx_unobs_or_zero_occ_atoms.PDB_ins_code 
_pdbx_unobs_or_zero_occ_atoms.auth_atom_id 
_pdbx_unobs_or_zero_occ_atoms.label_alt_id 
_pdbx_unobs_or_zero_occ_atoms.label_asym_id 
_pdbx_unobs_or_zero_occ_atoms.label_comp_id 
_pdbx_unobs_or_zero_occ_atoms.label_seq_id 
_pdbx_unobs_or_zero_occ_atoms.label_atom_id 
1  1 Y 1 A LYS 18  ? CD  ? A LYS 18  CD  
2  1 Y 1 A LYS 18  ? CE  ? A LYS 18  CE  
3  1 Y 1 A LYS 18  ? NZ  ? A LYS 18  NZ  
4  1 Y 1 A LYS 64  ? CE  ? A LYS 64  CE  
5  1 Y 1 A LYS 64  ? NZ  ? A LYS 64  NZ  
6  1 Y 1 A ARG 70  ? CG  ? A ARG 70  CG  
7  1 Y 1 A ARG 70  ? CD  ? A ARG 70  CD  
8  1 Y 1 A ARG 70  ? NE  ? A ARG 70  NE  
9  1 Y 1 A ARG 70  ? CZ  ? A ARG 70  CZ  
10 1 Y 1 A ARG 70  ? NH1 ? A ARG 70  NH1 
11 1 Y 1 A ARG 70  ? NH2 ? A ARG 70  NH2 
12 1 Y 1 A LYS 115 ? CD  ? A LYS 115 CD  
13 1 Y 1 A LYS 115 ? CE  ? A LYS 115 CE  
14 1 Y 1 A LYS 115 ? NZ  ? A LYS 115 NZ  
15 1 Y 1 A GLN 161 ? CG  ? A GLN 161 CG  
16 1 Y 1 A GLN 161 ? CD  ? A GLN 161 CD  
17 1 Y 1 A GLN 161 ? OE1 ? A GLN 161 OE1 
18 1 Y 1 A GLN 161 ? NE2 ? A GLN 161 NE2 
19 1 Y 1 A ARG 171 ? CD  ? A ARG 171 CD  
20 1 Y 1 A ARG 171 ? NE  ? A ARG 171 NE  
21 1 Y 1 A ARG 171 ? CZ  ? A ARG 171 CZ  
22 1 Y 1 A ARG 171 ? NH1 ? A ARG 171 NH1 
23 1 Y 1 A ARG 171 ? NH2 ? A ARG 171 NH2 
# 
loop_
_software.name 
_software.classification 
_software.version 
_software.citation_id 
_software.pdbx_ordinal 
WEIS     'data collection' . ? 1 
Agrovata 'data reduction'  . ? 2 
X-PLOR   'model building'  . ? 3 
X-PLOR   refinement        . ? 4 
WEIS     'data reduction'  . ? 5 
Agrovata 'data scaling'    . ? 6 
X-PLOR   phasing           . ? 7 
# 
_cell.entry_id           1WBA 
_cell.length_a           95.600 
_cell.length_b           95.600 
_cell.length_c           86.000 
_cell.angle_alpha        90.00 
_cell.angle_beta         90.00 
_cell.angle_gamma        90.00 
_cell.Z_PDB              16 
_cell.pdbx_unique_axis   ? 
# 
_symmetry.entry_id                         1WBA 
_symmetry.space_group_name_H-M             'I 41 2 2' 
_symmetry.pdbx_full_space_group_name_H-M   ? 
_symmetry.cell_setting                     ? 
_symmetry.Int_Tables_number                98 
# 
_exptl.entry_id          1WBA 
_exptl.method            'X-RAY DIFFRACTION' 
_exptl.crystals_number   1 
# 
_exptl_crystal.id                    1 
_exptl_crystal.density_meas          ? 
_exptl_crystal.density_Matthews      2.50 
_exptl_crystal.density_percent_sol   57. 
_exptl_crystal.description           ? 
# 
_exptl_crystal_grow.crystal_id      1 
_exptl_crystal_grow.method          'VAPOR DIFFUSION' 
_exptl_crystal_grow.temp            ? 
_exptl_crystal_grow.temp_details    ? 
_exptl_crystal_grow.pH              5.5 
_exptl_crystal_grow.pdbx_pH_range   ? 
_exptl_crystal_grow.pdbx_details    
'VAPOR DIFFUSION FROM PROTEIN AT 5MG/ML IN 0.1M SUCCINATE BUFFER PH 5.5 EQUILIBRATED AGAINST 30% ETHANOL., vapor diffusion' 
# 
_diffrn.id                     1 
_diffrn.ambient_temp           286 
_diffrn.ambient_temp_details   ? 
_diffrn.crystal_id             1 
# 
_diffrn_detector.diffrn_id              1 
_diffrn_detector.detector               DIFFRACTOMETER 
_diffrn_detector.type                   WEISSENBERG 
_diffrn_detector.pdbx_collection_date   1994-12 
_diffrn_detector.details                ? 
# 
_diffrn_radiation.diffrn_id                        1 
_diffrn_radiation.wavelength_id                    1 
_diffrn_radiation.pdbx_monochromatic_or_laue_m_l   M 
_diffrn_radiation.monochromator                    ? 
_diffrn_radiation.pdbx_diffrn_protocol             ? 
_diffrn_radiation.pdbx_scattering_type             x-ray 
# 
_diffrn_radiation_wavelength.id           1 
_diffrn_radiation_wavelength.wavelength   1.04 
_diffrn_radiation_wavelength.wt           1.0 
# 
_diffrn_source.diffrn_id                   1 
_diffrn_source.source                      SYNCHROTRON 
_diffrn_source.type                        'PHOTON FACTORY BEAMLINE BL-6A' 
_diffrn_source.pdbx_synchrotron_site       'Photon Factory' 
_diffrn_source.pdbx_synchrotron_beamline   BL-6A 
_diffrn_source.pdbx_wavelength             1.04 
_diffrn_source.pdbx_wavelength_list        ? 
# 
_reflns.entry_id                     1WBA 
_reflns.observed_criterion_sigma_I   0. 
_reflns.observed_criterion_sigma_F   ? 
_reflns.d_resolution_low             50.0 
_reflns.d_resolution_high            1.9 
_reflns.number_obs                   12039 
_reflns.number_all                   ? 
_reflns.percent_possible_obs         80. 
_reflns.pdbx_Rmerge_I_obs            0.092 
_reflns.pdbx_Rsym_value              ? 
_reflns.pdbx_netI_over_sigmaI        4.2 
_reflns.B_iso_Wilson_estimate        14.9 
_reflns.pdbx_redundancy              10.1 
_reflns.pdbx_diffrn_id               1 
_reflns.pdbx_ordinal                 1 
# 
_refine.entry_id                                 1WBA 
_refine.ls_number_reflns_obs                     15159 
_refine.ls_number_reflns_all                     ? 
_refine.pdbx_ls_sigma_I                          ? 
_refine.pdbx_ls_sigma_F                          0. 
_refine.pdbx_data_cutoff_high_absF               ? 
_refine.pdbx_data_cutoff_low_absF                ? 
_refine.pdbx_data_cutoff_high_rms_absF           ? 
_refine.ls_d_res_low                             15.0 
_refine.ls_d_res_high                            1.8 
_refine.ls_percent_reflns_obs                    80. 
_refine.ls_R_factor_obs                          0.19 
_refine.ls_R_factor_all                          ? 
_refine.ls_R_factor_R_work                       0.19 
_refine.ls_R_factor_R_free                       ? 
_refine.ls_R_factor_R_free_error                 ? 
_refine.ls_R_factor_R_free_error_details         ? 
_refine.ls_percent_reflns_R_free                 ? 
_refine.ls_number_reflns_R_free                  ? 
_refine.ls_number_parameters                     ? 
_refine.ls_number_restraints                     ? 
_refine.occupancy_min                            ? 
_refine.occupancy_max                            ? 
_refine.B_iso_mean                               9.5 
_refine.aniso_B[1][1]                            9.5 
_refine.aniso_B[2][2]                            9.5 
_refine.aniso_B[3][3]                            9.5 
_refine.aniso_B[1][2]                            9.5 
_refine.aniso_B[1][3]                            9.5 
_refine.aniso_B[2][3]                            9.5 
_refine.solvent_model_details                    ? 
_refine.solvent_model_param_ksol                 ? 
_refine.solvent_model_param_bsol                 ? 
_refine.pdbx_ls_cross_valid_method               ? 
_refine.details                                  ? 
_refine.pdbx_starting_model                      'SOYBEAN TRYPSIN INHIBITOR' 
_refine.pdbx_method_to_determine_struct          'MULTIPLE ISOMORPHOUS REPLACEMENT AND MOLECULAR REPLACEMENT' 
_refine.pdbx_isotropic_thermal_model             ? 
_refine.pdbx_stereochemistry_target_values       ? 
_refine.pdbx_stereochem_target_val_spec_case     ? 
_refine.pdbx_R_Free_selection_details            ? 
_refine.pdbx_overall_ESU_R                       ? 
_refine.pdbx_overall_ESU_R_Free                  ? 
_refine.overall_SU_ML                            ? 
_refine.overall_SU_B                             ? 
_refine.pdbx_refine_id                           'X-RAY DIFFRACTION' 
_refine.pdbx_diffrn_id                           1 
_refine.pdbx_TLS_residual_ADP_flag               ? 
_refine.correlation_coeff_Fo_to_Fc               ? 
_refine.correlation_coeff_Fo_to_Fc_free          ? 
_refine.pdbx_solvent_vdw_probe_radii             ? 
_refine.pdbx_solvent_ion_probe_radii             ? 
_refine.pdbx_solvent_shrinkage_radii             ? 
_refine.pdbx_overall_phase_error                 ? 
_refine.overall_SU_R_Cruickshank_DPI             ? 
_refine.pdbx_overall_SU_R_free_Cruickshank_DPI   ? 
_refine.pdbx_overall_SU_R_Blow_DPI               ? 
_refine.pdbx_overall_SU_R_free_Blow_DPI          ? 
# 
_refine_analyze.entry_id                        1WBA 
_refine_analyze.Luzzati_coordinate_error_obs    0.2 
_refine_analyze.Luzzati_sigma_a_obs             ? 
_refine_analyze.Luzzati_d_res_low_obs           ? 
_refine_analyze.Luzzati_coordinate_error_free   ? 
_refine_analyze.Luzzati_sigma_a_free            ? 
_refine_analyze.Luzzati_d_res_low_free          ? 
_refine_analyze.number_disordered_residues      ? 
_refine_analyze.occupancy_sum_hydrogen          ? 
_refine_analyze.occupancy_sum_non_hydrogen      ? 
_refine_analyze.pdbx_refine_id                  'X-RAY DIFFRACTION' 
# 
_refine_hist.pdbx_refine_id                   'X-RAY DIFFRACTION' 
_refine_hist.cycle_id                         LAST 
_refine_hist.pdbx_number_atoms_protein        1311 
_refine_hist.pdbx_number_atoms_nucleic_acid   0 
_refine_hist.pdbx_number_atoms_ligand         0 
_refine_hist.number_atoms_solvent             87 
_refine_hist.number_atoms_total               1398 
_refine_hist.d_res_high                       1.8 
_refine_hist.d_res_low                        15.0 
# 
loop_
_refine_ls_restr.type 
_refine_ls_restr.dev_ideal 
_refine_ls_restr.dev_ideal_target 
_refine_ls_restr.weight 
_refine_ls_restr.number 
_refine_ls_restr.pdbx_refine_id 
_refine_ls_restr.pdbx_restraint_function 
x_bond_d                0.008 ? ? ? 'X-RAY DIFFRACTION' ? 
x_bond_d_na             ?     ? ? ? 'X-RAY DIFFRACTION' ? 
x_bond_d_prot           ?     ? ? ? 'X-RAY DIFFRACTION' ? 
x_angle_d               ?     ? ? ? 'X-RAY DIFFRACTION' ? 
x_angle_d_na            ?     ? ? ? 'X-RAY DIFFRACTION' ? 
x_angle_d_prot          ?     ? ? ? 'X-RAY DIFFRACTION' ? 
x_angle_deg             1.531 ? ? ? 'X-RAY DIFFRACTION' ? 
x_angle_deg_na          ?     ? ? ? 'X-RAY DIFFRACTION' ? 
x_angle_deg_prot        ?     ? ? ? 'X-RAY DIFFRACTION' ? 
x_dihedral_angle_d      24.87 ? ? ? 'X-RAY DIFFRACTION' ? 
x_dihedral_angle_d_na   ?     ? ? ? 'X-RAY DIFFRACTION' ? 
x_dihedral_angle_d_prot ?     ? ? ? 'X-RAY DIFFRACTION' ? 
x_improper_angle_d      1.207 ? ? ? 'X-RAY DIFFRACTION' ? 
x_improper_angle_d_na   ?     ? ? ? 'X-RAY DIFFRACTION' ? 
x_improper_angle_d_prot ?     ? ? ? 'X-RAY DIFFRACTION' ? 
x_mcbond_it             ?     ? ? ? 'X-RAY DIFFRACTION' ? 
x_mcangle_it            ?     ? ? ? 'X-RAY DIFFRACTION' ? 
x_scbond_it             ?     ? ? ? 'X-RAY DIFFRACTION' ? 
x_scangle_it            ?     ? ? ? 'X-RAY DIFFRACTION' ? 
# 
_refine_ls_shell.pdbx_total_number_of_bins_used   ? 
_refine_ls_shell.d_res_high                       1.8 
_refine_ls_shell.d_res_low                        2.0 
_refine_ls_shell.number_reflns_R_work             2156 
_refine_ls_shell.R_factor_R_work                  0.221 
_refine_ls_shell.percent_reflns_obs               43. 
_refine_ls_shell.R_factor_R_free                  ? 
_refine_ls_shell.R_factor_R_free_error            ? 
_refine_ls_shell.percent_reflns_R_free            ? 
_refine_ls_shell.number_reflns_R_free             ? 
_refine_ls_shell.pdbx_refine_id                   'X-RAY DIFFRACTION' 
_refine_ls_shell.number_reflns_all                ? 
_refine_ls_shell.R_factor_all                     ? 
# 
loop_
_pdbx_xplor_file.serial_no 
_pdbx_xplor_file.param_file 
_pdbx_xplor_file.topol_file 
_pdbx_xplor_file.pdbx_refine_id 
1 PARHCSDX.PRO TOPHCSDX.PRO 'X-RAY DIFFRACTION' 
2 PARAM19.SOL  TOPH19.SOL   'X-RAY DIFFRACTION' 
# 
_struct.entry_id                  1WBA 
_struct.title                     'WINGED BEAN ALBUMIN 1' 
_struct.pdbx_model_details        ? 
_struct.pdbx_CASP_flag            ? 
_struct.pdbx_model_type_details   ? 
# 
_struct_keywords.entry_id        1WBA 
_struct_keywords.pdbx_keywords   'SEED STORAGE PROTEIN' 
_struct_keywords.text            'SEED STORAGE PROTEIN, ALBUMIN' 
# 
loop_
_struct_asym.id 
_struct_asym.pdbx_blank_PDB_chainid_flag 
_struct_asym.pdbx_modified 
_struct_asym.entity_id 
_struct_asym.details 
A N N 1 ? 
B N N 2 ? 
# 
_struct_ref.id                         1 
_struct_ref.db_name                    UNP 
_struct_ref.db_code                    ALB1_PSOTE 
_struct_ref.entity_id                  1 
_struct_ref.pdbx_db_accession          P15465 
_struct_ref.pdbx_align_begin           1 
_struct_ref.pdbx_seq_one_letter_code   
;ADDPVYDAEGNKLVNRGKYTIVSFSDGAGIDVVATGNENPEDPLSIVKSTRNIMYATSISSEDKTPPQPRNILENMRLKI
NFATDPHKGDVWSVVDFQPDGQQLKLAGRYPNQVKGAFTIQKGSNTPRTYKLLFCPVGSPCKNIGISTDPEGKKRLVVSY
QSDPLVVKFHRHEPE
;
_struct_ref.pdbx_db_isoform            ? 
# 
_struct_ref_seq.align_id                      1 
_struct_ref_seq.ref_id                        1 
_struct_ref_seq.pdbx_PDB_id_code              1WBA 
_struct_ref_seq.pdbx_strand_id                A 
_struct_ref_seq.seq_align_beg                 1 
_struct_ref_seq.pdbx_seq_align_beg_ins_code   ? 
_struct_ref_seq.seq_align_end                 175 
_struct_ref_seq.pdbx_seq_align_end_ins_code   ? 
_struct_ref_seq.pdbx_db_accession             P15465 
_struct_ref_seq.db_align_beg                  1 
_struct_ref_seq.pdbx_db_align_beg_ins_code    ? 
_struct_ref_seq.db_align_end                  175 
_struct_ref_seq.pdbx_db_align_end_ins_code    ? 
_struct_ref_seq.pdbx_auth_seq_align_beg       1 
_struct_ref_seq.pdbx_auth_seq_align_end       175 
# 
_pdbx_struct_assembly.id                   1 
_pdbx_struct_assembly.details              author_defined_assembly 
_pdbx_struct_assembly.method_details       ? 
_pdbx_struct_assembly.oligomeric_details   monomeric 
_pdbx_struct_assembly.oligomeric_count     1 
# 
_pdbx_struct_assembly_gen.assembly_id       1 
_pdbx_struct_assembly_gen.oper_expression   1 
_pdbx_struct_assembly_gen.asym_id_list      A,B 
# 
_pdbx_struct_oper_list.id                   1 
_pdbx_struct_oper_list.type                 'identity operation' 
_pdbx_struct_oper_list.name                 1_555 
_pdbx_struct_oper_list.symmetry_operation   x,y,z 
_pdbx_struct_oper_list.matrix[1][1]         1.0000000000 
_pdbx_struct_oper_list.matrix[1][2]         0.0000000000 
_pdbx_struct_oper_list.matrix[1][3]         0.0000000000 
_pdbx_struct_oper_list.vector[1]            0.0000000000 
_pdbx_struct_oper_list.matrix[2][1]         0.0000000000 
_pdbx_struct_oper_list.matrix[2][2]         1.0000000000 
_pdbx_struct_oper_list.matrix[2][3]         0.0000000000 
_pdbx_struct_oper_list.vector[2]            0.0000000000 
_pdbx_struct_oper_list.matrix[3][1]         0.0000000000 
_pdbx_struct_oper_list.matrix[3][2]         0.0000000000 
_pdbx_struct_oper_list.matrix[3][3]         1.0000000000 
_pdbx_struct_oper_list.vector[3]            0.0000000000 
# 
_struct_biol.id   1 
# 
_struct_conn.id                            disulf1 
_struct_conn.conn_type_id                  disulf 
_struct_conn.pdbx_leaving_atom_flag        ? 
_struct_conn.pdbx_PDB_id                   ? 
_struct_conn.ptnr1_label_asym_id           A 
_struct_conn.ptnr1_label_comp_id           CYS 
_struct_conn.ptnr1_label_seq_id            135 
_struct_conn.ptnr1_label_atom_id           SG 
_struct_conn.pdbx_ptnr1_label_alt_id       ? 
_struct_conn.pdbx_ptnr1_PDB_ins_code       ? 
_struct_conn.pdbx_ptnr1_standard_comp_id   ? 
_struct_conn.ptnr1_symmetry                1_555 
_struct_conn.ptnr2_label_asym_id           A 
_struct_conn.ptnr2_label_comp_id           CYS 
_struct_conn.ptnr2_label_seq_id            141 
_struct_conn.ptnr2_label_atom_id           SG 
_struct_conn.pdbx_ptnr2_label_alt_id       ? 
_struct_conn.pdbx_ptnr2_PDB_ins_code       ? 
_struct_conn.ptnr1_auth_asym_id            A 
_struct_conn.ptnr1_auth_comp_id            CYS 
_struct_conn.ptnr1_auth_seq_id             135 
_struct_conn.ptnr2_auth_asym_id            A 
_struct_conn.ptnr2_auth_comp_id            CYS 
_struct_conn.ptnr2_auth_seq_id             141 
_struct_conn.ptnr2_symmetry                1_555 
_struct_conn.pdbx_ptnr3_label_atom_id      ? 
_struct_conn.pdbx_ptnr3_label_seq_id       ? 
_struct_conn.pdbx_ptnr3_label_comp_id      ? 
_struct_conn.pdbx_ptnr3_label_asym_id      ? 
_struct_conn.pdbx_ptnr3_label_alt_id       ? 
_struct_conn.pdbx_ptnr3_PDB_ins_code       ? 
_struct_conn.details                       ? 
_struct_conn.pdbx_dist_value               2.021 
_struct_conn.pdbx_value_order              ? 
_struct_conn.pdbx_role                     ? 
# 
_struct_conn_type.id          disulf 
_struct_conn_type.criteria    ? 
_struct_conn_type.reference   ? 
# 
_pdbx_modification_feature.ordinal                            1 
_pdbx_modification_feature.label_comp_id                      CYS 
_pdbx_modification_feature.label_asym_id                      A 
_pdbx_modification_feature.label_seq_id                       135 
_pdbx_modification_feature.label_alt_id                       ? 
_pdbx_modification_feature.modified_residue_label_comp_id     CYS 
_pdbx_modification_feature.modified_residue_label_asym_id     A 
_pdbx_modification_feature.modified_residue_label_seq_id      141 
_pdbx_modification_feature.modified_residue_label_alt_id      ? 
_pdbx_modification_feature.auth_comp_id                       CYS 
_pdbx_modification_feature.auth_asym_id                       A 
_pdbx_modification_feature.auth_seq_id                        135 
_pdbx_modification_feature.PDB_ins_code                       ? 
_pdbx_modification_feature.symmetry                           1_555 
_pdbx_modification_feature.modified_residue_auth_comp_id      CYS 
_pdbx_modification_feature.modified_residue_auth_asym_id      A 
_pdbx_modification_feature.modified_residue_auth_seq_id       141 
_pdbx_modification_feature.modified_residue_PDB_ins_code      ? 
_pdbx_modification_feature.modified_residue_symmetry          1_555 
_pdbx_modification_feature.comp_id_linking_atom               SG 
_pdbx_modification_feature.modified_residue_id_linking_atom   SG 
_pdbx_modification_feature.modified_residue_id                . 
_pdbx_modification_feature.ref_pcm_id                         . 
_pdbx_modification_feature.ref_comp_id                        . 
_pdbx_modification_feature.type                               None 
_pdbx_modification_feature.category                           'Disulfide bridge' 
# 
loop_
_struct_mon_prot_cis.pdbx_id 
_struct_mon_prot_cis.label_comp_id 
_struct_mon_prot_cis.label_seq_id 
_struct_mon_prot_cis.label_asym_id 
_struct_mon_prot_cis.label_alt_id 
_struct_mon_prot_cis.pdbx_PDB_ins_code 
_struct_mon_prot_cis.auth_comp_id 
_struct_mon_prot_cis.auth_seq_id 
_struct_mon_prot_cis.auth_asym_id 
_struct_mon_prot_cis.pdbx_label_comp_id_2 
_struct_mon_prot_cis.pdbx_label_seq_id_2 
_struct_mon_prot_cis.pdbx_label_asym_id_2 
_struct_mon_prot_cis.pdbx_PDB_ins_code_2 
_struct_mon_prot_cis.pdbx_auth_comp_id_2 
_struct_mon_prot_cis.pdbx_auth_seq_id_2 
_struct_mon_prot_cis.pdbx_auth_asym_id_2 
_struct_mon_prot_cis.pdbx_PDB_model_num 
_struct_mon_prot_cis.pdbx_omega_angle 
1 PRO 66 A . ? PRO 66 A PRO 67 A ? PRO 67 A 1 -0.33 
2 ASP 85 A . ? ASP 85 A PRO 86 A ? PRO 86 A 1 0.30  
3 GLN 98 A . ? GLN 98 A PRO 99 A ? PRO 99 A 1 0.77  
# 
loop_
_struct_sheet.id 
_struct_sheet.type 
_struct_sheet.number_strands 
_struct_sheet.details 
A ? 4 ? 
B ? 2 ? 
C ? 2 ? 
D ? 2 ? 
E ? 2 ? 
# 
loop_
_struct_sheet_order.sheet_id 
_struct_sheet_order.range_id_1 
_struct_sheet_order.range_id_2 
_struct_sheet_order.offset 
_struct_sheet_order.sense 
A 1 2 ? anti-parallel 
A 2 3 ? anti-parallel 
A 3 4 ? anti-parallel 
B 1 2 ? anti-parallel 
C 1 2 ? anti-parallel 
D 1 2 ? anti-parallel 
E 1 2 ? anti-parallel 
# 
loop_
_struct_sheet_range.sheet_id 
_struct_sheet_range.id 
_struct_sheet_range.beg_label_comp_id 
_struct_sheet_range.beg_label_asym_id 
_struct_sheet_range.beg_label_seq_id 
_struct_sheet_range.pdbx_beg_PDB_ins_code 
_struct_sheet_range.end_label_comp_id 
_struct_sheet_range.end_label_asym_id 
_struct_sheet_range.end_label_seq_id 
_struct_sheet_range.pdbx_end_PDB_ins_code 
_struct_sheet_range.beg_auth_comp_id 
_struct_sheet_range.beg_auth_asym_id 
_struct_sheet_range.beg_auth_seq_id 
_struct_sheet_range.end_auth_comp_id 
_struct_sheet_range.end_auth_asym_id 
_struct_sheet_range.end_auth_seq_id 
A 1 VAL A 167 ? ARG A 171 ? VAL A 167 ARG A 171 
A 2 GLY A 17  ? SER A 23  ? GLY A 17  SER A 23  
A 3 ALA A 56  ? SER A 61  ? ALA A 56  SER A 61  
A 4 LEU A 78  ? PHE A 82  ? LEU A 78  PHE A 82  
B 1 ILE A 30  ? VAL A 33  ? ILE A 30  VAL A 33  
B 2 SER A 45  ? LYS A 48  ? SER A 45  LYS A 48  
C 1 TRP A 92  ? PHE A 97  ? TRP A 92  PHE A 97  
C 2 GLY A 101 ? LEU A 106 ? GLY A 101 LEU A 106 
D 1 GLY A 116 ? LYS A 122 ? GLY A 116 LYS A 122 
D 2 TYR A 130 ? PRO A 136 ? TYR A 130 PRO A 136 
E 1 ASN A 143 ? THR A 148 ? ASN A 143 THR A 148 
E 2 LYS A 154 ? SER A 159 ? LYS A 154 SER A 159 
# 
loop_
_pdbx_struct_sheet_hbond.sheet_id 
_pdbx_struct_sheet_hbond.range_id_1 
_pdbx_struct_sheet_hbond.range_id_2 
_pdbx_struct_sheet_hbond.range_1_label_atom_id 
_pdbx_struct_sheet_hbond.range_1_label_comp_id 
_pdbx_struct_sheet_hbond.range_1_label_asym_id 
_pdbx_struct_sheet_hbond.range_1_label_seq_id 
_pdbx_struct_sheet_hbond.range_1_PDB_ins_code 
_pdbx_struct_sheet_hbond.range_1_auth_atom_id 
_pdbx_struct_sheet_hbond.range_1_auth_comp_id 
_pdbx_struct_sheet_hbond.range_1_auth_asym_id 
_pdbx_struct_sheet_hbond.range_1_auth_seq_id 
_pdbx_struct_sheet_hbond.range_2_label_atom_id 
_pdbx_struct_sheet_hbond.range_2_label_comp_id 
_pdbx_struct_sheet_hbond.range_2_label_asym_id 
_pdbx_struct_sheet_hbond.range_2_label_seq_id 
_pdbx_struct_sheet_hbond.range_2_PDB_ins_code 
_pdbx_struct_sheet_hbond.range_2_auth_atom_id 
_pdbx_struct_sheet_hbond.range_2_auth_comp_id 
_pdbx_struct_sheet_hbond.range_2_auth_asym_id 
_pdbx_struct_sheet_hbond.range_2_auth_seq_id 
A 1 2 O LYS A 168 ? O LYS A 168 N VAL A 22  ? N VAL A 22  
A 2 3 O GLY A 17  ? O GLY A 17  N ILE A 59  ? N ILE A 59  
A 3 4 O SER A 58  ? O SER A 58  N ASN A 81  ? N ASN A 81  
B 1 2 O ASP A 31  ? O ASP A 31  N VAL A 47  ? N VAL A 47  
C 1 2 O SER A 93  ? O SER A 93  N LYS A 105 ? N LYS A 105 
D 1 2 O ALA A 117 ? O ALA A 117 N CYS A 135 ? N CYS A 135 
E 1 2 O ASN A 143 ? O ASN A 143 N SER A 159 ? N SER A 159 
# 
_pdbx_entry_details.entry_id                   1WBA 
_pdbx_entry_details.compound_details           ? 
_pdbx_entry_details.source_details             ? 
_pdbx_entry_details.nonpolymer_details         ? 
_pdbx_entry_details.sequence_details           ? 
_pdbx_entry_details.has_ligand_of_interest     ? 
_pdbx_entry_details.has_protein_modification   Y 
# 
_pdbx_struct_special_symmetry.id              1 
_pdbx_struct_special_symmetry.PDB_model_num   1 
_pdbx_struct_special_symmetry.auth_asym_id    A 
_pdbx_struct_special_symmetry.auth_comp_id    HOH 
_pdbx_struct_special_symmetry.auth_seq_id     256 
_pdbx_struct_special_symmetry.PDB_ins_code    ? 
_pdbx_struct_special_symmetry.label_asym_id   B 
_pdbx_struct_special_symmetry.label_comp_id   HOH 
_pdbx_struct_special_symmetry.label_seq_id    . 
# 
loop_
_pdbx_unobs_or_zero_occ_residues.id 
_pdbx_unobs_or_zero_occ_residues.PDB_model_num 
_pdbx_unobs_or_zero_occ_residues.polymer_flag 
_pdbx_unobs_or_zero_occ_residues.occupancy_flag 
_pdbx_unobs_or_zero_occ_residues.auth_asym_id 
_pdbx_unobs_or_zero_occ_residues.auth_comp_id 
_pdbx_unobs_or_zero_occ_residues.auth_seq_id 
_pdbx_unobs_or_zero_occ_residues.PDB_ins_code 
_pdbx_unobs_or_zero_occ_residues.label_asym_id 
_pdbx_unobs_or_zero_occ_residues.label_comp_id 
_pdbx_unobs_or_zero_occ_residues.label_seq_id 
1 1 Y 1 A ALA 1   ? A ALA 1   
2 1 Y 1 A GLU 173 ? A GLU 173 
3 1 Y 1 A PRO 174 ? A PRO 174 
4 1 Y 1 A GLU 175 ? A GLU 175 
# 
loop_
_chem_comp_atom.comp_id 
_chem_comp_atom.atom_id 
_chem_comp_atom.type_symbol 
_chem_comp_atom.pdbx_aromatic_flag 
_chem_comp_atom.pdbx_stereo_config 
_chem_comp_atom.pdbx_ordinal 
ALA N    N N N 1   
ALA CA   C N S 2   
ALA C    C N N 3   
ALA O    O N N 4   
ALA CB   C N N 5   
ALA OXT  O N N 6   
ALA H    H N N 7   
ALA H2   H N N 8   
ALA HA   H N N 9   
ALA HB1  H N N 10  
ALA HB2  H N N 11  
ALA HB3  H N N 12  
ALA HXT  H N N 13  
ARG N    N N N 14  
ARG CA   C N S 15  
ARG C    C N N 16  
ARG O    O N N 17  
ARG CB   C N N 18  
ARG CG   C N N 19  
ARG CD   C N N 20  
ARG NE   N N N 21  
ARG CZ   C N N 22  
ARG NH1  N N N 23  
ARG NH2  N N N 24  
ARG OXT  O N N 25  
ARG H    H N N 26  
ARG H2   H N N 27  
ARG HA   H N N 28  
ARG HB2  H N N 29  
ARG HB3  H N N 30  
ARG HG2  H N N 31  
ARG HG3  H N N 32  
ARG HD2  H N N 33  
ARG HD3  H N N 34  
ARG HE   H N N 35  
ARG HH11 H N N 36  
ARG HH12 H N N 37  
ARG HH21 H N N 38  
ARG HH22 H N N 39  
ARG HXT  H N N 40  
ASN N    N N N 41  
ASN CA   C N S 42  
ASN C    C N N 43  
ASN O    O N N 44  
ASN CB   C N N 45  
ASN CG   C N N 46  
ASN OD1  O N N 47  
ASN ND2  N N N 48  
ASN OXT  O N N 49  
ASN H    H N N 50  
ASN H2   H N N 51  
ASN HA   H N N 52  
ASN HB2  H N N 53  
ASN HB3  H N N 54  
ASN HD21 H N N 55  
ASN HD22 H N N 56  
ASN HXT  H N N 57  
ASP N    N N N 58  
ASP CA   C N S 59  
ASP C    C N N 60  
ASP O    O N N 61  
ASP CB   C N N 62  
ASP CG   C N N 63  
ASP OD1  O N N 64  
ASP OD2  O N N 65  
ASP OXT  O N N 66  
ASP H    H N N 67  
ASP H2   H N N 68  
ASP HA   H N N 69  
ASP HB2  H N N 70  
ASP HB3  H N N 71  
ASP HD2  H N N 72  
ASP HXT  H N N 73  
CYS N    N N N 74  
CYS CA   C N R 75  
CYS C    C N N 76  
CYS O    O N N 77  
CYS CB   C N N 78  
CYS SG   S N N 79  
CYS OXT  O N N 80  
CYS H    H N N 81  
CYS H2   H N N 82  
CYS HA   H N N 83  
CYS HB2  H N N 84  
CYS HB3  H N N 85  
CYS HG   H N N 86  
CYS HXT  H N N 87  
GLN N    N N N 88  
GLN CA   C N S 89  
GLN C    C N N 90  
GLN O    O N N 91  
GLN CB   C N N 92  
GLN CG   C N N 93  
GLN CD   C N N 94  
GLN OE1  O N N 95  
GLN NE2  N N N 96  
GLN OXT  O N N 97  
GLN H    H N N 98  
GLN H2   H N N 99  
GLN HA   H N N 100 
GLN HB2  H N N 101 
GLN HB3  H N N 102 
GLN HG2  H N N 103 
GLN HG3  H N N 104 
GLN HE21 H N N 105 
GLN HE22 H N N 106 
GLN HXT  H N N 107 
GLU N    N N N 108 
GLU CA   C N S 109 
GLU C    C N N 110 
GLU O    O N N 111 
GLU CB   C N N 112 
GLU CG   C N N 113 
GLU CD   C N N 114 
GLU OE1  O N N 115 
GLU OE2  O N N 116 
GLU OXT  O N N 117 
GLU H    H N N 118 
GLU H2   H N N 119 
GLU HA   H N N 120 
GLU HB2  H N N 121 
GLU HB3  H N N 122 
GLU HG2  H N N 123 
GLU HG3  H N N 124 
GLU HE2  H N N 125 
GLU HXT  H N N 126 
GLY N    N N N 127 
GLY CA   C N N 128 
GLY C    C N N 129 
GLY O    O N N 130 
GLY OXT  O N N 131 
GLY H    H N N 132 
GLY H2   H N N 133 
GLY HA2  H N N 134 
GLY HA3  H N N 135 
GLY HXT  H N N 136 
HIS N    N N N 137 
HIS CA   C N S 138 
HIS C    C N N 139 
HIS O    O N N 140 
HIS CB   C N N 141 
HIS CG   C Y N 142 
HIS ND1  N Y N 143 
HIS CD2  C Y N 144 
HIS CE1  C Y N 145 
HIS NE2  N Y N 146 
HIS OXT  O N N 147 
HIS H    H N N 148 
HIS H2   H N N 149 
HIS HA   H N N 150 
HIS HB2  H N N 151 
HIS HB3  H N N 152 
HIS HD1  H N N 153 
HIS HD2  H N N 154 
HIS HE1  H N N 155 
HIS HE2  H N N 156 
HIS HXT  H N N 157 
HOH O    O N N 158 
HOH H1   H N N 159 
HOH H2   H N N 160 
ILE N    N N N 161 
ILE CA   C N S 162 
ILE C    C N N 163 
ILE O    O N N 164 
ILE CB   C N S 165 
ILE CG1  C N N 166 
ILE CG2  C N N 167 
ILE CD1  C N N 168 
ILE OXT  O N N 169 
ILE H    H N N 170 
ILE H2   H N N 171 
ILE HA   H N N 172 
ILE HB   H N N 173 
ILE HG12 H N N 174 
ILE HG13 H N N 175 
ILE HG21 H N N 176 
ILE HG22 H N N 177 
ILE HG23 H N N 178 
ILE HD11 H N N 179 
ILE HD12 H N N 180 
ILE HD13 H N N 181 
ILE HXT  H N N 182 
LEU N    N N N 183 
LEU CA   C N S 184 
LEU C    C N N 185 
LEU O    O N N 186 
LEU CB   C N N 187 
LEU CG   C N N 188 
LEU CD1  C N N 189 
LEU CD2  C N N 190 
LEU OXT  O N N 191 
LEU H    H N N 192 
LEU H2   H N N 193 
LEU HA   H N N 194 
LEU HB2  H N N 195 
LEU HB3  H N N 196 
LEU HG   H N N 197 
LEU HD11 H N N 198 
LEU HD12 H N N 199 
LEU HD13 H N N 200 
LEU HD21 H N N 201 
LEU HD22 H N N 202 
LEU HD23 H N N 203 
LEU HXT  H N N 204 
LYS N    N N N 205 
LYS CA   C N S 206 
LYS C    C N N 207 
LYS O    O N N 208 
LYS CB   C N N 209 
LYS CG   C N N 210 
LYS CD   C N N 211 
LYS CE   C N N 212 
LYS NZ   N N N 213 
LYS OXT  O N N 214 
LYS H    H N N 215 
LYS H2   H N N 216 
LYS HA   H N N 217 
LYS HB2  H N N 218 
LYS HB3  H N N 219 
LYS HG2  H N N 220 
LYS HG3  H N N 221 
LYS HD2  H N N 222 
LYS HD3  H N N 223 
LYS HE2  H N N 224 
LYS HE3  H N N 225 
LYS HZ1  H N N 226 
LYS HZ2  H N N 227 
LYS HZ3  H N N 228 
LYS HXT  H N N 229 
MET N    N N N 230 
MET CA   C N S 231 
MET C    C N N 232 
MET O    O N N 233 
MET CB   C N N 234 
MET CG   C N N 235 
MET SD   S N N 236 
MET CE   C N N 237 
MET OXT  O N N 238 
MET H    H N N 239 
MET H2   H N N 240 
MET HA   H N N 241 
MET HB2  H N N 242 
MET HB3  H N N 243 
MET HG2  H N N 244 
MET HG3  H N N 245 
MET HE1  H N N 246 
MET HE2  H N N 247 
MET HE3  H N N 248 
MET HXT  H N N 249 
PHE N    N N N 250 
PHE CA   C N S 251 
PHE C    C N N 252 
PHE O    O N N 253 
PHE CB   C N N 254 
PHE CG   C Y N 255 
PHE CD1  C Y N 256 
PHE CD2  C Y N 257 
PHE CE1  C Y N 258 
PHE CE2  C Y N 259 
PHE CZ   C Y N 260 
PHE OXT  O N N 261 
PHE H    H N N 262 
PHE H2   H N N 263 
PHE HA   H N N 264 
PHE HB2  H N N 265 
PHE HB3  H N N 266 
PHE HD1  H N N 267 
PHE HD2  H N N 268 
PHE HE1  H N N 269 
PHE HE2  H N N 270 
PHE HZ   H N N 271 
PHE HXT  H N N 272 
PRO N    N N N 273 
PRO CA   C N S 274 
PRO C    C N N 275 
PRO O    O N N 276 
PRO CB   C N N 277 
PRO CG   C N N 278 
PRO CD   C N N 279 
PRO OXT  O N N 280 
PRO H    H N N 281 
PRO HA   H N N 282 
PRO HB2  H N N 283 
PRO HB3  H N N 284 
PRO HG2  H N N 285 
PRO HG3  H N N 286 
PRO HD2  H N N 287 
PRO HD3  H N N 288 
PRO HXT  H N N 289 
SER N    N N N 290 
SER CA   C N S 291 
SER C    C N N 292 
SER O    O N N 293 
SER CB   C N N 294 
SER OG   O N N 295 
SER OXT  O N N 296 
SER H    H N N 297 
SER H2   H N N 298 
SER HA   H N N 299 
SER HB2  H N N 300 
SER HB3  H N N 301 
SER HG   H N N 302 
SER HXT  H N N 303 
THR N    N N N 304 
THR CA   C N S 305 
THR C    C N N 306 
THR O    O N N 307 
THR CB   C N R 308 
THR OG1  O N N 309 
THR CG2  C N N 310 
THR OXT  O N N 311 
THR H    H N N 312 
THR H2   H N N 313 
THR HA   H N N 314 
THR HB   H N N 315 
THR HG1  H N N 316 
THR HG21 H N N 317 
THR HG22 H N N 318 
THR HG23 H N N 319 
THR HXT  H N N 320 
TRP N    N N N 321 
TRP CA   C N S 322 
TRP C    C N N 323 
TRP O    O N N 324 
TRP CB   C N N 325 
TRP CG   C Y N 326 
TRP CD1  C Y N 327 
TRP CD2  C Y N 328 
TRP NE1  N Y N 329 
TRP CE2  C Y N 330 
TRP CE3  C Y N 331 
TRP CZ2  C Y N 332 
TRP CZ3  C Y N 333 
TRP CH2  C Y N 334 
TRP OXT  O N N 335 
TRP H    H N N 336 
TRP H2   H N N 337 
TRP HA   H N N 338 
TRP HB2  H N N 339 
TRP HB3  H N N 340 
TRP HD1  H N N 341 
TRP HE1  H N N 342 
TRP HE3  H N N 343 
TRP HZ2  H N N 344 
TRP HZ3  H N N 345 
TRP HH2  H N N 346 
TRP HXT  H N N 347 
TYR N    N N N 348 
TYR CA   C N S 349 
TYR C    C N N 350 
TYR O    O N N 351 
TYR CB   C N N 352 
TYR CG   C Y N 353 
TYR CD1  C Y N 354 
TYR CD2  C Y N 355 
TYR CE1  C Y N 356 
TYR CE2  C Y N 357 
TYR CZ   C Y N 358 
TYR OH   O N N 359 
TYR OXT  O N N 360 
TYR H    H N N 361 
TYR H2   H N N 362 
TYR HA   H N N 363 
TYR HB2  H N N 364 
TYR HB3  H N N 365 
TYR HD1  H N N 366 
TYR HD2  H N N 367 
TYR HE1  H N N 368 
TYR HE2  H N N 369 
TYR HH   H N N 370 
TYR HXT  H N N 371 
VAL N    N N N 372 
VAL CA   C N S 373 
VAL C    C N N 374 
VAL O    O N N 375 
VAL CB   C N N 376 
VAL CG1  C N N 377 
VAL CG2  C N N 378 
VAL OXT  O N N 379 
VAL H    H N N 380 
VAL H2   H N N 381 
VAL HA   H N N 382 
VAL HB   H N N 383 
VAL HG11 H N N 384 
VAL HG12 H N N 385 
VAL HG13 H N N 386 
VAL HG21 H N N 387 
VAL HG22 H N N 388 
VAL HG23 H N N 389 
VAL HXT  H N N 390 
# 
loop_
_chem_comp_bond.comp_id 
_chem_comp_bond.atom_id_1 
_chem_comp_bond.atom_id_2 
_chem_comp_bond.value_order 
_chem_comp_bond.pdbx_aromatic_flag 
_chem_comp_bond.pdbx_stereo_config 
_chem_comp_bond.pdbx_ordinal 
ALA N   CA   sing N N 1   
ALA N   H    sing N N 2   
ALA N   H2   sing N N 3   
ALA CA  C    sing N N 4   
ALA CA  CB   sing N N 5   
ALA CA  HA   sing N N 6   
ALA C   O    doub N N 7   
ALA C   OXT  sing N N 8   
ALA CB  HB1  sing N N 9   
ALA CB  HB2  sing N N 10  
ALA CB  HB3  sing N N 11  
ALA OXT HXT  sing N N 12  
ARG N   CA   sing N N 13  
ARG N   H    sing N N 14  
ARG N   H2   sing N N 15  
ARG CA  C    sing N N 16  
ARG CA  CB   sing N N 17  
ARG CA  HA   sing N N 18  
ARG C   O    doub N N 19  
ARG C   OXT  sing N N 20  
ARG CB  CG   sing N N 21  
ARG CB  HB2  sing N N 22  
ARG CB  HB3  sing N N 23  
ARG CG  CD   sing N N 24  
ARG CG  HG2  sing N N 25  
ARG CG  HG3  sing N N 26  
ARG CD  NE   sing N N 27  
ARG CD  HD2  sing N N 28  
ARG CD  HD3  sing N N 29  
ARG NE  CZ   sing N N 30  
ARG NE  HE   sing N N 31  
ARG CZ  NH1  sing N N 32  
ARG CZ  NH2  doub N N 33  
ARG NH1 HH11 sing N N 34  
ARG NH1 HH12 sing N N 35  
ARG NH2 HH21 sing N N 36  
ARG NH2 HH22 sing N N 37  
ARG OXT HXT  sing N N 38  
ASN N   CA   sing N N 39  
ASN N   H    sing N N 40  
ASN N   H2   sing N N 41  
ASN CA  C    sing N N 42  
ASN CA  CB   sing N N 43  
ASN CA  HA   sing N N 44  
ASN C   O    doub N N 45  
ASN C   OXT  sing N N 46  
ASN CB  CG   sing N N 47  
ASN CB  HB2  sing N N 48  
ASN CB  HB3  sing N N 49  
ASN CG  OD1  doub N N 50  
ASN CG  ND2  sing N N 51  
ASN ND2 HD21 sing N N 52  
ASN ND2 HD22 sing N N 53  
ASN OXT HXT  sing N N 54  
ASP N   CA   sing N N 55  
ASP N   H    sing N N 56  
ASP N   H2   sing N N 57  
ASP CA  C    sing N N 58  
ASP CA  CB   sing N N 59  
ASP CA  HA   sing N N 60  
ASP C   O    doub N N 61  
ASP C   OXT  sing N N 62  
ASP CB  CG   sing N N 63  
ASP CB  HB2  sing N N 64  
ASP CB  HB3  sing N N 65  
ASP CG  OD1  doub N N 66  
ASP CG  OD2  sing N N 67  
ASP OD2 HD2  sing N N 68  
ASP OXT HXT  sing N N 69  
CYS N   CA   sing N N 70  
CYS N   H    sing N N 71  
CYS N   H2   sing N N 72  
CYS CA  C    sing N N 73  
CYS CA  CB   sing N N 74  
CYS CA  HA   sing N N 75  
CYS C   O    doub N N 76  
CYS C   OXT  sing N N 77  
CYS CB  SG   sing N N 78  
CYS CB  HB2  sing N N 79  
CYS CB  HB3  sing N N 80  
CYS SG  HG   sing N N 81  
CYS OXT HXT  sing N N 82  
GLN N   CA   sing N N 83  
GLN N   H    sing N N 84  
GLN N   H2   sing N N 85  
GLN CA  C    sing N N 86  
GLN CA  CB   sing N N 87  
GLN CA  HA   sing N N 88  
GLN C   O    doub N N 89  
GLN C   OXT  sing N N 90  
GLN CB  CG   sing N N 91  
GLN CB  HB2  sing N N 92  
GLN CB  HB3  sing N N 93  
GLN CG  CD   sing N N 94  
GLN CG  HG2  sing N N 95  
GLN CG  HG3  sing N N 96  
GLN CD  OE1  doub N N 97  
GLN CD  NE2  sing N N 98  
GLN NE2 HE21 sing N N 99  
GLN NE2 HE22 sing N N 100 
GLN OXT HXT  sing N N 101 
GLU N   CA   sing N N 102 
GLU N   H    sing N N 103 
GLU N   H2   sing N N 104 
GLU CA  C    sing N N 105 
GLU CA  CB   sing N N 106 
GLU CA  HA   sing N N 107 
GLU C   O    doub N N 108 
GLU C   OXT  sing N N 109 
GLU CB  CG   sing N N 110 
GLU CB  HB2  sing N N 111 
GLU CB  HB3  sing N N 112 
GLU CG  CD   sing N N 113 
GLU CG  HG2  sing N N 114 
GLU CG  HG3  sing N N 115 
GLU CD  OE1  doub N N 116 
GLU CD  OE2  sing N N 117 
GLU OE2 HE2  sing N N 118 
GLU OXT HXT  sing N N 119 
GLY N   CA   sing N N 120 
GLY N   H    sing N N 121 
GLY N   H2   sing N N 122 
GLY CA  C    sing N N 123 
GLY CA  HA2  sing N N 124 
GLY CA  HA3  sing N N 125 
GLY C   O    doub N N 126 
GLY C   OXT  sing N N 127 
GLY OXT HXT  sing N N 128 
HIS N   CA   sing N N 129 
HIS N   H    sing N N 130 
HIS N   H2   sing N N 131 
HIS CA  C    sing N N 132 
HIS CA  CB   sing N N 133 
HIS CA  HA   sing N N 134 
HIS C   O    doub N N 135 
HIS C   OXT  sing N N 136 
HIS CB  CG   sing N N 137 
HIS CB  HB2  sing N N 138 
HIS CB  HB3  sing N N 139 
HIS CG  ND1  sing Y N 140 
HIS CG  CD2  doub Y N 141 
HIS ND1 CE1  doub Y N 142 
HIS ND1 HD1  sing N N 143 
HIS CD2 NE2  sing Y N 144 
HIS CD2 HD2  sing N N 145 
HIS CE1 NE2  sing Y N 146 
HIS CE1 HE1  sing N N 147 
HIS NE2 HE2  sing N N 148 
HIS OXT HXT  sing N N 149 
HOH O   H1   sing N N 150 
HOH O   H2   sing N N 151 
ILE N   CA   sing N N 152 
ILE N   H    sing N N 153 
ILE N   H2   sing N N 154 
ILE CA  C    sing N N 155 
ILE CA  CB   sing N N 156 
ILE CA  HA   sing N N 157 
ILE C   O    doub N N 158 
ILE C   OXT  sing N N 159 
ILE CB  CG1  sing N N 160 
ILE CB  CG2  sing N N 161 
ILE CB  HB   sing N N 162 
ILE CG1 CD1  sing N N 163 
ILE CG1 HG12 sing N N 164 
ILE CG1 HG13 sing N N 165 
ILE CG2 HG21 sing N N 166 
ILE CG2 HG22 sing N N 167 
ILE CG2 HG23 sing N N 168 
ILE CD1 HD11 sing N N 169 
ILE CD1 HD12 sing N N 170 
ILE CD1 HD13 sing N N 171 
ILE OXT HXT  sing N N 172 
LEU N   CA   sing N N 173 
LEU N   H    sing N N 174 
LEU N   H2   sing N N 175 
LEU CA  C    sing N N 176 
LEU CA  CB   sing N N 177 
LEU CA  HA   sing N N 178 
LEU C   O    doub N N 179 
LEU C   OXT  sing N N 180 
LEU CB  CG   sing N N 181 
LEU CB  HB2  sing N N 182 
LEU CB  HB3  sing N N 183 
LEU CG  CD1  sing N N 184 
LEU CG  CD2  sing N N 185 
LEU CG  HG   sing N N 186 
LEU CD1 HD11 sing N N 187 
LEU CD1 HD12 sing N N 188 
LEU CD1 HD13 sing N N 189 
LEU CD2 HD21 sing N N 190 
LEU CD2 HD22 sing N N 191 
LEU CD2 HD23 sing N N 192 
LEU OXT HXT  sing N N 193 
LYS N   CA   sing N N 194 
LYS N   H    sing N N 195 
LYS N   H2   sing N N 196 
LYS CA  C    sing N N 197 
LYS CA  CB   sing N N 198 
LYS CA  HA   sing N N 199 
LYS C   O    doub N N 200 
LYS C   OXT  sing N N 201 
LYS CB  CG   sing N N 202 
LYS CB  HB2  sing N N 203 
LYS CB  HB3  sing N N 204 
LYS CG  CD   sing N N 205 
LYS CG  HG2  sing N N 206 
LYS CG  HG3  sing N N 207 
LYS CD  CE   sing N N 208 
LYS CD  HD2  sing N N 209 
LYS CD  HD3  sing N N 210 
LYS CE  NZ   sing N N 211 
LYS CE  HE2  sing N N 212 
LYS CE  HE3  sing N N 213 
LYS NZ  HZ1  sing N N 214 
LYS NZ  HZ2  sing N N 215 
LYS NZ  HZ3  sing N N 216 
LYS OXT HXT  sing N N 217 
MET N   CA   sing N N 218 
MET N   H    sing N N 219 
MET N   H2   sing N N 220 
MET CA  C    sing N N 221 
MET CA  CB   sing N N 222 
MET CA  HA   sing N N 223 
MET C   O    doub N N 224 
MET C   OXT  sing N N 225 
MET CB  CG   sing N N 226 
MET CB  HB2  sing N N 227 
MET CB  HB3  sing N N 228 
MET CG  SD   sing N N 229 
MET CG  HG2  sing N N 230 
MET CG  HG3  sing N N 231 
MET SD  CE   sing N N 232 
MET CE  HE1  sing N N 233 
MET CE  HE2  sing N N 234 
MET CE  HE3  sing N N 235 
MET OXT HXT  sing N N 236 
PHE N   CA   sing N N 237 
PHE N   H    sing N N 238 
PHE N   H2   sing N N 239 
PHE CA  C    sing N N 240 
PHE CA  CB   sing N N 241 
PHE CA  HA   sing N N 242 
PHE C   O    doub N N 243 
PHE C   OXT  sing N N 244 
PHE CB  CG   sing N N 245 
PHE CB  HB2  sing N N 246 
PHE CB  HB3  sing N N 247 
PHE CG  CD1  doub Y N 248 
PHE CG  CD2  sing Y N 249 
PHE CD1 CE1  sing Y N 250 
PHE CD1 HD1  sing N N 251 
PHE CD2 CE2  doub Y N 252 
PHE CD2 HD2  sing N N 253 
PHE CE1 CZ   doub Y N 254 
PHE CE1 HE1  sing N N 255 
PHE CE2 CZ   sing Y N 256 
PHE CE2 HE2  sing N N 257 
PHE CZ  HZ   sing N N 258 
PHE OXT HXT  sing N N 259 
PRO N   CA   sing N N 260 
PRO N   CD   sing N N 261 
PRO N   H    sing N N 262 
PRO CA  C    sing N N 263 
PRO CA  CB   sing N N 264 
PRO CA  HA   sing N N 265 
PRO C   O    doub N N 266 
PRO C   OXT  sing N N 267 
PRO CB  CG   sing N N 268 
PRO CB  HB2  sing N N 269 
PRO CB  HB3  sing N N 270 
PRO CG  CD   sing N N 271 
PRO CG  HG2  sing N N 272 
PRO CG  HG3  sing N N 273 
PRO CD  HD2  sing N N 274 
PRO CD  HD3  sing N N 275 
PRO OXT HXT  sing N N 276 
SER N   CA   sing N N 277 
SER N   H    sing N N 278 
SER N   H2   sing N N 279 
SER CA  C    sing N N 280 
SER CA  CB   sing N N 281 
SER CA  HA   sing N N 282 
SER C   O    doub N N 283 
SER C   OXT  sing N N 284 
SER CB  OG   sing N N 285 
SER CB  HB2  sing N N 286 
SER CB  HB3  sing N N 287 
SER OG  HG   sing N N 288 
SER OXT HXT  sing N N 289 
THR N   CA   sing N N 290 
THR N   H    sing N N 291 
THR N   H2   sing N N 292 
THR CA  C    sing N N 293 
THR CA  CB   sing N N 294 
THR CA  HA   sing N N 295 
THR C   O    doub N N 296 
THR C   OXT  sing N N 297 
THR CB  OG1  sing N N 298 
THR CB  CG2  sing N N 299 
THR CB  HB   sing N N 300 
THR OG1 HG1  sing N N 301 
THR CG2 HG21 sing N N 302 
THR CG2 HG22 sing N N 303 
THR CG2 HG23 sing N N 304 
THR OXT HXT  sing N N 305 
TRP N   CA   sing N N 306 
TRP N   H    sing N N 307 
TRP N   H2   sing N N 308 
TRP CA  C    sing N N 309 
TRP CA  CB   sing N N 310 
TRP CA  HA   sing N N 311 
TRP C   O    doub N N 312 
TRP C   OXT  sing N N 313 
TRP CB  CG   sing N N 314 
TRP CB  HB2  sing N N 315 
TRP CB  HB3  sing N N 316 
TRP CG  CD1  doub Y N 317 
TRP CG  CD2  sing Y N 318 
TRP CD1 NE1  sing Y N 319 
TRP CD1 HD1  sing N N 320 
TRP CD2 CE2  doub Y N 321 
TRP CD2 CE3  sing Y N 322 
TRP NE1 CE2  sing Y N 323 
TRP NE1 HE1  sing N N 324 
TRP CE2 CZ2  sing Y N 325 
TRP CE3 CZ3  doub Y N 326 
TRP CE3 HE3  sing N N 327 
TRP CZ2 CH2  doub Y N 328 
TRP CZ2 HZ2  sing N N 329 
TRP CZ3 CH2  sing Y N 330 
TRP CZ3 HZ3  sing N N 331 
TRP CH2 HH2  sing N N 332 
TRP OXT HXT  sing N N 333 
TYR N   CA   sing N N 334 
TYR N   H    sing N N 335 
TYR N   H2   sing N N 336 
TYR CA  C    sing N N 337 
TYR CA  CB   sing N N 338 
TYR CA  HA   sing N N 339 
TYR C   O    doub N N 340 
TYR C   OXT  sing N N 341 
TYR CB  CG   sing N N 342 
TYR CB  HB2  sing N N 343 
TYR CB  HB3  sing N N 344 
TYR CG  CD1  doub Y N 345 
TYR CG  CD2  sing Y N 346 
TYR CD1 CE1  sing Y N 347 
TYR CD1 HD1  sing N N 348 
TYR CD2 CE2  doub Y N 349 
TYR CD2 HD2  sing N N 350 
TYR CE1 CZ   doub Y N 351 
TYR CE1 HE1  sing N N 352 
TYR CE2 CZ   sing Y N 353 
TYR CE2 HE2  sing N N 354 
TYR CZ  OH   sing N N 355 
TYR OH  HH   sing N N 356 
TYR OXT HXT  sing N N 357 
VAL N   CA   sing N N 358 
VAL N   H    sing N N 359 
VAL N   H2   sing N N 360 
VAL CA  C    sing N N 361 
VAL CA  CB   sing N N 362 
VAL CA  HA   sing N N 363 
VAL C   O    doub N N 364 
VAL C   OXT  sing N N 365 
VAL CB  CG1  sing N N 366 
VAL CB  CG2  sing N N 367 
VAL CB  HB   sing N N 368 
VAL CG1 HG11 sing N N 369 
VAL CG1 HG12 sing N N 370 
VAL CG1 HG13 sing N N 371 
VAL CG2 HG21 sing N N 372 
VAL CG2 HG22 sing N N 373 
VAL CG2 HG23 sing N N 374 
VAL OXT HXT  sing N N 375 
# 
_pdbx_initial_refinement_model.accession_code   ? 
_pdbx_initial_refinement_model.id               1 
_pdbx_initial_refinement_model.entity_id_list   ? 
_pdbx_initial_refinement_model.type             'experimental model' 
_pdbx_initial_refinement_model.source_name      Other 
_pdbx_initial_refinement_model.details          'SOYBEAN TRYPSIN INHIBITOR' 
# 
_atom_sites.entry_id                    1WBA 
_atom_sites.fract_transf_matrix[1][1]   -0.01030647 
_atom_sites.fract_transf_matrix[1][2]   -0.00176407 
_atom_sites.fract_transf_matrix[1][3]   0.00027616 
_atom_sites.fract_transf_matrix[2][1]   0.00112226 
_atom_sites.fract_transf_matrix[2][2]   -0.00765818 
_atom_sites.fract_transf_matrix[2][3]   -0.00703594 
_atom_sites.fract_transf_matrix[3][1]   0.00154387 
_atom_sites.fract_transf_matrix[3][2]   -0.00767386 
_atom_sites.fract_transf_matrix[3][3]   0.00859876 
_atom_sites.fract_transf_vector[1]      1.255664 
_atom_sites.fract_transf_vector[2]      0.528811 
_atom_sites.fract_transf_vector[3]      0.119122 
# 
loop_
_atom_type.symbol 
C 
N 
O 
S 
# 
loop_
_atom_site.group_PDB 
_atom_site.id 
_atom_site.type_symbol 
_atom_site.label_atom_id 
_atom_site.label_alt_id 
_atom_site.label_comp_id 
_atom_site.label_asym_id 
_atom_site.label_entity_id 
_atom_site.label_seq_id 
_atom_site.pdbx_PDB_ins_code 
_atom_site.Cartn_x 
_atom_site.Cartn_y 
_atom_site.Cartn_z 
_atom_site.occupancy 
_atom_site.B_iso_or_equiv 
_atom_site.pdbx_formal_charge 
_atom_site.auth_seq_id 
_atom_site.auth_comp_id 
_atom_site.auth_asym_id 
_atom_site.auth_atom_id 
_atom_site.pdbx_PDB_model_num 
ATOM   1    N N   . ASP A 1 2   ? -9.582  -14.862 11.426  1.00 21.77 ? 2   ASP A N   1 
ATOM   2    C CA  . ASP A 1 2   ? -8.373  -14.947 10.565  1.00 20.95 ? 2   ASP A CA  1 
ATOM   3    C C   . ASP A 1 2   ? -7.136  -14.643 11.403  1.00 17.96 ? 2   ASP A C   1 
ATOM   4    O O   . ASP A 1 2   ? -7.251  -14.130 12.512  1.00 18.57 ? 2   ASP A O   1 
ATOM   5    C CB  . ASP A 1 2   ? -8.465  -13.954 9.395   1.00 21.52 ? 2   ASP A CB  1 
ATOM   6    C CG  . ASP A 1 2   ? -8.188  -14.612 8.051   1.00 24.02 ? 2   ASP A CG  1 
ATOM   7    O OD1 . ASP A 1 2   ? -7.100  -15.221 7.879   1.00 26.64 ? 2   ASP A OD1 1 
ATOM   8    O OD2 . ASP A 1 2   ? -9.066  -14.529 7.171   1.00 25.39 ? 2   ASP A OD2 1 
ATOM   9    N N   . ASP A 1 3   ? -5.967  -14.973 10.865  1.00 14.73 ? 3   ASP A N   1 
ATOM   10   C CA  . ASP A 1 3   ? -4.703  -14.753 11.551  1.00 14.09 ? 3   ASP A CA  1 
ATOM   11   C C   . ASP A 1 3   ? -4.329  -13.287 11.656  1.00 11.64 ? 3   ASP A C   1 
ATOM   12   O O   . ASP A 1 3   ? -4.629  -12.512 10.761  1.00 9.78  ? 3   ASP A O   1 
ATOM   13   C CB  . ASP A 1 3   ? -3.569  -15.450 10.801  1.00 18.70 ? 3   ASP A CB  1 
ATOM   14   C CG  . ASP A 1 3   ? -3.670  -16.955 10.851  1.00 24.81 ? 3   ASP A CG  1 
ATOM   15   O OD1 . ASP A 1 3   ? -4.197  -17.500 11.846  1.00 27.83 ? 3   ASP A OD1 1 
ATOM   16   O OD2 . ASP A 1 3   ? -3.207  -17.593 9.886   1.00 28.23 ? 3   ASP A OD2 1 
ATOM   17   N N   . PRO A 1 4   ? -3.717  -12.884 12.783  1.00 9.86  ? 4   PRO A N   1 
ATOM   18   C CA  . PRO A 1 4   ? -3.323  -11.485 12.911  1.00 9.22  ? 4   PRO A CA  1 
ATOM   19   C C   . PRO A 1 4   ? -2.063  -11.314 12.052  1.00 6.99  ? 4   PRO A C   1 
ATOM   20   O O   . PRO A 1 4   ? -1.362  -12.285 11.784  1.00 8.41  ? 4   PRO A O   1 
ATOM   21   C CB  . PRO A 1 4   ? -3.024  -11.345 14.414  1.00 8.29  ? 4   PRO A CB  1 
ATOM   22   C CG  . PRO A 1 4   ? -2.543  -12.700 14.792  1.00 10.15 ? 4   PRO A CG  1 
ATOM   23   C CD  . PRO A 1 4   ? -3.469  -13.627 14.040  1.00 10.64 ? 4   PRO A CD  1 
ATOM   24   N N   . VAL A 1 5   ? -1.847  -10.111 11.534  1.00 7.06  ? 5   VAL A N   1 
ATOM   25   C CA  . VAL A 1 5   ? -0.666  -9.820  10.736  1.00 6.74  ? 5   VAL A CA  1 
ATOM   26   C C   . VAL A 1 5   ? 0.441   -9.482  11.744  1.00 7.04  ? 5   VAL A C   1 
ATOM   27   O O   . VAL A 1 5   ? 0.177   -8.819  12.752  1.00 8.30  ? 5   VAL A O   1 
ATOM   28   C CB  . VAL A 1 5   ? -0.923  -8.610  9.826   1.00 5.55  ? 5   VAL A CB  1 
ATOM   29   C CG1 . VAL A 1 5   ? 0.345   -8.253  9.048   1.00 4.43  ? 5   VAL A CG1 1 
ATOM   30   C CG2 . VAL A 1 5   ? -2.105  -8.914  8.887   1.00 6.71  ? 5   VAL A CG2 1 
ATOM   31   N N   . TYR A 1 6   ? 1.657   -9.960  11.500  1.00 5.35  ? 6   TYR A N   1 
ATOM   32   C CA  . TYR A 1 6   ? 2.775   -9.709  12.408  1.00 6.71  ? 6   TYR A CA  1 
ATOM   33   C C   . TYR A 1 6   ? 3.790   -8.749  11.833  1.00 8.77  ? 6   TYR A C   1 
ATOM   34   O O   . TYR A 1 6   ? 4.009   -8.750  10.623  1.00 9.46  ? 6   TYR A O   1 
ATOM   35   C CB  . TYR A 1 6   ? 3.509   -11.019 12.730  1.00 6.14  ? 6   TYR A CB  1 
ATOM   36   C CG  . TYR A 1 6   ? 2.776   -11.881 13.716  1.00 7.45  ? 6   TYR A CG  1 
ATOM   37   C CD1 . TYR A 1 6   ? 2.926   -11.686 15.090  1.00 6.08  ? 6   TYR A CD1 1 
ATOM   38   C CD2 . TYR A 1 6   ? 1.873   -12.844 13.282  1.00 7.21  ? 6   TYR A CD2 1 
ATOM   39   C CE1 . TYR A 1 6   ? 2.181   -12.425 16.007  1.00 7.26  ? 6   TYR A CE1 1 
ATOM   40   C CE2 . TYR A 1 6   ? 1.130   -13.587 14.187  1.00 11.20 ? 6   TYR A CE2 1 
ATOM   41   C CZ  . TYR A 1 6   ? 1.290   -13.368 15.550  1.00 10.07 ? 6   TYR A CZ  1 
ATOM   42   O OH  . TYR A 1 6   ? 0.545   -14.110 16.432  1.00 10.20 ? 6   TYR A OH  1 
ATOM   43   N N   . ASP A 1 7   ? 4.396   -7.929  12.688  1.00 7.49  ? 7   ASP A N   1 
ATOM   44   C CA  . ASP A 1 7   ? 5.447   -7.029  12.230  1.00 7.76  ? 7   ASP A CA  1 
ATOM   45   C C   . ASP A 1 7   ? 6.763   -7.833  12.122  1.00 8.50  ? 7   ASP A C   1 
ATOM   46   O O   . ASP A 1 7   ? 6.832   -9.005  12.511  1.00 7.39  ? 7   ASP A O   1 
ATOM   47   C CB  . ASP A 1 7   ? 5.575   -5.761  13.115  1.00 6.05  ? 7   ASP A CB  1 
ATOM   48   C CG  . ASP A 1 7   ? 5.987   -6.058  14.574  1.00 10.49 ? 7   ASP A CG  1 
ATOM   49   O OD1 . ASP A 1 7   ? 6.669   -7.062  14.866  1.00 10.39 ? 7   ASP A OD1 1 
ATOM   50   O OD2 . ASP A 1 7   ? 5.637   -5.242  15.430  1.00 10.06 ? 7   ASP A OD2 1 
ATOM   51   N N   . ALA A 1 8   ? 7.807   -7.195  11.614  1.00 9.20  ? 8   ALA A N   1 
ATOM   52   C CA  . ALA A 1 8   ? 9.080   -7.861  11.428  1.00 9.03  ? 8   ALA A CA  1 
ATOM   53   C C   . ALA A 1 8   ? 9.695   -8.392  12.727  1.00 10.79 ? 8   ALA A C   1 
ATOM   54   O O   . ALA A 1 8   ? 10.592  -9.216  12.683  1.00 11.61 ? 8   ALA A O   1 
ATOM   55   C CB  . ALA A 1 8   ? 10.052  -6.928  10.711  1.00 8.44  ? 8   ALA A CB  1 
ATOM   56   N N   . GLU A 1 9   ? 9.237   -7.892  13.866  1.00 8.97  ? 9   GLU A N   1 
ATOM   57   C CA  . GLU A 1 9   ? 9.746   -8.328  15.154  1.00 10.89 ? 9   GLU A CA  1 
ATOM   58   C C   . GLU A 1 9   ? 8.916   -9.441  15.768  1.00 10.58 ? 9   GLU A C   1 
ATOM   59   O O   . GLU A 1 9   ? 9.243   -9.941  16.840  1.00 13.46 ? 9   GLU A O   1 
ATOM   60   C CB  . GLU A 1 9   ? 9.827   -7.153  16.118  1.00 14.12 ? 9   GLU A CB  1 
ATOM   61   C CG  . GLU A 1 9   ? 10.790  -6.073  15.673  1.00 24.23 ? 9   GLU A CG  1 
ATOM   62   C CD  . GLU A 1 9   ? 10.740  -4.857  16.576  1.00 30.52 ? 9   GLU A CD  1 
ATOM   63   O OE1 . GLU A 1 9   ? 9.896   -3.963  16.337  1.00 32.03 ? 9   GLU A OE1 1 
ATOM   64   O OE2 . GLU A 1 9   ? 11.540  -4.801  17.533  1.00 37.26 ? 9   GLU A OE2 1 
ATOM   65   N N   . GLY A 1 10  ? 7.850   -9.842  15.086  1.00 10.84 ? 10  GLY A N   1 
ATOM   66   C CA  . GLY A 1 10  ? 7.023   -10.919 15.607  1.00 9.48  ? 10  GLY A CA  1 
ATOM   67   C C   . GLY A 1 10  ? 5.913   -10.518 16.553  1.00 7.96  ? 10  GLY A C   1 
ATOM   68   O O   . GLY A 1 10  ? 5.392   -11.335 17.287  1.00 9.78  ? 10  GLY A O   1 
ATOM   69   N N   . ASN A 1 11  ? 5.570   -9.243  16.577  1.00 8.01  ? 11  ASN A N   1 
ATOM   70   C CA  . ASN A 1 11  ? 4.468   -8.792  17.400  1.00 7.63  ? 11  ASN A CA  1 
ATOM   71   C C   . ASN A 1 11  ? 3.276   -8.517  16.473  1.00 7.85  ? 11  ASN A C   1 
ATOM   72   O O   . ASN A 1 11  ? 3.465   -8.229  15.296  1.00 6.61  ? 11  ASN A O   1 
ATOM   73   C CB  . ASN A 1 11  ? 4.850   -7.523  18.142  1.00 10.26 ? 11  ASN A CB  1 
ATOM   74   C CG  . ASN A 1 11  ? 5.984   -7.744  19.104  1.00 13.83 ? 11  ASN A CG  1 
ATOM   75   O OD1 . ASN A 1 11  ? 7.004   -7.076  19.028  1.00 18.87 ? 11  ASN A OD1 1 
ATOM   76   N ND2 . ASN A 1 11  ? 5.823   -8.697  20.003  1.00 14.08 ? 11  ASN A ND2 1 
ATOM   77   N N   . LYS A 1 12  ? 2.054   -8.655  16.982  1.00 6.26  ? 12  LYS A N   1 
ATOM   78   C CA  . LYS A 1 12  ? 0.873   -8.380  16.165  1.00 6.45  ? 12  LYS A CA  1 
ATOM   79   C C   . LYS A 1 12  ? 0.809   -6.900  15.806  1.00 7.51  ? 12  LYS A C   1 
ATOM   80   O O   . LYS A 1 12  ? 1.182   -6.036  16.609  1.00 5.65  ? 12  LYS A O   1 
ATOM   81   C CB  . LYS A 1 12  ? -0.406  -8.750  16.899  1.00 5.62  ? 12  LYS A CB  1 
ATOM   82   C CG  . LYS A 1 12  ? -0.516  -10.205 17.260  1.00 6.10  ? 12  LYS A CG  1 
ATOM   83   C CD  . LYS A 1 12  ? -1.808  -10.373 18.003  1.00 7.94  ? 12  LYS A CD  1 
ATOM   84   C CE  . LYS A 1 12  ? -1.980  -11.746 18.575  1.00 13.06 ? 12  LYS A CE  1 
ATOM   85   N NZ  . LYS A 1 12  ? -3.249  -11.780 19.359  1.00 14.23 ? 12  LYS A NZ  1 
ATOM   86   N N   . LEU A 1 13  ? 0.351   -6.616  14.591  1.00 7.90  ? 13  LEU A N   1 
ATOM   87   C CA  . LEU A 1 13  ? 0.222   -5.243  14.142  1.00 7.03  ? 13  LEU A CA  1 
ATOM   88   C C   . LEU A 1 13  ? -0.873  -4.607  14.981  1.00 8.62  ? 13  LEU A C   1 
ATOM   89   O O   . LEU A 1 13  ? -1.853  -5.259  15.321  1.00 8.34  ? 13  LEU A O   1 
ATOM   90   C CB  . LEU A 1 13  ? -0.178  -5.198  12.669  1.00 8.77  ? 13  LEU A CB  1 
ATOM   91   C CG  . LEU A 1 13  ? 0.818   -4.603  11.678  1.00 10.85 ? 13  LEU A CG  1 
ATOM   92   C CD1 . LEU A 1 13  ? 2.121   -5.357  11.743  1.00 10.50 ? 13  LEU A CD1 1 
ATOM   93   C CD2 . LEU A 1 13  ? 0.240   -4.629  10.276  1.00 10.77 ? 13  LEU A CD2 1 
ATOM   94   N N   . VAL A 1 14  ? -0.697  -3.344  15.323  1.00 7.31  ? 14  VAL A N   1 
ATOM   95   C CA  . VAL A 1 14  ? -1.675  -2.647  16.124  1.00 9.45  ? 14  VAL A CA  1 
ATOM   96   C C   . VAL A 1 14  ? -2.522  -1.782  15.210  1.00 8.23  ? 14  VAL A C   1 
ATOM   97   O O   . VAL A 1 14  ? -1.992  -1.048  14.386  1.00 7.34  ? 14  VAL A O   1 
ATOM   98   C CB  . VAL A 1 14  ? -0.989  -1.766  17.202  1.00 10.65 ? 14  VAL A CB  1 
ATOM   99   C CG1 . VAL A 1 14  ? -2.016  -0.868  17.880  1.00 14.17 ? 14  VAL A CG1 1 
ATOM   100  C CG2 . VAL A 1 14  ? -0.291  -2.646  18.227  1.00 12.27 ? 14  VAL A CG2 1 
ATOM   101  N N   . ASN A 1 15  ? -3.837  -1.883  15.369  1.00 7.88  ? 15  ASN A N   1 
ATOM   102  C CA  . ASN A 1 15  ? -4.772  -1.110  14.572  1.00 8.21  ? 15  ASN A CA  1 
ATOM   103  C C   . ASN A 1 15  ? -4.483  0.391   14.773  1.00 9.41  ? 15  ASN A C   1 
ATOM   104  O O   . ASN A 1 15  ? -4.387  0.859   15.913  1.00 8.59  ? 15  ASN A O   1 
ATOM   105  C CB  . ASN A 1 15  ? -6.209  -1.466  14.970  1.00 6.19  ? 15  ASN A CB  1 
ATOM   106  C CG  . ASN A 1 15  ? -7.255  -0.856  14.042  1.00 10.44 ? 15  ASN A CG  1 
ATOM   107  O OD1 . ASN A 1 15  ? -6.940  -0.283  12.981  1.00 8.66  ? 15  ASN A OD1 1 
ATOM   108  N ND2 . ASN A 1 15  ? -8.513  -0.995  14.426  1.00 8.29  ? 15  ASN A ND2 1 
ATOM   109  N N   . ARG A 1 16  ? -4.288  1.102   13.657  1.00 8.06  ? 16  ARG A N   1 
ATOM   110  C CA  . ARG A 1 16  ? -3.996  2.540   13.617  1.00 8.41  ? 16  ARG A CA  1 
ATOM   111  C C   . ARG A 1 16  ? -2.546  2.866   13.946  1.00 9.12  ? 16  ARG A C   1 
ATOM   112  O O   . ARG A 1 16  ? -2.183  4.032   14.105  1.00 10.59 ? 16  ARG A O   1 
ATOM   113  C CB  . ARG A 1 16  ? -4.930  3.331   14.546  1.00 11.53 ? 16  ARG A CB  1 
ATOM   114  C CG  . ARG A 1 16  ? -6.354  3.453   14.030  1.00 16.94 ? 16  ARG A CG  1 
ATOM   115  C CD  . ARG A 1 16  ? -7.264  4.094   15.061  1.00 26.53 ? 16  ARG A CD  1 
ATOM   116  N NE  . ARG A 1 16  ? -7.995  3.063   15.787  1.00 38.05 ? 16  ARG A NE  1 
ATOM   117  C CZ  . ARG A 1 16  ? -7.900  2.840   17.093  1.00 41.01 ? 16  ARG A CZ  1 
ATOM   118  N NH1 . ARG A 1 16  ? -7.106  3.589   17.848  1.00 43.83 ? 16  ARG A NH1 1 
ATOM   119  N NH2 . ARG A 1 16  ? -8.565  1.825   17.634  1.00 44.80 ? 16  ARG A NH2 1 
ATOM   120  N N   . GLY A 1 17  ? -1.718  1.836   14.034  1.00 8.70  ? 17  GLY A N   1 
ATOM   121  C CA  . GLY A 1 17  ? -0.320  2.035   14.352  1.00 8.39  ? 17  GLY A CA  1 
ATOM   122  C C   . GLY A 1 17  ? 0.467   2.422   13.122  1.00 8.52  ? 17  GLY A C   1 
ATOM   123  O O   . GLY A 1 17  ? -0.024  2.268   11.998  1.00 8.73  ? 17  GLY A O   1 
ATOM   124  N N   . LYS A 1 18  ? 1.676   2.938   13.334  1.00 10.07 ? 18  LYS A N   1 
ATOM   125  C CA  . LYS A 1 18  ? 2.554   3.362   12.244  1.00 10.45 ? 18  LYS A CA  1 
ATOM   126  C C   . LYS A 1 18  ? 3.610   2.309   11.952  1.00 10.62 ? 18  LYS A C   1 
ATOM   127  O O   . LYS A 1 18  ? 4.360   1.867   12.836  1.00 9.88  ? 18  LYS A O   1 
ATOM   128  C CB  . LYS A 1 18  ? 3.244   4.697   12.560  1.00 12.98 ? 18  LYS A CB  1 
ATOM   129  C CG  . LYS A 1 18  ? 2.368   5.937   12.415  1.00 19.15 ? 18  LYS A CG  1 
ATOM   130  N N   . TYR A 1 19  ? 3.688   1.940   10.682  1.00 9.69  ? 19  TYR A N   1 
ATOM   131  C CA  . TYR A 1 19  ? 4.625   0.938   10.242  1.00 9.56  ? 19  TYR A CA  1 
ATOM   132  C C   . TYR A 1 19  ? 5.262   1.356   8.937   1.00 9.58  ? 19  TYR A C   1 
ATOM   133  O O   . TYR A 1 19  ? 4.686   2.102   8.151   1.00 9.03  ? 19  TYR A O   1 
ATOM   134  C CB  . TYR A 1 19  ? 3.897   -0.398  10.039  1.00 9.64  ? 19  TYR A CB  1 
ATOM   135  C CG  . TYR A 1 19  ? 3.310   -0.953  11.307  1.00 9.13  ? 19  TYR A CG  1 
ATOM   136  C CD1 . TYR A 1 19  ? 4.078   -1.745  12.158  1.00 8.66  ? 19  TYR A CD1 1 
ATOM   137  C CD2 . TYR A 1 19  ? 2.011   -0.638  11.691  1.00 6.52  ? 19  TYR A CD2 1 
ATOM   138  C CE1 . TYR A 1 19  ? 3.569   -2.202  13.355  1.00 9.22  ? 19  TYR A CE1 1 
ATOM   139  C CE2 . TYR A 1 19  ? 1.489   -1.086  12.890  1.00 7.77  ? 19  TYR A CE2 1 
ATOM   140  C CZ  . TYR A 1 19  ? 2.272   -1.865  13.718  1.00 10.32 ? 19  TYR A CZ  1 
ATOM   141  O OH  . TYR A 1 19  ? 1.759   -2.309  14.909  1.00 9.97  ? 19  TYR A OH  1 
ATOM   142  N N   . THR A 1 20  ? 6.480   0.889   8.745   1.00 9.86  ? 20  THR A N   1 
ATOM   143  C CA  . THR A 1 20  ? 7.217   1.139   7.536   1.00 9.93  ? 20  THR A CA  1 
ATOM   144  C C   . THR A 1 20  ? 7.171   -0.149  6.709   1.00 8.69  ? 20  THR A C   1 
ATOM   145  O O   . THR A 1 20  ? 7.713   -1.189  7.107   1.00 10.21 ? 20  THR A O   1 
ATOM   146  C CB  . THR A 1 20  ? 8.672   1.537   7.852   1.00 11.33 ? 20  THR A CB  1 
ATOM   147  O OG1 . THR A 1 20  ? 8.665   2.754   8.611   1.00 12.37 ? 20  THR A OG1 1 
ATOM   148  C CG2 . THR A 1 20  ? 9.455   1.756   6.567   1.00 12.35 ? 20  THR A CG2 1 
ATOM   149  N N   . ILE A 1 21  ? 6.440   -0.089  5.602   1.00 7.98  ? 21  ILE A N   1 
ATOM   150  C CA  . ILE A 1 21  ? 6.328   -1.212  4.687   1.00 8.45  ? 21  ILE A CA  1 
ATOM   151  C C   . ILE A 1 21  ? 7.641   -1.268  3.909   1.00 11.25 ? 21  ILE A C   1 
ATOM   152  O O   . ILE A 1 21  ? 8.070   -0.261  3.326   1.00 12.45 ? 21  ILE A O   1 
ATOM   153  C CB  . ILE A 1 21  ? 5.155   -0.991  3.703   1.00 7.59  ? 21  ILE A CB  1 
ATOM   154  C CG1 . ILE A 1 21  ? 3.838   -0.875  4.488   1.00 8.04  ? 21  ILE A CG1 1 
ATOM   155  C CG2 . ILE A 1 21  ? 5.107   -2.116  2.677   1.00 9.30  ? 21  ILE A CG2 1 
ATOM   156  C CD1 . ILE A 1 21  ? 2.623   -0.453  3.652   1.00 11.22 ? 21  ILE A CD1 1 
ATOM   157  N N   . VAL A 1 22  ? 8.280   -2.432  3.910   1.00 11.56 ? 22  VAL A N   1 
ATOM   158  C CA  . VAL A 1 22  ? 9.550   -2.620  3.209   1.00 11.93 ? 22  VAL A CA  1 
ATOM   159  C C   . VAL A 1 22  ? 9.501   -3.892  2.357   1.00 12.38 ? 22  VAL A C   1 
ATOM   160  O O   . VAL A 1 22  ? 8.998   -4.929  2.797   1.00 10.94 ? 22  VAL A O   1 
ATOM   161  C CB  . VAL A 1 22  ? 10.726  -2.692  4.227   1.00 12.53 ? 22  VAL A CB  1 
ATOM   162  C CG1 . VAL A 1 22  ? 11.971  -3.268  3.585   1.00 15.07 ? 22  VAL A CG1 1 
ATOM   163  C CG2 . VAL A 1 22  ? 11.037  -1.295  4.763   1.00 11.59 ? 22  VAL A CG2 1 
ATOM   164  N N   . SER A 1 23  ? 9.986   -3.793  1.126   1.00 10.31 ? 23  SER A N   1 
ATOM   165  C CA  . SER A 1 23  ? 10.024  -4.923  0.223   1.00 10.49 ? 23  SER A CA  1 
ATOM   166  C C   . SER A 1 23  ? 10.985  -5.979  0.813   1.00 13.05 ? 23  SER A C   1 
ATOM   167  O O   . SER A 1 23  ? 12.132  -5.683  1.183   1.00 13.18 ? 23  SER A O   1 
ATOM   168  C CB  . SER A 1 23  ? 10.477  -4.437  -1.155  1.00 10.47 ? 23  SER A CB  1 
ATOM   169  O OG  . SER A 1 23  ? 10.860  -5.495  -1.992  1.00 16.53 ? 23  SER A OG  1 
ATOM   170  N N   . PHE A 1 24  ? 10.487  -7.202  0.931   1.00 13.87 ? 24  PHE A N   1 
ATOM   171  C CA  . PHE A 1 24  ? 11.234  -8.315  1.483   1.00 16.79 ? 24  PHE A CA  1 
ATOM   172  C C   . PHE A 1 24  ? 12.532  -8.657  0.741   1.00 18.41 ? 24  PHE A C   1 
ATOM   173  O O   . PHE A 1 24  ? 13.603  -8.705  1.338   1.00 21.27 ? 24  PHE A O   1 
ATOM   174  C CB  . PHE A 1 24  ? 10.315  -9.541  1.530   1.00 20.75 ? 24  PHE A CB  1 
ATOM   175  C CG  . PHE A 1 24  ? 11.007  -10.803 1.940   1.00 25.29 ? 24  PHE A CG  1 
ATOM   176  C CD1 . PHE A 1 24  ? 11.794  -10.839 3.093   1.00 27.22 ? 24  PHE A CD1 1 
ATOM   177  C CD2 . PHE A 1 24  ? 10.876  -11.957 1.179   1.00 28.41 ? 24  PHE A CD2 1 
ATOM   178  C CE1 . PHE A 1 24  ? 12.452  -12.006 3.483   1.00 27.82 ? 24  PHE A CE1 1 
ATOM   179  C CE2 . PHE A 1 24  ? 11.530  -13.139 1.561   1.00 31.42 ? 24  PHE A CE2 1 
ATOM   180  C CZ  . PHE A 1 24  ? 12.319  -13.159 2.719   1.00 29.23 ? 24  PHE A CZ  1 
ATOM   181  N N   . SER A 1 25  ? 12.444  -8.880  -0.561  1.00 18.82 ? 25  SER A N   1 
ATOM   182  C CA  . SER A 1 25  ? 13.618  -9.260  -1.321  1.00 21.01 ? 25  SER A CA  1 
ATOM   183  C C   . SER A 1 25  ? 14.751  -8.249  -1.419  1.00 22.77 ? 25  SER A C   1 
ATOM   184  O O   . SER A 1 25  ? 15.909  -8.652  -1.485  1.00 26.63 ? 25  SER A O   1 
ATOM   185  C CB  . SER A 1 25  ? 13.215  -9.703  -2.716  1.00 22.21 ? 25  SER A CB  1 
ATOM   186  O OG  . SER A 1 25  ? 12.550  -8.648  -3.374  1.00 28.12 ? 25  SER A OG  1 
ATOM   187  N N   . ASP A 1 26  ? 14.454  -6.950  -1.417  1.00 18.88 ? 26  ASP A N   1 
ATOM   188  C CA  . ASP A 1 26  ? 15.529  -5.974  -1.544  1.00 17.90 ? 26  ASP A CA  1 
ATOM   189  C C   . ASP A 1 26  ? 15.614  -4.845  -0.537  1.00 16.42 ? 26  ASP A C   1 
ATOM   190  O O   . ASP A 1 26  ? 16.495  -4.001  -0.642  1.00 17.84 ? 26  ASP A O   1 
ATOM   191  C CB  . ASP A 1 26  ? 15.547  -5.383  -2.954  1.00 19.82 ? 26  ASP A CB  1 
ATOM   192  C CG  . ASP A 1 26  ? 14.264  -4.639  -3.314  1.00 19.96 ? 26  ASP A CG  1 
ATOM   193  O OD1 . ASP A 1 26  ? 13.468  -4.262  -2.431  1.00 20.60 ? 26  ASP A OD1 1 
ATOM   194  O OD2 . ASP A 1 26  ? 14.057  -4.443  -4.516  1.00 23.19 ? 26  ASP A OD2 1 
ATOM   195  N N   . GLY A 1 27  ? 14.667  -4.773  0.385   1.00 14.17 ? 27  GLY A N   1 
ATOM   196  C CA  . GLY A 1 27  ? 14.710  -3.723  1.383   1.00 12.78 ? 27  GLY A CA  1 
ATOM   197  C C   . GLY A 1 27  ? 14.226  -2.337  0.975   1.00 12.17 ? 27  GLY A C   1 
ATOM   198  O O   . GLY A 1 27  ? 14.335  -1.395  1.766   1.00 14.18 ? 27  GLY A O   1 
ATOM   199  N N   . ALA A 1 28  ? 13.662  -2.191  -0.219  1.00 8.30  ? 28  ALA A N   1 
ATOM   200  C CA  . ALA A 1 28  ? 13.184  -0.873  -0.632  1.00 9.03  ? 28  ALA A CA  1 
ATOM   201  C C   . ALA A 1 28  ? 11.840  -0.541  0.017   1.00 8.04  ? 28  ALA A C   1 
ATOM   202  O O   . ALA A 1 28  ? 10.989  -1.414  0.187   1.00 8.22  ? 28  ALA A O   1 
ATOM   203  C CB  . ALA A 1 28  ? 13.071  -0.789  -2.149  1.00 8.37  ? 28  ALA A CB  1 
ATOM   204  N N   . GLY A 1 29  ? 11.654  0.735   0.332   1.00 7.97  ? 29  GLY A N   1 
ATOM   205  C CA  . GLY A 1 29  ? 10.420  1.189   0.931   1.00 8.93  ? 29  GLY A CA  1 
ATOM   206  C C   . GLY A 1 29  ? 9.488   1.894   -0.048  1.00 9.05  ? 29  GLY A C   1 
ATOM   207  O O   . GLY A 1 29  ? 9.714   1.922   -1.270  1.00 7.82  ? 29  GLY A O   1 
ATOM   208  N N   . ILE A 1 30  ? 8.436   2.477   0.514   1.00 8.45  ? 30  ILE A N   1 
ATOM   209  C CA  . ILE A 1 30  ? 7.408   3.201   -0.233  1.00 7.15  ? 30  ILE A CA  1 
ATOM   210  C C   . ILE A 1 30  ? 7.822   4.669   -0.386  1.00 6.24  ? 30  ILE A C   1 
ATOM   211  O O   . ILE A 1 30  ? 8.238   5.312   0.582   1.00 5.27  ? 30  ILE A O   1 
ATOM   212  C CB  . ILE A 1 30  ? 6.032   3.138   0.503   1.00 9.52  ? 30  ILE A CB  1 
ATOM   213  C CG1 . ILE A 1 30  ? 5.663   1.688   0.835   1.00 7.84  ? 30  ILE A CG1 1 
ATOM   214  C CG2 . ILE A 1 30  ? 4.941   3.827   -0.341  1.00 8.93  ? 30  ILE A CG2 1 
ATOM   215  C CD1 . ILE A 1 30  ? 5.654   0.761   -0.366  1.00 9.82  ? 30  ILE A CD1 1 
ATOM   216  N N   . ASP A 1 31  ? 7.602   5.212   -1.580  1.00 6.11  ? 31  ASP A N   1 
ATOM   217  C CA  . ASP A 1 31  ? 7.984   6.583   -1.913  1.00 5.67  ? 31  ASP A CA  1 
ATOM   218  C C   . ASP A 1 31  ? 6.839   7.228   -2.711  1.00 6.48  ? 31  ASP A C   1 
ATOM   219  O O   . ASP A 1 31  ? 5.897   6.539   -3.133  1.00 6.37  ? 31  ASP A O   1 
ATOM   220  C CB  . ASP A 1 31  ? 9.248   6.487   -2.772  1.00 4.27  ? 31  ASP A CB  1 
ATOM   221  C CG  . ASP A 1 31  ? 10.026  7.776   -2.880  1.00 5.09  ? 31  ASP A CG  1 
ATOM   222  O OD1 . ASP A 1 31  ? 9.597   8.862   -2.433  1.00 6.94  ? 31  ASP A OD1 1 
ATOM   223  O OD2 . ASP A 1 31  ? 11.126  7.671   -3.437  1.00 10.26 ? 31  ASP A OD2 1 
ATOM   224  N N   . VAL A 1 32  ? 6.885   8.552   -2.853  1.00 6.80  ? 32  VAL A N   1 
ATOM   225  C CA  . VAL A 1 32  ? 5.881   9.281   -3.613  1.00 5.94  ? 32  VAL A CA  1 
ATOM   226  C C   . VAL A 1 32  ? 6.685   10.188  -4.548  1.00 6.68  ? 32  VAL A C   1 
ATOM   227  O O   . VAL A 1 32  ? 7.498   10.996  -4.098  1.00 7.28  ? 32  VAL A O   1 
ATOM   228  C CB  . VAL A 1 32  ? 4.949   10.122  -2.709  1.00 5.23  ? 32  VAL A CB  1 
ATOM   229  C CG1 . VAL A 1 32  ? 3.885   10.780  -3.554  1.00 5.89  ? 32  VAL A CG1 1 
ATOM   230  C CG2 . VAL A 1 32  ? 4.274   9.248   -1.669  1.00 6.14  ? 32  VAL A CG2 1 
ATOM   231  N N   . VAL A 1 33  ? 6.506   9.990   -5.851  1.00 7.08  ? 33  VAL A N   1 
ATOM   232  C CA  . VAL A 1 33  ? 7.216   10.752  -6.880  1.00 5.16  ? 33  VAL A CA  1 
ATOM   233  C C   . VAL A 1 33  ? 6.259   11.075  -8.018  1.00 6.20  ? 33  VAL A C   1 
ATOM   234  O O   . VAL A 1 33  ? 5.128   10.599  -8.053  1.00 5.52  ? 33  VAL A O   1 
ATOM   235  C CB  . VAL A 1 33  ? 8.419   9.950   -7.500  1.00 5.12  ? 33  VAL A CB  1 
ATOM   236  C CG1 . VAL A 1 33  ? 9.443   9.595   -6.445  1.00 8.10  ? 33  VAL A CG1 1 
ATOM   237  C CG2 . VAL A 1 33  ? 7.942   8.673   -8.201  1.00 5.18  ? 33  VAL A CG2 1 
ATOM   238  N N   . ALA A 1 34  ? 6.699   11.928  -8.931  1.00 6.28  ? 34  ALA A N   1 
ATOM   239  C CA  . ALA A 1 34  ? 5.887   12.264  -10.084 1.00 6.22  ? 34  ALA A CA  1 
ATOM   240  C C   . ALA A 1 34  ? 6.254   11.234  -11.143 1.00 6.09  ? 34  ALA A C   1 
ATOM   241  O O   . ALA A 1 34  ? 7.425   10.863  -11.270 1.00 6.71  ? 34  ALA A O   1 
ATOM   242  C CB  . ALA A 1 34  ? 6.231   13.636  -10.575 1.00 4.94  ? 34  ALA A CB  1 
ATOM   243  N N   . THR A 1 35  ? 5.254   10.680  -11.813 1.00 6.00  ? 35  THR A N   1 
ATOM   244  C CA  . THR A 1 35  ? 5.499   9.742   -12.898 1.00 6.39  ? 35  THR A CA  1 
ATOM   245  C C   . THR A 1 35  ? 4.777   10.332  -14.112 1.00 7.69  ? 35  THR A C   1 
ATOM   246  O O   . THR A 1 35  ? 3.925   11.206  -13.962 1.00 5.75  ? 35  THR A O   1 
ATOM   247  C CB  . THR A 1 35  ? 4.929   8.309   -12.621 1.00 2.97  ? 35  THR A CB  1 
ATOM   248  O OG1 . THR A 1 35  ? 3.509   8.362   -12.424 1.00 6.18  ? 35  THR A OG1 1 
ATOM   249  C CG2 . THR A 1 35  ? 5.605   7.676   -11.440 1.00 2.50  ? 35  THR A CG2 1 
ATOM   250  N N   . GLY A 1 36  ? 5.127   9.878   -15.308 1.00 6.58  ? 36  GLY A N   1 
ATOM   251  C CA  . GLY A 1 36  ? 4.453   10.369  -16.492 1.00 6.60  ? 36  GLY A CA  1 
ATOM   252  C C   . GLY A 1 36  ? 4.517   11.871  -16.661 1.00 6.86  ? 36  GLY A C   1 
ATOM   253  O O   . GLY A 1 36  ? 5.600   12.444  -16.663 1.00 10.01 ? 36  GLY A O   1 
ATOM   254  N N   . ASN A 1 37  ? 3.346   12.499  -16.732 1.00 8.08  ? 37  ASN A N   1 
ATOM   255  C CA  . ASN A 1 37  ? 3.211   13.946  -16.936 1.00 8.55  ? 37  ASN A CA  1 
ATOM   256  C C   . ASN A 1 37  ? 3.021   14.749  -15.646 1.00 8.17  ? 37  ASN A C   1 
ATOM   257  O O   . ASN A 1 37  ? 2.770   15.958  -15.684 1.00 7.39  ? 37  ASN A O   1 
ATOM   258  C CB  . ASN A 1 37  ? 2.039   14.205  -17.888 1.00 5.92  ? 37  ASN A CB  1 
ATOM   259  C CG  . ASN A 1 37  ? 2.149   13.396  -19.164 1.00 6.39  ? 37  ASN A CG  1 
ATOM   260  O OD1 . ASN A 1 37  ? 3.074   13.594  -19.949 1.00 9.76  ? 37  ASN A OD1 1 
ATOM   261  N ND2 . ASN A 1 37  ? 1.238   12.438  -19.355 1.00 7.26  ? 37  ASN A ND2 1 
ATOM   262  N N   . GLU A 1 38  ? 3.147   14.076  -14.506 1.00 6.87  ? 38  GLU A N   1 
ATOM   263  C CA  . GLU A 1 38  ? 2.991   14.736  -13.210 1.00 6.30  ? 38  GLU A CA  1 
ATOM   264  C C   . GLU A 1 38  ? 4.127   15.727  -12.938 1.00 6.72  ? 38  GLU A C   1 
ATOM   265  O O   . GLU A 1 38  ? 5.232   15.584  -13.452 1.00 7.31  ? 38  GLU A O   1 
ATOM   266  C CB  . GLU A 1 38  ? 2.906   13.692  -12.083 1.00 6.27  ? 38  GLU A CB  1 
ATOM   267  C CG  . GLU A 1 38  ? 1.607   12.899  -12.097 1.00 5.23  ? 38  GLU A CG  1 
ATOM   268  C CD  . GLU A 1 38  ? 1.573   11.745  -11.116 1.00 5.79  ? 38  GLU A CD  1 
ATOM   269  O OE1 . GLU A 1 38  ? 2.592   11.449  -10.461 1.00 6.22  ? 38  GLU A OE1 1 
ATOM   270  O OE2 . GLU A 1 38  ? 0.506   11.114  -11.003 1.00 6.99  ? 38  GLU A OE2 1 
ATOM   271  N N   . ASN A 1 39  ? 3.843   16.712  -12.100 1.00 5.85  ? 39  ASN A N   1 
ATOM   272  C CA  . ASN A 1 39  ? 4.814   17.738  -11.733 1.00 8.22  ? 39  ASN A CA  1 
ATOM   273  C C   . ASN A 1 39  ? 5.667   17.203  -10.589 1.00 9.06  ? 39  ASN A C   1 
ATOM   274  O O   . ASN A 1 39  ? 5.131   16.749  -9.577  1.00 7.73  ? 39  ASN A O   1 
ATOM   275  C CB  . ASN A 1 39  ? 4.052   18.993  -11.290 1.00 12.16 ? 39  ASN A CB  1 
ATOM   276  C CG  . ASN A 1 39  ? 4.960   20.116  -10.802 1.00 15.73 ? 39  ASN A CG  1 
ATOM   277  O OD1 . ASN A 1 39  ? 6.173   19.970  -10.668 1.00 18.10 ? 39  ASN A OD1 1 
ATOM   278  N ND2 . ASN A 1 39  ? 4.347   21.253  -10.504 1.00 25.14 ? 39  ASN A ND2 1 
ATOM   279  N N   . PRO A 1 40  ? 7.003   17.227  -10.742 1.00 10.18 ? 40  PRO A N   1 
ATOM   280  C CA  . PRO A 1 40  ? 7.904   16.732  -9.690  1.00 9.92  ? 40  PRO A CA  1 
ATOM   281  C C   . PRO A 1 40  ? 7.792   17.479  -8.369  1.00 11.58 ? 40  PRO A C   1 
ATOM   282  O O   . PRO A 1 40  ? 8.189   16.958  -7.330  1.00 13.38 ? 40  PRO A O   1 
ATOM   283  C CB  . PRO A 1 40  ? 9.295   16.852  -10.322 1.00 12.84 ? 40  PRO A CB  1 
ATOM   284  C CG  . PRO A 1 40  ? 9.105   17.828  -11.468 1.00 16.28 ? 40  PRO A CG  1 
ATOM   285  C CD  . PRO A 1 40  ? 7.746   17.485  -11.986 1.00 11.53 ? 40  PRO A CD  1 
ATOM   286  N N   . GLU A 1 41  ? 7.276   18.702  -8.397  1.00 12.00 ? 41  GLU A N   1 
ATOM   287  C CA  . GLU A 1 41  ? 7.089   19.452  -7.159  1.00 13.57 ? 41  GLU A CA  1 
ATOM   288  C C   . GLU A 1 41  ? 5.775   19.054  -6.478  1.00 12.87 ? 41  GLU A C   1 
ATOM   289  O O   . GLU A 1 41  ? 5.562   19.358  -5.308  1.00 11.59 ? 41  GLU A O   1 
ATOM   290  C CB  . GLU A 1 41  ? 7.078   20.952  -7.432  1.00 17.10 ? 41  GLU A CB  1 
ATOM   291  C CG  . GLU A 1 41  ? 8.364   21.441  -8.046  1.00 23.00 ? 41  GLU A CG  1 
ATOM   292  C CD  . GLU A 1 41  ? 8.407   22.953  -8.214  1.00 27.54 ? 41  GLU A CD  1 
ATOM   293  O OE1 . GLU A 1 41  ? 7.449   23.647  -7.784  1.00 26.00 ? 41  GLU A OE1 1 
ATOM   294  O OE2 . GLU A 1 41  ? 9.418   23.440  -8.769  1.00 30.15 ? 41  GLU A OE2 1 
ATOM   295  N N   . ASP A 1 42  ? 4.907   18.359  -7.214  1.00 9.55  ? 42  ASP A N   1 
ATOM   296  C CA  . ASP A 1 42  ? 3.616   17.915  -6.692  1.00 11.21 ? 42  ASP A CA  1 
ATOM   297  C C   . ASP A 1 42  ? 3.426   16.436  -7.085  1.00 10.50 ? 42  ASP A C   1 
ATOM   298  O O   . ASP A 1 42  ? 2.517   16.094  -7.850  1.00 10.85 ? 42  ASP A O   1 
ATOM   299  C CB  . ASP A 1 42  ? 2.510   18.787  -7.302  1.00 11.99 ? 42  ASP A CB  1 
ATOM   300  C CG  . ASP A 1 42  ? 1.156   18.598  -6.636  1.00 13.62 ? 42  ASP A CG  1 
ATOM   301  O OD1 . ASP A 1 42  ? 1.083   18.164  -5.463  1.00 15.45 ? 42  ASP A OD1 1 
ATOM   302  O OD2 . ASP A 1 42  ? 0.150   18.904  -7.301  1.00 18.57 ? 42  ASP A OD2 1 
ATOM   303  N N   . PRO A 1 43  ? 4.278   15.542  -6.550  1.00 7.95  ? 43  PRO A N   1 
ATOM   304  C CA  . PRO A 1 43  ? 4.223   14.101  -6.842  1.00 7.89  ? 43  PRO A CA  1 
ATOM   305  C C   . PRO A 1 43  ? 2.920   13.453  -6.367  1.00 6.03  ? 43  PRO A C   1 
ATOM   306  O O   . PRO A 1 43  ? 2.448   13.716  -5.248  1.00 6.58  ? 43  PRO A O   1 
ATOM   307  C CB  . PRO A 1 43  ? 5.430   13.563  -6.085  1.00 6.71  ? 43  PRO A CB  1 
ATOM   308  C CG  . PRO A 1 43  ? 5.477   14.445  -4.852  1.00 7.33  ? 43  PRO A CG  1 
ATOM   309  C CD  . PRO A 1 43  ? 5.216   15.824  -5.441  1.00 8.44  ? 43  PRO A CD  1 
ATOM   310  N N   . LEU A 1 44  ? 2.369   12.581  -7.205  1.00 5.04  ? 44  LEU A N   1 
ATOM   311  C CA  . LEU A 1 44  ? 1.101   11.928  -6.882  1.00 5.50  ? 44  LEU A CA  1 
ATOM   312  C C   . LEU A 1 44  ? 1.146   10.420  -6.985  1.00 5.95  ? 44  LEU A C   1 
ATOM   313  O O   . LEU A 1 44  ? 0.164   9.759   -6.646  1.00 5.36  ? 44  LEU A O   1 
ATOM   314  C CB  . LEU A 1 44  ? -0.003  12.424  -7.820  1.00 3.28  ? 44  LEU A CB  1 
ATOM   315  C CG  . LEU A 1 44  ? -0.214  13.925  -7.923  1.00 8.38  ? 44  LEU A CG  1 
ATOM   316  C CD1 . LEU A 1 44  ? -1.156  14.193  -9.062  1.00 10.89 ? 44  LEU A CD1 1 
ATOM   317  C CD2 . LEU A 1 44  ? -0.762  14.479  -6.617  1.00 10.83 ? 44  LEU A CD2 1 
ATOM   318  N N   . SER A 1 45  ? 2.276   9.876   -7.423  1.00 6.19  ? 45  SER A N   1 
ATOM   319  C CA  . SER A 1 45  ? 2.414   8.434   -7.604  1.00 5.26  ? 45  SER A CA  1 
ATOM   320  C C   . SER A 1 45  ? 3.076   7.687   -6.441  1.00 5.94  ? 45  SER A C   1 
ATOM   321  O O   . SER A 1 45  ? 4.166   8.055   -6.000  1.00 6.72  ? 45  SER A O   1 
ATOM   322  C CB  . SER A 1 45  ? 3.190   8.163   -8.895  1.00 3.92  ? 45  SER A CB  1 
ATOM   323  O OG  . SER A 1 45  ? 2.530   8.783   -9.972  1.00 4.77  ? 45  SER A OG  1 
ATOM   324  N N   . ILE A 1 46  ? 2.413   6.638   -5.957  1.00 4.71  ? 46  ILE A N   1 
ATOM   325  C CA  . ILE A 1 46  ? 2.962   5.818   -4.883  1.00 6.52  ? 46  ILE A CA  1 
ATOM   326  C C   . ILE A 1 46  ? 3.776   4.728   -5.571  1.00 6.07  ? 46  ILE A C   1 
ATOM   327  O O   . ILE A 1 46  ? 3.245   3.960   -6.381  1.00 9.40  ? 46  ILE A O   1 
ATOM   328  C CB  . ILE A 1 46  ? 1.843   5.208   -4.007  1.00 6.61  ? 46  ILE A CB  1 
ATOM   329  C CG1 . ILE A 1 46  ? 1.024   6.341   -3.379  1.00 6.55  ? 46  ILE A CG1 1 
ATOM   330  C CG2 . ILE A 1 46  ? 2.451   4.328   -2.919  1.00 10.59 ? 46  ILE A CG2 1 
ATOM   331  C CD1 . ILE A 1 46  ? -0.188  5.895   -2.595  1.00 5.11  ? 46  ILE A CD1 1 
ATOM   332  N N   . VAL A 1 47  ? 5.067   4.658   -5.251  1.00 5.90  ? 47  VAL A N   1 
ATOM   333  C CA  . VAL A 1 47  ? 5.961   3.704   -5.888  1.00 5.00  ? 47  VAL A CA  1 
ATOM   334  C C   . VAL A 1 47  ? 6.887   3.027   -4.893  1.00 6.09  ? 47  VAL A C   1 
ATOM   335  O O   . VAL A 1 47  ? 6.940   3.404   -3.721  1.00 6.97  ? 47  VAL A O   1 
ATOM   336  C CB  . VAL A 1 47  ? 6.889   4.442   -6.920  1.00 3.24  ? 47  VAL A CB  1 
ATOM   337  C CG1 . VAL A 1 47  ? 6.068   5.240   -7.906  1.00 5.43  ? 47  VAL A CG1 1 
ATOM   338  C CG2 . VAL A 1 47  ? 7.876   5.388   -6.202  1.00 2.98  ? 47  VAL A CG2 1 
ATOM   339  N N   . LYS A 1 48  ? 7.586   1.994   -5.364  1.00 6.56  ? 48  LYS A N   1 
ATOM   340  C CA  . LYS A 1 48  ? 8.598   1.313   -4.556  1.00 6.08  ? 48  LYS A CA  1 
ATOM   341  C C   . LYS A 1 48  ? 9.801   2.208   -4.849  1.00 7.00  ? 48  LYS A C   1 
ATOM   342  O O   . LYS A 1 48  ? 10.149  2.421   -6.012  1.00 5.51  ? 48  LYS A O   1 
ATOM   343  C CB  . LYS A 1 48  ? 8.843   -0.088  -5.096  1.00 6.61  ? 48  LYS A CB  1 
ATOM   344  C CG  . LYS A 1 48  ? 9.982   -0.834  -4.441  1.00 11.18 ? 48  LYS A CG  1 
ATOM   345  C CD  . LYS A 1 48  ? 9.810   -2.320  -4.747  1.00 16.72 ? 48  LYS A CD  1 
ATOM   346  C CE  . LYS A 1 48  ? 11.003  -3.130  -4.326  1.00 21.45 ? 48  LYS A CE  1 
ATOM   347  N NZ  . LYS A 1 48  ? 12.122  -2.768  -5.198  1.00 25.26 ? 48  LYS A NZ  1 
ATOM   348  N N   . SER A 1 49  ? 10.414  2.747   -3.807  1.00 7.91  ? 49  SER A N   1 
ATOM   349  C CA  . SER A 1 49  ? 11.522  3.673   -3.979  1.00 11.11 ? 49  SER A CA  1 
ATOM   350  C C   . SER A 1 49  ? 12.764  3.175   -4.687  1.00 12.69 ? 49  SER A C   1 
ATOM   351  O O   . SER A 1 49  ? 13.256  2.069   -4.438  1.00 10.86 ? 49  SER A O   1 
ATOM   352  C CB  . SER A 1 49  ? 11.941  4.268   -2.637  1.00 9.91  ? 49  SER A CB  1 
ATOM   353  O OG  . SER A 1 49  ? 12.773  5.413   -2.822  1.00 11.79 ? 49  SER A OG  1 
ATOM   354  N N   . THR A 1 50  ? 13.278  4.047   -5.549  1.00 14.19 ? 50  THR A N   1 
ATOM   355  C CA  . THR A 1 50  ? 14.514  3.790   -6.260  1.00 15.32 ? 50  THR A CA  1 
ATOM   356  C C   . THR A 1 50  ? 15.527  4.822   -5.753  1.00 15.77 ? 50  THR A C   1 
ATOM   357  O O   . THR A 1 50  ? 16.594  4.986   -6.331  1.00 18.45 ? 50  THR A O   1 
ATOM   358  C CB  . THR A 1 50  ? 14.327  3.902   -7.807  1.00 17.21 ? 50  THR A CB  1 
ATOM   359  O OG1 . THR A 1 50  ? 13.709  5.149   -8.132  1.00 18.83 ? 50  THR A OG1 1 
ATOM   360  C CG2 . THR A 1 50  ? 13.446  2.775   -8.318  1.00 17.72 ? 50  THR A CG2 1 
ATOM   361  N N   . ARG A 1 51  ? 15.214  5.508   -4.655  1.00 13.08 ? 51  ARG A N   1 
ATOM   362  C CA  . ARG A 1 51  ? 16.138  6.515   -4.124  1.00 13.99 ? 51  ARG A CA  1 
ATOM   363  C C   . ARG A 1 51  ? 16.319  6.449   -2.611  1.00 14.93 ? 51  ARG A C   1 
ATOM   364  O O   . ARG A 1 51  ? 16.598  7.455   -1.960  1.00 14.22 ? 51  ARG A O   1 
ATOM   365  C CB  . ARG A 1 51  ? 15.683  7.917   -4.524  1.00 13.54 ? 51  ARG A CB  1 
ATOM   366  C CG  . ARG A 1 51  ? 14.321  8.303   -3.979  1.00 13.00 ? 51  ARG A CG  1 
ATOM   367  C CD  . ARG A 1 51  ? 13.871  9.676   -4.478  1.00 12.97 ? 51  ARG A CD  1 
ATOM   368  N NE  . ARG A 1 51  ? 12.550  10.006  -3.957  1.00 12.01 ? 51  ARG A NE  1 
ATOM   369  C CZ  . ARG A 1 51  ? 12.096  11.229  -3.718  1.00 13.86 ? 51  ARG A CZ  1 
ATOM   370  N NH1 . ARG A 1 51  ? 12.855  12.300  -3.959  1.00 12.83 ? 51  ARG A NH1 1 
ATOM   371  N NH2 . ARG A 1 51  ? 10.885  11.370  -3.192  1.00 9.45  ? 51  ARG A NH2 1 
ATOM   372  N N   . ASN A 1 52  ? 16.150  5.253   -2.060  1.00 16.82 ? 52  ASN A N   1 
ATOM   373  C CA  . ASN A 1 52  ? 16.301  5.017   -0.624  1.00 17.30 ? 52  ASN A CA  1 
ATOM   374  C C   . ASN A 1 52  ? 15.341  5.748   0.308   1.00 16.25 ? 52  ASN A C   1 
ATOM   375  O O   . ASN A 1 52  ? 15.680  6.014   1.464   1.00 15.67 ? 52  ASN A O   1 
ATOM   376  C CB  . ASN A 1 52  ? 17.744  5.269   -0.183  1.00 22.14 ? 52  ASN A CB  1 
ATOM   377  C CG  . ASN A 1 52  ? 18.737  4.454   -0.975  1.00 29.11 ? 52  ASN A CG  1 
ATOM   378  O OD1 . ASN A 1 52  ? 18.630  3.228   -1.051  1.00 32.53 ? 52  ASN A OD1 1 
ATOM   379  N ND2 . ASN A 1 52  ? 19.676  5.132   -1.626  1.00 35.33 ? 52  ASN A ND2 1 
ATOM   380  N N   . ILE A 1 53  ? 14.143  6.057   -0.174  1.00 10.98 ? 53  ILE A N   1 
ATOM   381  C CA  . ILE A 1 53  ? 13.142  6.704   0.676   1.00 12.06 ? 53  ILE A CA  1 
ATOM   382  C C   . ILE A 1 53  ? 12.216  5.591   1.171   1.00 10.70 ? 53  ILE A C   1 
ATOM   383  O O   . ILE A 1 53  ? 11.946  4.643   0.444   1.00 10.19 ? 53  ILE A O   1 
ATOM   384  C CB  . ILE A 1 53  ? 12.254  7.724   -0.102  1.00 13.31 ? 53  ILE A CB  1 
ATOM   385  C CG1 . ILE A 1 53  ? 13.054  8.954   -0.527  1.00 14.41 ? 53  ILE A CG1 1 
ATOM   386  C CG2 . ILE A 1 53  ? 11.079  8.156   0.755   1.00 11.00 ? 53  ILE A CG2 1 
ATOM   387  C CD1 . ILE A 1 53  ? 13.543  9.767   0.612   1.00 18.05 ? 53  ILE A CD1 1 
ATOM   388  N N   . MET A 1 54  ? 11.766  5.682   2.416   1.00 12.46 ? 54  MET A N   1 
ATOM   389  C CA  . MET A 1 54  ? 10.841  4.693   2.954   1.00 14.22 ? 54  MET A CA  1 
ATOM   390  C C   . MET A 1 54  ? 9.895   5.375   3.910   1.00 13.57 ? 54  MET A C   1 
ATOM   391  O O   . MET A 1 54  ? 10.180  5.502   5.108   1.00 13.42 ? 54  MET A O   1 
ATOM   392  C CB  . MET A 1 54  ? 11.555  3.497   3.611   1.00 17.64 ? 54  MET A CB  1 
ATOM   393  C CG  . MET A 1 54  ? 12.848  3.778   4.335   1.00 24.84 ? 54  MET A CG  1 
ATOM   394  S SD  . MET A 1 54  ? 13.612  2.226   4.890   1.00 31.36 ? 54  MET A SD  1 
ATOM   395  C CE  . MET A 1 54  ? 14.439  1.648   3.402   1.00 27.31 ? 54  MET A CE  1 
ATOM   396  N N   . TYR A 1 55  ? 8.781   5.856   3.366   1.00 10.16 ? 55  TYR A N   1 
ATOM   397  C CA  . TYR A 1 55  ? 7.784   6.559   4.168   1.00 8.51  ? 55  TYR A CA  1 
ATOM   398  C C   . TYR A 1 55  ? 6.971   5.622   5.078   1.00 10.51 ? 55  TYR A C   1 
ATOM   399  O O   . TYR A 1 55  ? 6.591   4.503   4.677   1.00 9.87  ? 55  TYR A O   1 
ATOM   400  C CB  . TYR A 1 55  ? 6.824   7.341   3.265   1.00 6.09  ? 55  TYR A CB  1 
ATOM   401  C CG  . TYR A 1 55  ? 7.436   8.505   2.492   1.00 9.58  ? 55  TYR A CG  1 
ATOM   402  C CD1 . TYR A 1 55  ? 8.365   9.366   3.091   1.00 9.49  ? 55  TYR A CD1 1 
ATOM   403  C CD2 . TYR A 1 55  ? 7.048   8.773   1.174   1.00 8.04  ? 55  TYR A CD2 1 
ATOM   404  C CE1 . TYR A 1 55  ? 8.879   10.470  2.396   1.00 11.18 ? 55  TYR A CE1 1 
ATOM   405  C CE2 . TYR A 1 55  ? 7.557   9.873   0.472   1.00 8.25  ? 55  TYR A CE2 1 
ATOM   406  C CZ  . TYR A 1 55  ? 8.473   10.712  1.087   1.00 10.51 ? 55  TYR A CZ  1 
ATOM   407  O OH  . TYR A 1 55  ? 8.976   11.791  0.400   1.00 8.42  ? 55  TYR A OH  1 
ATOM   408  N N   . ALA A 1 56  ? 6.683   6.096   6.289   1.00 7.23  ? 56  ALA A N   1 
ATOM   409  C CA  . ALA A 1 56  ? 5.900   5.330   7.249   1.00 9.09  ? 56  ALA A CA  1 
ATOM   410  C C   . ALA A 1 56  ? 4.431   5.565   6.935   1.00 8.22  ? 56  ALA A C   1 
ATOM   411  O O   . ALA A 1 56  ? 4.054   6.636   6.452   1.00 10.49 ? 56  ALA A O   1 
ATOM   412  C CB  . ALA A 1 56  ? 6.204   5.791   8.660   1.00 6.47  ? 56  ALA A CB  1 
ATOM   413  N N   . THR A 1 57  ? 3.603   4.570   7.229   1.00 7.07  ? 57  THR A N   1 
ATOM   414  C CA  . THR A 1 57  ? 2.174   4.639   6.992   1.00 7.01  ? 57  THR A CA  1 
ATOM   415  C C   . THR A 1 57  ? 1.376   4.149   8.206   1.00 8.02  ? 57  THR A C   1 
ATOM   416  O O   . THR A 1 57  ? 1.835   3.276   8.957   1.00 8.78  ? 57  THR A O   1 
ATOM   417  C CB  . THR A 1 57  ? 1.757   3.708   5.815   1.00 7.52  ? 57  THR A CB  1 
ATOM   418  O OG1 . THR A 1 57  ? 2.374   2.424   5.985   1.00 9.57  ? 57  THR A OG1 1 
ATOM   419  C CG2 . THR A 1 57  ? 2.186   4.275   4.474   1.00 5.87  ? 57  THR A CG2 1 
ATOM   420  N N   . SER A 1 58  ? 0.216   4.752   8.437   1.00 7.19  ? 58  SER A N   1 
ATOM   421  C CA  . SER A 1 58  ? -0.679  4.271   9.492   1.00 8.51  ? 58  SER A CA  1 
ATOM   422  C C   . SER A 1 58  ? -1.553  3.253   8.773   1.00 7.86  ? 58  SER A C   1 
ATOM   423  O O   . SER A 1 58  ? -1.935  3.462   7.599   1.00 7.88  ? 58  SER A O   1 
ATOM   424  C CB  . SER A 1 58  ? -1.576  5.381   10.021  1.00 8.71  ? 58  SER A CB  1 
ATOM   425  O OG  . SER A 1 58  ? -0.780  6.427   10.524  1.00 17.08 ? 58  SER A OG  1 
ATOM   426  N N   . ILE A 1 59  ? -1.844  2.151   9.454   1.00 6.56  ? 59  ILE A N   1 
ATOM   427  C CA  . ILE A 1 59  ? -2.673  1.091   8.897   1.00 7.14  ? 59  ILE A CA  1 
ATOM   428  C C   . ILE A 1 59  ? -3.860  0.963   9.857   1.00 7.85  ? 59  ILE A C   1 
ATOM   429  O O   . ILE A 1 59  ? -3.684  0.670   11.045  1.00 9.31  ? 59  ILE A O   1 
ATOM   430  C CB  . ILE A 1 59  ? -1.867  -0.226  8.783   1.00 7.70  ? 59  ILE A CB  1 
ATOM   431  C CG1 . ILE A 1 59  ? -0.627  0.017   7.912   1.00 7.10  ? 59  ILE A CG1 1 
ATOM   432  C CG2 . ILE A 1 59  ? -2.740  -1.328  8.199   1.00 8.98  ? 59  ILE A CG2 1 
ATOM   433  C CD1 . ILE A 1 59  ? 0.295   -1.139  7.796   1.00 9.82  ? 59  ILE A CD1 1 
ATOM   434  N N   . SER A 1 60  ? -5.055  1.260   9.349   1.00 8.27  ? 60  SER A N   1 
ATOM   435  C CA  . SER A 1 60  ? -6.276  1.260   10.159  1.00 9.24  ? 60  SER A CA  1 
ATOM   436  C C   . SER A 1 60  ? -7.414  0.455   9.571   1.00 7.10  ? 60  SER A C   1 
ATOM   437  O O   . SER A 1 60  ? -7.534  0.333   8.354   1.00 7.15  ? 60  SER A O   1 
ATOM   438  C CB  . SER A 1 60  ? -6.778  2.706   10.309  1.00 8.75  ? 60  SER A CB  1 
ATOM   439  O OG  . SER A 1 60  ? -5.733  3.562   10.736  1.00 15.44 ? 60  SER A OG  1 
ATOM   440  N N   . SER A 1 61  ? -8.280  -0.064  10.435  1.00 6.43  ? 61  SER A N   1 
ATOM   441  C CA  . SER A 1 61  ? -9.428  -0.788  9.944   1.00 6.31  ? 61  SER A CA  1 
ATOM   442  C C   . SER A 1 61  ? -10.317 0.251   9.243   1.00 8.02  ? 61  SER A C   1 
ATOM   443  O O   . SER A 1 61  ? -10.431 1.408   9.676   1.00 7.31  ? 61  SER A O   1 
ATOM   444  C CB  . SER A 1 61  ? -10.191 -1.464  11.092  1.00 5.82  ? 61  SER A CB  1 
ATOM   445  O OG  . SER A 1 61  ? -10.527 -0.539  12.102  1.00 9.24  ? 61  SER A OG  1 
ATOM   446  N N   . GLU A 1 62  ? -10.876 -0.145  8.111   1.00 8.75  ? 62  GLU A N   1 
ATOM   447  C CA  . GLU A 1 62  ? -11.755 0.722   7.355   1.00 9.30  ? 62  GLU A CA  1 
ATOM   448  C C   . GLU A 1 62  ? -13.008 1.005   8.192   1.00 7.84  ? 62  GLU A C   1 
ATOM   449  O O   . GLU A 1 62  ? -13.496 2.124   8.231   1.00 11.22 ? 62  GLU A O   1 
ATOM   450  C CB  . GLU A 1 62  ? -12.106 0.039   6.027   1.00 9.56  ? 62  GLU A CB  1 
ATOM   451  C CG  . GLU A 1 62  ? -13.264 0.667   5.308   1.00 14.43 ? 62  GLU A CG  1 
ATOM   452  C CD  . GLU A 1 62  ? -13.549 0.024   3.987   1.00 13.75 ? 62  GLU A CD  1 
ATOM   453  O OE1 . GLU A 1 62  ? -14.033 -1.115  3.951   1.00 13.94 ? 62  GLU A OE1 1 
ATOM   454  O OE2 . GLU A 1 62  ? -13.288 0.680   2.973   1.00 20.64 ? 62  GLU A OE2 1 
ATOM   455  N N   . ASP A 1 63  ? -13.509 -0.014  8.874   1.00 8.24  ? 63  ASP A N   1 
ATOM   456  C CA  . ASP A 1 63  ? -14.686 0.121   9.729   1.00 10.52 ? 63  ASP A CA  1 
ATOM   457  C C   . ASP A 1 63  ? -14.283 0.829   11.018  1.00 11.65 ? 63  ASP A C   1 
ATOM   458  O O   . ASP A 1 63  ? -13.451 0.317   11.761  1.00 13.04 ? 63  ASP A O   1 
ATOM   459  C CB  . ASP A 1 63  ? -15.228 -1.278  10.068  1.00 12.13 ? 63  ASP A CB  1 
ATOM   460  C CG  . ASP A 1 63  ? -16.601 -1.253  10.749  1.00 19.18 ? 63  ASP A CG  1 
ATOM   461  O OD1 . ASP A 1 63  ? -17.119 -0.156  11.057  1.00 18.88 ? 63  ASP A OD1 1 
ATOM   462  O OD2 . ASP A 1 63  ? -17.166 -2.351  10.976  1.00 22.44 ? 63  ASP A OD2 1 
ATOM   463  N N   . LYS A 1 64  ? -14.859 1.997   11.284  1.00 10.48 ? 64  LYS A N   1 
ATOM   464  C CA  . LYS A 1 64  ? -14.536 2.712   12.512  1.00 13.18 ? 64  LYS A CA  1 
ATOM   465  C C   . LYS A 1 64  ? -15.530 2.566   13.692  1.00 12.30 ? 64  LYS A C   1 
ATOM   466  O O   . LYS A 1 64  ? -15.317 3.157   14.755  1.00 10.97 ? 64  LYS A O   1 
ATOM   467  C CB  . LYS A 1 64  ? -14.284 4.180   12.208  1.00 13.59 ? 64  LYS A CB  1 
ATOM   468  C CG  . LYS A 1 64  ? -13.010 4.401   11.422  1.00 18.67 ? 64  LYS A CG  1 
ATOM   469  C CD  . LYS A 1 64  ? -12.804 5.884   11.142  1.00 20.25 ? 64  LYS A CD  1 
ATOM   470  N N   . THR A 1 65  ? -16.559 1.734   13.533  1.00 11.62 ? 65  THR A N   1 
ATOM   471  C CA  . THR A 1 65  ? -17.553 1.530   14.591  1.00 11.87 ? 65  THR A CA  1 
ATOM   472  C C   . THR A 1 65  ? -16.910 0.918   15.835  1.00 11.22 ? 65  THR A C   1 
ATOM   473  O O   . THR A 1 65  ? -16.244 -0.107  15.750  1.00 10.28 ? 65  THR A O   1 
ATOM   474  C CB  . THR A 1 65  ? -18.661 0.585   14.134  1.00 12.80 ? 65  THR A CB  1 
ATOM   475  O OG1 . THR A 1 65  ? -19.034 0.918   12.796  1.00 17.71 ? 65  THR A OG1 1 
ATOM   476  C CG2 . THR A 1 65  ? -19.891 0.728   15.024  1.00 14.56 ? 65  THR A CG2 1 
ATOM   477  N N   . PRO A 1 66  ? -17.085 1.557   17.006  1.00 10.41 ? 66  PRO A N   1 
ATOM   478  C CA  . PRO A 1 66  ? -16.484 1.001   18.228  1.00 9.32  ? 66  PRO A CA  1 
ATOM   479  C C   . PRO A 1 66  ? -17.270 -0.240  18.639  1.00 10.20 ? 66  PRO A C   1 
ATOM   480  O O   . PRO A 1 66  ? -18.482 -0.294  18.435  1.00 12.40 ? 66  PRO A O   1 
ATOM   481  C CB  . PRO A 1 66  ? -16.660 2.129   19.249  1.00 7.64  ? 66  PRO A CB  1 
ATOM   482  C CG  . PRO A 1 66  ? -16.821 3.369   18.410  1.00 10.33 ? 66  PRO A CG  1 
ATOM   483  C CD  . PRO A 1 66  ? -17.681 2.875   17.268  1.00 8.31  ? 66  PRO A CD  1 
ATOM   484  N N   . PRO A 1 67  ? -16.593 -1.249  19.209  1.00 10.35 ? 67  PRO A N   1 
ATOM   485  C CA  . PRO A 1 67  ? -15.158 -1.295  19.479  1.00 10.82 ? 67  PRO A CA  1 
ATOM   486  C C   . PRO A 1 67  ? -14.378 -1.751  18.242  1.00 10.79 ? 67  PRO A C   1 
ATOM   487  O O   . PRO A 1 67  ? -14.736 -2.727  17.584  1.00 10.26 ? 67  PRO A O   1 
ATOM   488  C CB  . PRO A 1 67  ? -15.074 -2.315  20.601  1.00 10.18 ? 67  PRO A CB  1 
ATOM   489  C CG  . PRO A 1 67  ? -16.104 -3.303  20.208  1.00 11.44 ? 67  PRO A CG  1 
ATOM   490  C CD  . PRO A 1 67  ? -17.263 -2.448  19.750  1.00 11.87 ? 67  PRO A CD  1 
ATOM   491  N N   . GLN A 1 68  ? -13.344 -0.997  17.905  1.00 13.74 ? 68  GLN A N   1 
ATOM   492  C CA  . GLN A 1 68  ? -12.518 -1.317  16.750  1.00 15.30 ? 68  GLN A CA  1 
ATOM   493  C C   . GLN A 1 68  ? -11.590 -2.447  17.154  1.00 15.17 ? 68  GLN A C   1 
ATOM   494  O O   . GLN A 1 68  ? -11.275 -2.609  18.334  1.00 12.99 ? 68  GLN A O   1 
ATOM   495  C CB  . GLN A 1 68  ? -11.689 -0.097  16.331  1.00 16.74 ? 68  GLN A CB  1 
ATOM   496  C CG  . GLN A 1 68  ? -12.478 1.046   15.706  1.00 16.76 ? 68  GLN A CG  1 
ATOM   497  C CD  . GLN A 1 68  ? -11.553 2.136   15.194  1.00 22.58 ? 68  GLN A CD  1 
ATOM   498  O OE1 . GLN A 1 68  ? -10.477 1.852   14.660  1.00 23.39 ? 68  GLN A OE1 1 
ATOM   499  N NE2 . GLN A 1 68  ? -11.950 3.383   15.374  1.00 23.04 ? 68  GLN A NE2 1 
ATOM   500  N N   . PRO A 1 69  ? -11.169 -3.272  16.187  1.00 15.19 ? 69  PRO A N   1 
ATOM   501  C CA  . PRO A 1 69  ? -10.266 -4.385  16.496  1.00 14.26 ? 69  PRO A CA  1 
ATOM   502  C C   . PRO A 1 69  ? -8.941  -3.837  17.025  1.00 12.76 ? 69  PRO A C   1 
ATOM   503  O O   . PRO A 1 69  ? -8.441  -2.819  16.527  1.00 13.27 ? 69  PRO A O   1 
ATOM   504  C CB  . PRO A 1 69  ? -10.056 -5.043  15.132  1.00 16.45 ? 69  PRO A CB  1 
ATOM   505  C CG  . PRO A 1 69  ? -11.312 -4.704  14.387  1.00 19.68 ? 69  PRO A CG  1 
ATOM   506  C CD  . PRO A 1 69  ? -11.505 -3.258  14.755  1.00 15.93 ? 69  PRO A CD  1 
ATOM   507  N N   . ARG A 1 70  ? -8.404  -4.478  18.056  1.00 11.11 ? 70  ARG A N   1 
ATOM   508  C CA  . ARG A 1 70  ? -7.134  -4.059  18.626  1.00 10.04 ? 70  ARG A CA  1 
ATOM   509  C C   . ARG A 1 70  ? -5.997  -4.306  17.638  1.00 9.10  ? 70  ARG A C   1 
ATOM   510  O O   . ARG A 1 70  ? -5.128  -3.461  17.480  1.00 8.04  ? 70  ARG A O   1 
ATOM   511  C CB  . ARG A 1 70  ? -6.875  -4.811  19.929  1.00 13.81 ? 70  ARG A CB  1 
ATOM   512  N N   . ASN A 1 71  ? -6.063  -5.419  16.912  1.00 7.48  ? 71  ASN A N   1 
ATOM   513  C CA  . ASN A 1 71  ? -5.029  -5.780  15.959  1.00 8.59  ? 71  ASN A CA  1 
ATOM   514  C C   . ASN A 1 71  ? -5.524  -5.926  14.530  1.00 9.04  ? 71  ASN A C   1 
ATOM   515  O O   . ASN A 1 71  ? -6.712  -6.161  14.283  1.00 10.99 ? 71  ASN A O   1 
ATOM   516  C CB  . ASN A 1 71  ? -4.353  -7.074  16.397  1.00 8.69  ? 71  ASN A CB  1 
ATOM   517  C CG  . ASN A 1 71  ? -3.783  -6.977  17.792  1.00 10.04 ? 71  ASN A CG  1 
ATOM   518  O OD1 . ASN A 1 71  ? -4.359  -7.511  18.726  1.00 14.39 ? 71  ASN A OD1 1 
ATOM   519  N ND2 . ASN A 1 71  ? -2.686  -6.255  17.952  1.00 7.41  ? 71  ASN A ND2 1 
ATOM   520  N N   . ILE A 1 72  ? -4.586  -5.812  13.598  1.00 7.66  ? 72  ILE A N   1 
ATOM   521  C CA  . ILE A 1 72  ? -4.877  -5.933  12.174  1.00 7.33  ? 72  ILE A CA  1 
ATOM   522  C C   . ILE A 1 72  ? -4.841  -7.408  11.856  1.00 5.80  ? 72  ILE A C   1 
ATOM   523  O O   . ILE A 1 72  ? -3.899  -8.099  12.240  1.00 7.15  ? 72  ILE A O   1 
ATOM   524  C CB  . ILE A 1 72  ? -3.819  -5.194  11.294  1.00 9.04  ? 72  ILE A CB  1 
ATOM   525  C CG1 . ILE A 1 72  ? -3.804  -3.685  11.612  1.00 9.01  ? 72  ILE A CG1 1 
ATOM   526  C CG2 . ILE A 1 72  ? -4.089  -5.448  9.798   1.00 6.44  ? 72  ILE A CG2 1 
ATOM   527  C CD1 . ILE A 1 72  ? -5.107  -2.963  11.304  1.00 9.80  ? 72  ILE A CD1 1 
ATOM   528  N N   . LEU A 1 73  ? -5.887  -7.898  11.193  1.00 5.35  ? 73  LEU A N   1 
ATOM   529  C CA  . LEU A 1 73  ? -5.973  -9.300  10.833  1.00 7.42  ? 73  LEU A CA  1 
ATOM   530  C C   . LEU A 1 73  ? -5.890  -9.427  9.327   1.00 6.66  ? 73  LEU A C   1 
ATOM   531  O O   . LEU A 1 73  ? -6.156  -8.464  8.613   1.00 5.04  ? 73  LEU A O   1 
ATOM   532  C CB  . LEU A 1 73  ? -7.303  -9.906  11.307  1.00 7.88  ? 73  LEU A CB  1 
ATOM   533  C CG  . LEU A 1 73  ? -7.695  -9.806  12.786  1.00 10.78 ? 73  LEU A CG  1 
ATOM   534  C CD1 . LEU A 1 73  ? -9.011  -10.538 12.977  1.00 12.83 ? 73  LEU A CD1 1 
ATOM   535  C CD2 . LEU A 1 73  ? -6.617  -10.393 13.684  1.00 10.56 ? 73  LEU A CD2 1 
ATOM   536  N N   . GLU A 1 74  ? -5.531  -10.620 8.858   1.00 6.41  ? 74  GLU A N   1 
ATOM   537  C CA  . GLU A 1 74  ? -5.449  -10.878 7.434   1.00 5.74  ? 74  GLU A CA  1 
ATOM   538  C C   . GLU A 1 74  ? -6.852  -10.831 6.884   1.00 5.83  ? 74  GLU A C   1 
ATOM   539  O O   . GLU A 1 74  ? -7.813  -11.185 7.573   1.00 6.32  ? 74  GLU A O   1 
ATOM   540  C CB  . GLU A 1 74  ? -4.825  -12.233 7.170   1.00 6.14  ? 74  GLU A CB  1 
ATOM   541  C CG  . GLU A 1 74  ? -3.363  -12.291 7.494   1.00 5.52  ? 74  GLU A CG  1 
ATOM   542  C CD  . GLU A 1 74  ? -2.765  -13.656 7.196   1.00 10.43 ? 74  GLU A CD  1 
ATOM   543  O OE1 . GLU A 1 74  ? -3.222  -14.314 6.236   1.00 11.51 ? 74  GLU A OE1 1 
ATOM   544  O OE2 . GLU A 1 74  ? -1.842  -14.066 7.926   1.00 13.22 ? 74  GLU A OE2 1 
ATOM   545  N N   . ASN A 1 75  ? -6.971  -10.312 5.668   1.00 5.10  ? 75  ASN A N   1 
ATOM   546  C CA  . ASN A 1 75  ? -8.247  -10.173 4.965   1.00 5.48  ? 75  ASN A CA  1 
ATOM   547  C C   . ASN A 1 75  ? -9.232  -9.149  5.523   1.00 6.61  ? 75  ASN A C   1 
ATOM   548  O O   . ASN A 1 75  ? -10.376 -9.084  5.078   1.00 10.87 ? 75  ASN A O   1 
ATOM   549  C CB  . ASN A 1 75  ? -8.927  -11.532 4.808   1.00 7.72  ? 75  ASN A CB  1 
ATOM   550  C CG  . ASN A 1 75  ? -8.037  -12.527 4.131   1.00 9.31  ? 75  ASN A CG  1 
ATOM   551  O OD1 . ASN A 1 75  ? -7.614  -13.515 4.725   1.00 14.87 ? 75  ASN A OD1 1 
ATOM   552  N ND2 . ASN A 1 75  ? -7.674  -12.237 2.910   1.00 4.94  ? 75  ASN A ND2 1 
ATOM   553  N N   . MET A 1 76  ? -8.784  -8.356  6.489   1.00 5.93  ? 76  MET A N   1 
ATOM   554  C CA  . MET A 1 76  ? -9.585  -7.307  7.109   1.00 6.77  ? 76  MET A CA  1 
ATOM   555  C C   . MET A 1 76  ? -9.444  -6.057  6.238   1.00 5.93  ? 76  MET A C   1 
ATOM   556  O O   . MET A 1 76  ? -8.333  -5.765  5.787   1.00 7.34  ? 76  MET A O   1 
ATOM   557  C CB  . MET A 1 76  ? -9.019  -7.033  8.504   1.00 9.73  ? 76  MET A CB  1 
ATOM   558  C CG  . MET A 1 76  ? -9.502  -5.729  9.192   1.00 14.87 ? 76  MET A CG  1 
ATOM   559  S SD  . MET A 1 76  ? -8.807  -5.500  10.810  1.00 15.16 ? 76  MET A SD  1 
ATOM   560  C CE  . MET A 1 76  ? -9.677  -6.665  11.732  1.00 16.32 ? 76  MET A CE  1 
ATOM   561  N N   . ARG A 1 77  ? -10.557 -5.388  5.930   1.00 4.83  ? 77  ARG A N   1 
ATOM   562  C CA  . ARG A 1 77  ? -10.515 -4.183  5.105   1.00 5.79  ? 77  ARG A CA  1 
ATOM   563  C C   . ARG A 1 77  ? -9.825  -3.036  5.821   1.00 5.48  ? 77  ARG A C   1 
ATOM   564  O O   . ARG A 1 77  ? -10.190 -2.696  6.956   1.00 5.68  ? 77  ARG A O   1 
ATOM   565  C CB  . ARG A 1 77  ? -11.917 -3.789  4.636   1.00 6.33  ? 77  ARG A CB  1 
ATOM   566  C CG  . ARG A 1 77  ? -12.577 -4.883  3.800   1.00 8.47  ? 77  ARG A CG  1 
ATOM   567  C CD  . ARG A 1 77  ? -13.979 -4.481  3.368   1.00 10.98 ? 77  ARG A CD  1 
ATOM   568  N NE  . ARG A 1 77  ? -13.994 -3.520  2.263   1.00 12.40 ? 77  ARG A NE  1 
ATOM   569  C CZ  . ARG A 1 77  ? -13.846 -3.869  0.993   1.00 11.22 ? 77  ARG A CZ  1 
ATOM   570  N NH1 . ARG A 1 77  ? -13.660 -5.140  0.686   1.00 14.14 ? 77  ARG A NH1 1 
ATOM   571  N NH2 . ARG A 1 77  ? -13.970 -2.975  0.026   1.00 12.97 ? 77  ARG A NH2 1 
ATOM   572  N N   . LEU A 1 78  ? -8.869  -2.410  5.126   1.00 5.31  ? 78  LEU A N   1 
ATOM   573  C CA  . LEU A 1 78  ? -8.049  -1.342  5.682   1.00 4.45  ? 78  LEU A CA  1 
ATOM   574  C C   . LEU A 1 78  ? -7.992  -0.071  4.885   1.00 5.94  ? 78  LEU A C   1 
ATOM   575  O O   . LEU A 1 78  ? -8.200  -0.064  3.670   1.00 6.13  ? 78  LEU A O   1 
ATOM   576  C CB  . LEU A 1 78  ? -6.596  -1.814  5.774   1.00 5.16  ? 78  LEU A CB  1 
ATOM   577  C CG  . LEU A 1 78  ? -6.356  -3.216  6.314   1.00 5.97  ? 78  LEU A CG  1 
ATOM   578  C CD1 . LEU A 1 78  ? -4.931  -3.603  5.993   1.00 9.41  ? 78  LEU A CD1 1 
ATOM   579  C CD2 . LEU A 1 78  ? -6.650  -3.264  7.818   1.00 5.61  ? 78  LEU A CD2 1 
ATOM   580  N N   . LYS A 1 79  ? -7.596  0.979   5.589   1.00 6.26  ? 79  LYS A N   1 
ATOM   581  C CA  . LYS A 1 79  ? -7.362  2.292   5.026   1.00 7.86  ? 79  LYS A CA  1 
ATOM   582  C C   . LYS A 1 79  ? -5.885  2.506   5.360   1.00 8.13  ? 79  LYS A C   1 
ATOM   583  O O   . LYS A 1 79  ? -5.447  2.199   6.479   1.00 8.09  ? 79  LYS A O   1 
ATOM   584  C CB  . LYS A 1 79  ? -8.234  3.345   5.711   1.00 13.49 ? 79  LYS A CB  1 
ATOM   585  C CG  . LYS A 1 79  ? -7.931  4.770   5.264   1.00 23.09 ? 79  LYS A CG  1 
ATOM   586  C CD  . LYS A 1 79  ? -9.080  5.728   5.588   1.00 31.92 ? 79  LYS A CD  1 
ATOM   587  C CE  . LYS A 1 79  ? -10.209 5.643   4.537   1.00 37.17 ? 79  LYS A CE  1 
ATOM   588  N NZ  . LYS A 1 79  ? -10.911 4.311   4.441   1.00 41.21 ? 79  LYS A NZ  1 
ATOM   589  N N   . ILE A 1 80  ? -5.100  2.955   4.380   1.00 6.49  ? 80  ILE A N   1 
ATOM   590  C CA  . ILE A 1 80  ? -3.673  3.182   4.586   1.00 4.27  ? 80  ILE A CA  1 
ATOM   591  C C   . ILE A 1 80  ? -3.367  4.626   4.266   1.00 5.14  ? 80  ILE A C   1 
ATOM   592  O O   . ILE A 1 80  ? -3.832  5.144   3.263   1.00 5.47  ? 80  ILE A O   1 
ATOM   593  C CB  . ILE A 1 80  ? -2.819  2.241   3.692   1.00 5.78  ? 80  ILE A CB  1 
ATOM   594  C CG1 . ILE A 1 80  ? -3.095  0.776   4.068   1.00 7.28  ? 80  ILE A CG1 1 
ATOM   595  C CG2 . ILE A 1 80  ? -1.334  2.534   3.870   1.00 3.74  ? 80  ILE A CG2 1 
ATOM   596  C CD1 . ILE A 1 80  ? -2.375  -0.257  3.222   1.00 7.36  ? 80  ILE A CD1 1 
ATOM   597  N N   . ASN A 1 81  ? -2.632  5.296   5.139   1.00 5.29  ? 81  ASN A N   1 
ATOM   598  C CA  . ASN A 1 81  ? -2.282  6.685   4.881   1.00 8.85  ? 81  ASN A CA  1 
ATOM   599  C C   . ASN A 1 81  ? -0.865  6.999   5.327   1.00 8.33  ? 81  ASN A C   1 
ATOM   600  O O   . ASN A 1 81  ? -0.341  6.357   6.237   1.00 9.83  ? 81  ASN A O   1 
ATOM   601  C CB  . ASN A 1 81  ? -3.292  7.638   5.532   1.00 11.04 ? 81  ASN A CB  1 
ATOM   602  C CG  . ASN A 1 81  ? -3.187  7.680   7.058   1.00 14.13 ? 81  ASN A CG  1 
ATOM   603  O OD1 . ASN A 1 81  ? -2.340  8.379   7.609   1.00 18.45 ? 81  ASN A OD1 1 
ATOM   604  N ND2 . ASN A 1 81  ? -4.071  6.965   7.741   1.00 14.65 ? 81  ASN A ND2 1 
ATOM   605  N N   . PHE A 1 82  ? -0.208  7.941   4.653   1.00 9.09  ? 82  PHE A N   1 
ATOM   606  C CA  . PHE A 1 82  ? 1.153   8.312   5.043   1.00 8.43  ? 82  PHE A CA  1 
ATOM   607  C C   . PHE A 1 82  ? 1.115   8.995   6.410   1.00 8.76  ? 82  PHE A C   1 
ATOM   608  O O   . PHE A 1 82  ? 0.257   9.829   6.678   1.00 8.99  ? 82  PHE A O   1 
ATOM   609  C CB  . PHE A 1 82  ? 1.807   9.183   3.971   1.00 7.27  ? 82  PHE A CB  1 
ATOM   610  C CG  . PHE A 1 82  ? 2.156   8.425   2.733   1.00 6.23  ? 82  PHE A CG  1 
ATOM   611  C CD1 . PHE A 1 82  ? 3.232   7.553   2.732   1.00 6.61  ? 82  PHE A CD1 1 
ATOM   612  C CD2 . PHE A 1 82  ? 1.378   8.546   1.580   1.00 5.12  ? 82  PHE A CD2 1 
ATOM   613  C CE1 . PHE A 1 82  ? 3.544   6.792   1.601   1.00 5.57  ? 82  PHE A CE1 1 
ATOM   614  C CE2 . PHE A 1 82  ? 1.676   7.792   0.440   1.00 4.67  ? 82  PHE A CE2 1 
ATOM   615  C CZ  . PHE A 1 82  ? 2.760   6.912   0.448   1.00 4.82  ? 82  PHE A CZ  1 
ATOM   616  N N   . ALA A 1 83  ? 2.059   8.638   7.261   1.00 9.87  ? 83  ALA A N   1 
ATOM   617  C CA  . ALA A 1 83  ? 2.079   9.142   8.621   1.00 13.58 ? 83  ALA A CA  1 
ATOM   618  C C   . ALA A 1 83  ? 2.989   10.315  8.866   1.00 15.66 ? 83  ALA A C   1 
ATOM   619  O O   . ALA A 1 83  ? 2.843   11.027  9.854   1.00 19.56 ? 83  ALA A O   1 
ATOM   620  C CB  . ALA A 1 83  ? 2.433   8.001   9.570   1.00 14.68 ? 83  ALA A CB  1 
ATOM   621  N N   . THR A 1 84  ? 3.927   10.536  7.971   1.00 16.24 ? 84  THR A N   1 
ATOM   622  C CA  . THR A 1 84  ? 4.856   11.621  8.167   1.00 19.36 ? 84  THR A CA  1 
ATOM   623  C C   . THR A 1 84  ? 4.906   12.630  7.023   1.00 20.10 ? 84  THR A C   1 
ATOM   624  O O   . THR A 1 84  ? 4.282   12.459  5.964   1.00 17.02 ? 84  THR A O   1 
ATOM   625  C CB  . THR A 1 84  ? 6.268   11.063  8.340   1.00 18.19 ? 84  THR A CB  1 
ATOM   626  O OG1 . THR A 1 84  ? 6.717   10.523  7.094   1.00 20.37 ? 84  THR A OG1 1 
ATOM   627  C CG2 . THR A 1 84  ? 6.270   9.951   9.381   1.00 20.56 ? 84  THR A CG2 1 
ATOM   628  N N   . ASP A 1 85  ? 5.626   13.716  7.271   1.00 18.14 ? 85  ASP A N   1 
ATOM   629  C CA  . ASP A 1 85  ? 5.827   14.728  6.255   1.00 19.24 ? 85  ASP A CA  1 
ATOM   630  C C   . ASP A 1 85  ? 6.698   14.008  5.236   1.00 17.55 ? 85  ASP A C   1 
ATOM   631  O O   . ASP A 1 85  ? 7.459   13.102  5.599   1.00 17.85 ? 85  ASP A O   1 
ATOM   632  C CB  . ASP A 1 85  ? 6.585   15.923  6.837   1.00 21.55 ? 85  ASP A CB  1 
ATOM   633  C CG  . ASP A 1 85  ? 5.780   16.676  7.884   1.00 22.50 ? 85  ASP A CG  1 
ATOM   634  O OD1 . ASP A 1 85  ? 4.580   16.952  7.672   1.00 23.79 ? 85  ASP A OD1 1 
ATOM   635  O OD2 . ASP A 1 85  ? 6.365   17.008  8.929   1.00 29.40 ? 85  ASP A OD2 1 
ATOM   636  N N   . PRO A 1 86  ? 6.668   14.443  3.967   1.00 15.68 ? 86  PRO A N   1 
ATOM   637  C CA  . PRO A 1 86  ? 5.896   15.551  3.404   1.00 15.37 ? 86  PRO A CA  1 
ATOM   638  C C   . PRO A 1 86  ? 4.441   15.254  3.031   1.00 15.32 ? 86  PRO A C   1 
ATOM   639  O O   . PRO A 1 86  ? 3.733   16.141  2.561   1.00 16.21 ? 86  PRO A O   1 
ATOM   640  C CB  . PRO A 1 86  ? 6.714   15.914  2.175   1.00 13.83 ? 86  PRO A CB  1 
ATOM   641  C CG  . PRO A 1 86  ? 7.182   14.582  1.706   1.00 15.88 ? 86  PRO A CG  1 
ATOM   642  C CD  . PRO A 1 86  ? 7.597   13.889  2.968   1.00 13.17 ? 86  PRO A CD  1 
ATOM   643  N N   . HIS A 1 87  ? 3.980   14.031  3.267   1.00 13.46 ? 87  HIS A N   1 
ATOM   644  C CA  . HIS A 1 87  ? 2.624   13.658  2.887   1.00 13.58 ? 87  HIS A CA  1 
ATOM   645  C C   . HIS A 1 87  ? 1.805   13.185  4.064   1.00 14.17 ? 87  HIS A C   1 
ATOM   646  O O   . HIS A 1 87  ? 0.990   12.276  3.936   1.00 13.16 ? 87  HIS A O   1 
ATOM   647  C CB  . HIS A 1 87  ? 2.668   12.558  1.827   1.00 13.34 ? 87  HIS A CB  1 
ATOM   648  C CG  . HIS A 1 87  ? 3.584   12.864  0.688   1.00 10.60 ? 87  HIS A CG  1 
ATOM   649  N ND1 . HIS A 1 87  ? 3.299   13.825  -0.261  1.00 14.50 ? 87  HIS A ND1 1 
ATOM   650  C CD2 . HIS A 1 87  ? 4.811   12.387  0.378   1.00 9.33  ? 87  HIS A CD2 1 
ATOM   651  C CE1 . HIS A 1 87  ? 4.313   13.931  -1.101  1.00 11.94 ? 87  HIS A CE1 1 
ATOM   652  N NE2 . HIS A 1 87  ? 5.246   13.065  -0.733  1.00 14.04 ? 87  HIS A NE2 1 
ATOM   653  N N   . LYS A 1 88  ? 1.970   13.855  5.195   1.00 14.78 ? 88  LYS A N   1 
ATOM   654  C CA  . LYS A 1 88  ? 1.259   13.491  6.396   1.00 15.13 ? 88  LYS A CA  1 
ATOM   655  C C   . LYS A 1 88  ? -0.238  13.513  6.179   1.00 13.68 ? 88  LYS A C   1 
ATOM   656  O O   . LYS A 1 88  ? -0.819  14.526  5.802   1.00 12.13 ? 88  LYS A O   1 
ATOM   657  C CB  . LYS A 1 88  ? 1.651   14.431  7.535   1.00 19.10 ? 88  LYS A CB  1 
ATOM   658  C CG  . LYS A 1 88  ? 1.389   13.875  8.928   1.00 25.34 ? 88  LYS A CG  1 
ATOM   659  C CD  . LYS A 1 88  ? 2.153   14.678  9.985   1.00 31.78 ? 88  LYS A CD  1 
ATOM   660  C CE  . LYS A 1 88  ? 1.667   16.131  10.037  1.00 37.39 ? 88  LYS A CE  1 
ATOM   661  N NZ  . LYS A 1 88  ? 2.488   17.038  10.921  1.00 41.10 ? 88  LYS A NZ  1 
ATOM   662  N N   . GLY A 1 89  ? -0.857  12.365  6.381   1.00 10.91 ? 89  GLY A N   1 
ATOM   663  C CA  . GLY A 1 89  ? -2.287  12.279  6.221   1.00 10.89 ? 89  GLY A CA  1 
ATOM   664  C C   . GLY A 1 89  ? -2.770  11.915  4.835   1.00 11.91 ? 89  GLY A C   1 
ATOM   665  O O   . GLY A 1 89  ? -3.938  11.592  4.698   1.00 14.59 ? 89  GLY A O   1 
ATOM   666  N N   . ASP A 1 90  ? -1.914  11.954  3.813   1.00 9.97  ? 90  ASP A N   1 
ATOM   667  C CA  . ASP A 1 90  ? -2.358  11.591  2.464   1.00 10.27 ? 90  ASP A CA  1 
ATOM   668  C C   . ASP A 1 90  ? -2.740  10.116  2.449   1.00 9.03  ? 90  ASP A C   1 
ATOM   669  O O   . ASP A 1 90  ? -1.991  9.265   2.909   1.00 9.08  ? 90  ASP A O   1 
ATOM   670  C CB  . ASP A 1 90  ? -1.281  11.885  1.413   1.00 12.16 ? 90  ASP A CB  1 
ATOM   671  C CG  . ASP A 1 90  ? -1.238  13.347  1.028   1.00 18.32 ? 90  ASP A CG  1 
ATOM   672  O OD1 . ASP A 1 90  ? -2.313  13.940  0.790   1.00 22.66 ? 90  ASP A OD1 1 
ATOM   673  O OD2 . ASP A 1 90  ? -0.134  13.914  0.968   1.00 21.59 ? 90  ASP A OD2 1 
ATOM   674  N N   . VAL A 1 91  ? -3.899  9.831   1.880   1.00 8.26  ? 91  VAL A N   1 
ATOM   675  C CA  . VAL A 1 91  ? -4.434  8.484   1.838   1.00 8.23  ? 91  VAL A CA  1 
ATOM   676  C C   . VAL A 1 91  ? -4.116  7.764   0.539   1.00 7.70  ? 91  VAL A C   1 
ATOM   677  O O   . VAL A 1 91  ? -4.123  8.371   -0.532  1.00 10.02 ? 91  VAL A O   1 
ATOM   678  C CB  . VAL A 1 91  ? -5.973  8.552   2.056   1.00 8.00  ? 91  VAL A CB  1 
ATOM   679  C CG1 . VAL A 1 91  ? -6.618  7.177   1.936   1.00 8.62  ? 91  VAL A CG1 1 
ATOM   680  C CG2 . VAL A 1 91  ? -6.268  9.165   3.425   1.00 8.18  ? 91  VAL A CG2 1 
ATOM   681  N N   . TRP A 1 92  ? -3.850  6.468   0.623   1.00 7.24  ? 92  TRP A N   1 
ATOM   682  C CA  . TRP A 1 92  ? -3.568  5.679   -0.577  1.00 4.92  ? 92  TRP A CA  1 
ATOM   683  C C   . TRP A 1 92  ? -4.881  5.455   -1.317  1.00 7.29  ? 92  TRP A C   1 
ATOM   684  O O   . TRP A 1 92  ? -5.916  5.179   -0.695  1.00 8.05  ? 92  TRP A O   1 
ATOM   685  C CB  . TRP A 1 92  ? -3.032  4.305   -0.189  1.00 3.77  ? 92  TRP A CB  1 
ATOM   686  C CG  . TRP A 1 92  ? -1.632  4.263   0.355   1.00 4.73  ? 92  TRP A CG  1 
ATOM   687  C CD1 . TRP A 1 92  ? -0.897  5.295   0.898   1.00 5.10  ? 92  TRP A CD1 1 
ATOM   688  C CD2 . TRP A 1 92  ? -0.780  3.117   0.349   1.00 5.06  ? 92  TRP A CD2 1 
ATOM   689  N NE1 . TRP A 1 92  ? 0.370   4.847   1.215   1.00 7.37  ? 92  TRP A NE1 1 
ATOM   690  C CE2 . TRP A 1 92  ? 0.470   3.522   0.891   1.00 7.02  ? 92  TRP A CE2 1 
ATOM   691  C CE3 . TRP A 1 92  ? -0.943  1.788   -0.064  1.00 6.54  ? 92  TRP A CE3 1 
ATOM   692  C CZ2 . TRP A 1 92  ? 1.545   2.630   1.030   1.00 9.47  ? 92  TRP A CZ2 1 
ATOM   693  C CZ3 . TRP A 1 92  ? 0.126   0.906   0.069   1.00 6.38  ? 92  TRP A CZ3 1 
ATOM   694  C CH2 . TRP A 1 92  ? 1.357   1.334   0.611   1.00 8.37  ? 92  TRP A CH2 1 
ATOM   695  N N   . SER A 1 93  ? -4.846  5.514   -2.640  1.00 5.01  ? 93  SER A N   1 
ATOM   696  C CA  . SER A 1 93  ? -6.056  5.281   -3.410  1.00 6.02  ? 93  SER A CA  1 
ATOM   697  C C   . SER A 1 93  ? -5.683  4.576   -4.694  1.00 5.26  ? 93  SER A C   1 
ATOM   698  O O   . SER A 1 93  ? -4.519  4.547   -5.067  1.00 4.91  ? 93  SER A O   1 
ATOM   699  C CB  . SER A 1 93  ? -6.771  6.607   -3.735  1.00 8.08  ? 93  SER A CB  1 
ATOM   700  O OG  . SER A 1 93  ? -6.113  7.349   -4.756  1.00 9.65  ? 93  SER A OG  1 
ATOM   701  N N   . VAL A 1 94  ? -6.669  3.967   -5.341  1.00 4.50  ? 94  VAL A N   1 
ATOM   702  C CA  . VAL A 1 94  ? -6.457  3.301   -6.619  1.00 5.09  ? 94  VAL A CA  1 
ATOM   703  C C   . VAL A 1 94  ? -7.179  4.129   -7.684  1.00 6.36  ? 94  VAL A C   1 
ATOM   704  O O   . VAL A 1 94  ? -8.353  4.475   -7.535  1.00 7.36  ? 94  VAL A O   1 
ATOM   705  C CB  . VAL A 1 94  ? -7.005  1.873   -6.574  1.00 3.86  ? 94  VAL A CB  1 
ATOM   706  C CG1 . VAL A 1 94  ? -6.964  1.222   -7.950  1.00 3.80  ? 94  VAL A CG1 1 
ATOM   707  C CG2 . VAL A 1 94  ? -6.175  1.057   -5.582  1.00 7.70  ? 94  VAL A CG2 1 
ATOM   708  N N   . VAL A 1 95  ? -6.459  4.489   -8.734  1.00 5.80  ? 95  VAL A N   1 
ATOM   709  C CA  . VAL A 1 95  ? -7.016  5.286   -9.821  1.00 6.68  ? 95  VAL A CA  1 
ATOM   710  C C   . VAL A 1 95  ? -6.987  4.460   -11.108 1.00 5.90  ? 95  VAL A C   1 
ATOM   711  O O   . VAL A 1 95  ? -5.976  3.822   -11.425 1.00 5.90  ? 95  VAL A O   1 
ATOM   712  C CB  . VAL A 1 95  ? -6.185  6.595   -9.992  1.00 7.07  ? 95  VAL A CB  1 
ATOM   713  C CG1 . VAL A 1 95  ? -6.631  7.394   -11.228 1.00 6.25  ? 95  VAL A CG1 1 
ATOM   714  C CG2 . VAL A 1 95  ? -6.291  7.448   -8.719  1.00 4.64  ? 95  VAL A CG2 1 
ATOM   715  N N   . ASP A 1 96  ? -8.108  4.398   -11.817 1.00 6.63  ? 96  ASP A N   1 
ATOM   716  C CA  . ASP A 1 96  ? -8.140  3.648   -13.073 1.00 9.00  ? 96  ASP A CA  1 
ATOM   717  C C   . ASP A 1 96  ? -7.565  4.600   -14.120 1.00 9.36  ? 96  ASP A C   1 
ATOM   718  O O   . ASP A 1 96  ? -8.282  5.295   -14.850 1.00 10.66 ? 96  ASP A O   1 
ATOM   719  C CB  . ASP A 1 96  ? -9.558  3.215   -13.422 1.00 10.56 ? 96  ASP A CB  1 
ATOM   720  C CG  . ASP A 1 96  ? -9.574  2.095   -14.417 1.00 12.57 ? 96  ASP A CG  1 
ATOM   721  O OD1 . ASP A 1 96  ? -8.546  1.884   -15.096 1.00 15.20 ? 96  ASP A OD1 1 
ATOM   722  O OD2 . ASP A 1 96  ? -10.599 1.400   -14.503 1.00 18.39 ? 96  ASP A OD2 1 
ATOM   723  N N   . PHE A 1 97  ? -6.244  4.620   -14.140 1.00 8.87  ? 97  PHE A N   1 
ATOM   724  C CA  . PHE A 1 97  ? -5.453  5.522   -14.962 1.00 8.89  ? 97  PHE A CA  1 
ATOM   725  C C   . PHE A 1 97  ? -5.354  5.192   -16.438 1.00 8.66  ? 97  PHE A C   1 
ATOM   726  O O   . PHE A 1 97  ? -4.759  4.186   -16.830 1.00 8.93  ? 97  PHE A O   1 
ATOM   727  C CB  . PHE A 1 97  ? -4.056  5.634   -14.338 1.00 8.03  ? 97  PHE A CB  1 
ATOM   728  C CG  . PHE A 1 97  ? -3.367  6.928   -14.615 1.00 9.83  ? 97  PHE A CG  1 
ATOM   729  C CD1 . PHE A 1 97  ? -3.653  8.054   -13.859 1.00 8.83  ? 97  PHE A CD1 1 
ATOM   730  C CD2 . PHE A 1 97  ? -2.422  7.015   -15.631 1.00 13.51 ? 97  PHE A CD2 1 
ATOM   731  C CE1 . PHE A 1 97  ? -3.000  9.259   -14.109 1.00 13.48 ? 97  PHE A CE1 1 
ATOM   732  C CE2 . PHE A 1 97  ? -1.761  8.212   -15.890 1.00 15.33 ? 97  PHE A CE2 1 
ATOM   733  C CZ  . PHE A 1 97  ? -2.048  9.339   -15.127 1.00 12.26 ? 97  PHE A CZ  1 
ATOM   734  N N   . GLN A 1 98  ? -5.927  6.059   -17.256 1.00 8.04  ? 98  GLN A N   1 
ATOM   735  C CA  . GLN A 1 98  ? -5.885  5.864   -18.697 1.00 8.03  ? 98  GLN A CA  1 
ATOM   736  C C   . GLN A 1 98  ? -4.520  6.321   -19.228 1.00 8.49  ? 98  GLN A C   1 
ATOM   737  O O   . GLN A 1 98  ? -4.043  7.396   -18.876 1.00 8.63  ? 98  GLN A O   1 
ATOM   738  C CB  . GLN A 1 98  ? -7.010  6.671   -19.366 1.00 8.66  ? 98  GLN A CB  1 
ATOM   739  C CG  . GLN A 1 98  ? -7.189  6.390   -20.856 1.00 11.29 ? 98  GLN A CG  1 
ATOM   740  C CD  . GLN A 1 98  ? -8.171  7.346   -21.490 1.00 15.09 ? 98  GLN A CD  1 
ATOM   741  O OE1 . GLN A 1 98  ? -7.988  8.565   -21.422 1.00 15.35 ? 98  GLN A OE1 1 
ATOM   742  N NE2 . GLN A 1 98  ? -9.237  6.809   -22.079 1.00 11.57 ? 98  GLN A NE2 1 
ATOM   743  N N   . PRO A 1 99  ? -3.847  5.486   -20.037 1.00 9.24  ? 99  PRO A N   1 
ATOM   744  C CA  . PRO A 1 99  ? -4.245  4.160   -20.517 1.00 10.88 ? 99  PRO A CA  1 
ATOM   745  C C   . PRO A 1 99  ? -3.478  3.050   -19.809 1.00 12.89 ? 99  PRO A C   1 
ATOM   746  O O   . PRO A 1 99  ? -3.521  1.901   -20.232 1.00 14.45 ? 99  PRO A O   1 
ATOM   747  C CB  . PRO A 1 99  ? -3.834  4.208   -21.969 1.00 11.12 ? 99  PRO A CB  1 
ATOM   748  C CG  . PRO A 1 99  ? -2.507  4.913   -21.882 1.00 10.96 ? 99  PRO A CG  1 
ATOM   749  C CD  . PRO A 1 99  ? -2.729  6.014   -20.850 1.00 11.23 ? 99  PRO A CD  1 
ATOM   750  N N   . ASP A 1 100 ? -2.801  3.407   -18.726 1.00 14.34 ? 100 ASP A N   1 
ATOM   751  C CA  . ASP A 1 100 ? -1.977  2.473   -17.969 1.00 16.93 ? 100 ASP A CA  1 
ATOM   752  C C   . ASP A 1 100 ? -2.713  1.378   -17.237 1.00 16.74 ? 100 ASP A C   1 
ATOM   753  O O   . ASP A 1 100 ? -2.273  0.241   -17.258 1.00 21.09 ? 100 ASP A O   1 
ATOM   754  C CB  . ASP A 1 100 ? -1.097  3.232   -16.976 1.00 18.87 ? 100 ASP A CB  1 
ATOM   755  C CG  . ASP A 1 100 ? -0.224  4.256   -17.651 1.00 23.93 ? 100 ASP A CG  1 
ATOM   756  O OD1 . ASP A 1 100 ? 0.394   3.914   -18.676 1.00 28.18 ? 100 ASP A OD1 1 
ATOM   757  O OD2 . ASP A 1 100 ? -0.180  5.405   -17.184 1.00 29.72 ? 100 ASP A OD2 1 
ATOM   758  N N   . GLY A 1 101 ? -3.769  1.740   -16.521 1.00 14.10 ? 101 GLY A N   1 
ATOM   759  C CA  . GLY A 1 101 ? -4.536  0.773   -15.761 1.00 11.09 ? 101 GLY A CA  1 
ATOM   760  C C   . GLY A 1 101 ? -4.638  1.254   -14.325 1.00 10.10 ? 101 GLY A C   1 
ATOM   761  O O   . GLY A 1 101 ? -4.264  2.392   -14.028 1.00 7.37  ? 101 GLY A O   1 
ATOM   762  N N   . GLN A 1 102 ? -5.127  0.385   -13.438 1.00 7.68  ? 102 GLN A N   1 
ATOM   763  C CA  . GLN A 1 102 ? -5.270  0.722   -12.019 1.00 7.87  ? 102 GLN A CA  1 
ATOM   764  C C   . GLN A 1 102 ? -3.917  0.748   -11.317 1.00 5.55  ? 102 GLN A C   1 
ATOM   765  O O   . GLN A 1 102 ? -3.149  -0.219  -11.393 1.00 4.17  ? 102 GLN A O   1 
ATOM   766  C CB  . GLN A 1 102 ? -6.224  -0.256  -11.328 1.00 8.87  ? 102 GLN A CB  1 
ATOM   767  C CG  . GLN A 1 102 ? -7.579  -0.298  -12.010 1.00 16.34 ? 102 GLN A CG  1 
ATOM   768  C CD  . GLN A 1 102 ? -8.648  -1.064  -11.249 1.00 20.03 ? 102 GLN A CD  1 
ATOM   769  O OE1 . GLN A 1 102 ? -9.801  -1.082  -11.661 1.00 25.58 ? 102 GLN A OE1 1 
ATOM   770  N NE2 . GLN A 1 102 ? -8.283  -1.671  -10.131 1.00 22.53 ? 102 GLN A NE2 1 
ATOM   771  N N   . GLN A 1 103 ? -3.620  1.880   -10.683 1.00 6.16  ? 103 GLN A N   1 
ATOM   772  C CA  . GLN A 1 103 ? -2.349  2.094   -9.997  1.00 7.86  ? 103 GLN A CA  1 
ATOM   773  C C   . GLN A 1 103 ? -2.595  2.905   -8.759  1.00 4.95  ? 103 GLN A C   1 
ATOM   774  O O   . GLN A 1 103 ? -3.636  3.563   -8.642  1.00 5.94  ? 103 GLN A O   1 
ATOM   775  C CB  . GLN A 1 103 ? -1.399  2.897   -10.877 1.00 8.80  ? 103 GLN A CB  1 
ATOM   776  C CG  . GLN A 1 103 ? -1.419  2.507   -12.312 1.00 18.36 ? 103 GLN A CG  1 
ATOM   777  C CD  . GLN A 1 103 ? -0.336  3.186   -13.093 1.00 21.58 ? 103 GLN A CD  1 
ATOM   778  O OE1 . GLN A 1 103 ? -0.127  4.392   -12.974 1.00 21.51 ? 103 GLN A OE1 1 
ATOM   779  N NE2 . GLN A 1 103 ? 0.386   2.407   -13.892 1.00 26.94 ? 103 GLN A NE2 1 
ATOM   780  N N   . LEU A 1 104 ? -1.616  2.915   -7.861  1.00 4.72  ? 104 LEU A N   1 
ATOM   781  C CA  . LEU A 1 104 ? -1.751  3.673   -6.619  1.00 6.31  ? 104 LEU A CA  1 
ATOM   782  C C   . LEU A 1 104 ? -1.350  5.142   -6.763  1.00 5.82  ? 104 LEU A C   1 
ATOM   783  O O   . LEU A 1 104 ? -0.269  5.465   -7.252  1.00 5.29  ? 104 LEU A O   1 
ATOM   784  C CB  . LEU A 1 104 ? -0.958  3.033   -5.474  1.00 5.97  ? 104 LEU A CB  1 
ATOM   785  C CG  . LEU A 1 104 ? -1.248  1.577   -5.106  1.00 10.94 ? 104 LEU A CG  1 
ATOM   786  C CD1 . LEU A 1 104 ? -0.682  1.299   -3.729  1.00 11.12 ? 104 LEU A CD1 1 
ATOM   787  C CD2 . LEU A 1 104 ? -2.717  1.313   -5.107  1.00 13.48 ? 104 LEU A CD2 1 
ATOM   788  N N   . LYS A 1 105 ? -2.236  6.023   -6.316  1.00 4.67  ? 105 LYS A N   1 
ATOM   789  C CA  . LYS A 1 105 ? -2.006  7.455   -6.374  1.00 3.58  ? 105 LYS A CA  1 
ATOM   790  C C   . LYS A 1 105 ? -2.450  8.058   -5.052  1.00 5.47  ? 105 LYS A C   1 
ATOM   791  O O   . LYS A 1 105 ? -3.225  7.445   -4.300  1.00 6.49  ? 105 LYS A O   1 
ATOM   792  C CB  . LYS A 1 105 ? -2.863  8.089   -7.479  1.00 4.36  ? 105 LYS A CB  1 
ATOM   793  C CG  . LYS A 1 105 ? -2.627  7.577   -8.904  1.00 2.91  ? 105 LYS A CG  1 
ATOM   794  C CD  . LYS A 1 105 ? -1.312  8.098   -9.464  1.00 3.99  ? 105 LYS A CD  1 
ATOM   795  C CE  . LYS A 1 105 ? -1.295  8.008   -10.997 1.00 4.62  ? 105 LYS A CE  1 
ATOM   796  N NZ  . LYS A 1 105 ? 0.054   8.384   -11.517 1.00 3.85  ? 105 LYS A NZ  1 
ATOM   797  N N   . LEU A 1 106 ? -1.966  9.259   -4.762  1.00 5.24  ? 106 LEU A N   1 
ATOM   798  C CA  . LEU A 1 106 ? -2.405  9.955   -3.559  1.00 8.87  ? 106 LEU A CA  1 
ATOM   799  C C   . LEU A 1 106 ? -3.885  10.267  -3.828  1.00 9.59  ? 106 LEU A C   1 
ATOM   800  O O   . LEU A 1 106 ? -4.256  10.638  -4.948  1.00 8.82  ? 106 LEU A O   1 
ATOM   801  C CB  . LEU A 1 106 ? -1.621  11.253  -3.355  1.00 8.83  ? 106 LEU A CB  1 
ATOM   802  C CG  . LEU A 1 106 ? -0.146  11.100  -2.969  1.00 10.50 ? 106 LEU A CG  1 
ATOM   803  C CD1 . LEU A 1 106 ? 0.380   12.452  -2.535  1.00 12.05 ? 106 LEU A CD1 1 
ATOM   804  C CD2 . LEU A 1 106 ? 0.022   10.086  -1.849  1.00 6.91  ? 106 LEU A CD2 1 
ATOM   805  N N   . ALA A 1 107 ? -4.726  10.056  -2.824  1.00 8.05  ? 107 ALA A N   1 
ATOM   806  C CA  . ALA A 1 107 ? -6.161  10.280  -2.955  1.00 9.14  ? 107 ALA A CA  1 
ATOM   807  C C   . ALA A 1 107 ? -6.544  11.745  -3.051  1.00 9.29  ? 107 ALA A C   1 
ATOM   808  O O   . ALA A 1 107 ? -5.833  12.612  -2.538  1.00 11.96 ? 107 ALA A O   1 
ATOM   809  C CB  . ALA A 1 107 ? -6.887  9.654   -1.777  1.00 7.80  ? 107 ALA A CB  1 
ATOM   810  N N   . GLY A 1 108 ? -7.675  11.994  -3.707  1.00 10.91 ? 108 GLY A N   1 
ATOM   811  C CA  . GLY A 1 108 ? -8.223  13.332  -3.833  1.00 13.39 ? 108 GLY A CA  1 
ATOM   812  C C   . GLY A 1 108 ? -7.661  14.226  -4.899  1.00 13.35 ? 108 GLY A C   1 
ATOM   813  O O   . GLY A 1 108 ? -7.945  15.414  -4.898  1.00 15.76 ? 108 GLY A O   1 
ATOM   814  N N   . ARG A 1 109 ? -6.884  13.663  -5.810  1.00 13.77 ? 109 ARG A N   1 
ATOM   815  C CA  . ARG A 1 109 ? -6.273  14.447  -6.878  1.00 15.61 ? 109 ARG A CA  1 
ATOM   816  C C   . ARG A 1 109 ? -6.864  14.058  -8.233  1.00 14.22 ? 109 ARG A C   1 
ATOM   817  O O   . ARG A 1 109 ? -7.230  14.923  -9.020  1.00 18.69 ? 109 ARG A O   1 
ATOM   818  C CB  . ARG A 1 109 ? -4.751  14.255  -6.884  1.00 18.88 ? 109 ARG A CB  1 
ATOM   819  C CG  . ARG A 1 109 ? -4.098  14.202  -5.503  1.00 25.29 ? 109 ARG A CG  1 
ATOM   820  C CD  . ARG A 1 109 ? -4.214  15.516  -4.752  1.00 28.62 ? 109 ARG A CD  1 
ATOM   821  N NE  . ARG A 1 109 ? -2.996  15.816  -3.993  1.00 35.24 ? 109 ARG A NE  1 
ATOM   822  C CZ  . ARG A 1 109 ? -2.683  15.314  -2.796  1.00 36.87 ? 109 ARG A CZ  1 
ATOM   823  N NH1 . ARG A 1 109 ? -3.497  14.464  -2.173  1.00 35.28 ? 109 ARG A NH1 1 
ATOM   824  N NH2 . ARG A 1 109 ? -1.537  15.667  -2.221  1.00 36.16 ? 109 ARG A NH2 1 
ATOM   825  N N   . TYR A 1 110 ? -6.960  12.764  -8.507  1.00 10.82 ? 110 TYR A N   1 
ATOM   826  C CA  . TYR A 1 110 ? -7.535  12.275  -9.758  1.00 10.92 ? 110 TYR A CA  1 
ATOM   827  C C   . TYR A 1 110 ? -8.995  11.972  -9.549  1.00 12.02 ? 110 TYR A C   1 
ATOM   828  O O   . TYR A 1 110 ? -9.381  11.450  -8.499  1.00 11.97 ? 110 TYR A O   1 
ATOM   829  C CB  . TYR A 1 110 ? -6.832  11.008  -10.220 1.00 7.96  ? 110 TYR A CB  1 
ATOM   830  C CG  . TYR A 1 110 ? -5.445  11.287  -10.715 1.00 8.96  ? 110 TYR A CG  1 
ATOM   831  C CD1 . TYR A 1 110 ? -5.248  11.851  -11.970 1.00 9.20  ? 110 TYR A CD1 1 
ATOM   832  C CD2 . TYR A 1 110 ? -4.331  10.992  -9.935  1.00 7.28  ? 110 TYR A CD2 1 
ATOM   833  C CE1 . TYR A 1 110 ? -3.991  12.117  -12.437 1.00 11.20 ? 110 TYR A CE1 1 
ATOM   834  C CE2 . TYR A 1 110 ? -3.053  11.255  -10.392 1.00 7.61  ? 110 TYR A CE2 1 
ATOM   835  C CZ  . TYR A 1 110 ? -2.896  11.814  -11.645 1.00 11.72 ? 110 TYR A CZ  1 
ATOM   836  O OH  . TYR A 1 110 ? -1.647  12.087  -12.119 1.00 12.40 ? 110 TYR A OH  1 
ATOM   837  N N   . PRO A 1 111 ? -9.832  12.267  -10.551 1.00 12.50 ? 111 PRO A N   1 
ATOM   838  C CA  . PRO A 1 111 ? -11.257 11.990  -10.379 1.00 12.70 ? 111 PRO A CA  1 
ATOM   839  C C   . PRO A 1 111 ? -11.636 10.512  -10.514 1.00 12.85 ? 111 PRO A C   1 
ATOM   840  O O   . PRO A 1 111 ? -12.597 10.062  -9.887  1.00 15.69 ? 111 PRO A O   1 
ATOM   841  C CB  . PRO A 1 111 ? -11.897 12.857  -11.468 1.00 11.49 ? 111 PRO A CB  1 
ATOM   842  C CG  . PRO A 1 111 ? -10.867 12.818  -12.580 1.00 11.05 ? 111 PRO A CG  1 
ATOM   843  C CD  . PRO A 1 111 ? -9.571  12.976  -11.822 1.00 12.11 ? 111 PRO A CD  1 
ATOM   844  N N   . ASN A 1 112 ? -10.870 9.763   -11.297 1.00 11.09 ? 112 ASN A N   1 
ATOM   845  C CA  . ASN A 1 112 ? -11.156 8.341   -11.550 1.00 11.65 ? 112 ASN A CA  1 
ATOM   846  C C   . ASN A 1 112 ? -10.662 7.315   -10.513 1.00 10.81 ? 112 ASN A C   1 
ATOM   847  O O   . ASN A 1 112 ? -10.012 6.322   -10.856 1.00 10.07 ? 112 ASN A O   1 
ATOM   848  C CB  . ASN A 1 112 ? -10.733 7.932   -12.986 1.00 12.58 ? 112 ASN A CB  1 
ATOM   849  C CG  . ASN A 1 112 ? -9.380  8.541   -13.432 1.00 16.28 ? 112 ASN A CG  1 
ATOM   850  O OD1 . ASN A 1 112 ? -8.909  9.548   -12.877 1.00 16.51 ? 112 ASN A OD1 1 
ATOM   851  N ND2 . ASN A 1 112 ? -8.776  7.945   -14.461 1.00 14.81 ? 112 ASN A ND2 1 
ATOM   852  N N   . GLN A 1 113 ? -11.006 7.548   -9.246  1.00 12.87 ? 113 GLN A N   1 
ATOM   853  C CA  . GLN A 1 113 ? -10.619 6.649   -8.157  1.00 11.80 ? 113 GLN A CA  1 
ATOM   854  C C   . GLN A 1 113 ? -11.600 5.496   -8.043  1.00 11.59 ? 113 GLN A C   1 
ATOM   855  O O   . GLN A 1 113 ? -12.806 5.663   -8.260  1.00 14.00 ? 113 GLN A O   1 
ATOM   856  C CB  . GLN A 1 113 ? -10.557 7.398   -6.827  1.00 12.67 ? 113 GLN A CB  1 
ATOM   857  C CG  . GLN A 1 113 ? -9.340  8.273   -6.678  1.00 17.63 ? 113 GLN A CG  1 
ATOM   858  C CD  . GLN A 1 113 ? -9.344  9.110   -5.408  1.00 19.87 ? 113 GLN A CD  1 
ATOM   859  O OE1 . GLN A 1 113 ? -8.688  10.136  -5.348  1.00 22.59 ? 113 GLN A OE1 1 
ATOM   860  N NE2 . GLN A 1 113 ? -10.058 8.658   -4.382  1.00 21.74 ? 113 GLN A NE2 1 
ATOM   861  N N   . VAL A 1 114 ? -11.076 4.334   -7.690  1.00 9.35  ? 114 VAL A N   1 
ATOM   862  C CA  . VAL A 1 114 ? -11.861 3.123   -7.525  1.00 8.48  ? 114 VAL A CA  1 
ATOM   863  C C   . VAL A 1 114 ? -12.200 2.944   -6.044  1.00 9.07  ? 114 VAL A C   1 
ATOM   864  O O   . VAL A 1 114 ? -11.302 2.947   -5.202  1.00 10.80 ? 114 VAL A O   1 
ATOM   865  C CB  . VAL A 1 114 ? -11.042 1.909   -7.995  1.00 11.18 ? 114 VAL A CB  1 
ATOM   866  C CG1 . VAL A 1 114 ? -11.879 0.614   -7.886  1.00 9.18  ? 114 VAL A CG1 1 
ATOM   867  C CG2 . VAL A 1 114 ? -10.548 2.146   -9.420  1.00 12.92 ? 114 VAL A CG2 1 
ATOM   868  N N   . LYS A 1 115 ? -13.485 2.812   -5.721  1.00 8.03  ? 115 LYS A N   1 
ATOM   869  C CA  . LYS A 1 115 ? -13.886 2.626   -4.335  1.00 8.04  ? 115 LYS A CA  1 
ATOM   870  C C   . LYS A 1 115 ? -13.531 1.205   -3.903  1.00 6.91  ? 115 LYS A C   1 
ATOM   871  O O   . LYS A 1 115 ? -13.792 0.251   -4.623  1.00 7.38  ? 115 LYS A O   1 
ATOM   872  C CB  . LYS A 1 115 ? -15.380 2.857   -4.190  1.00 10.01 ? 115 LYS A CB  1 
ATOM   873  C CG  . LYS A 1 115 ? -15.769 4.313   -4.282  1.00 14.42 ? 115 LYS A CG  1 
ATOM   874  N N   . GLY A 1 116 ? -12.925 1.074   -2.733  1.00 8.04  ? 116 GLY A N   1 
ATOM   875  C CA  . GLY A 1 116 ? -12.543 -0.232  -2.245  1.00 5.39  ? 116 GLY A CA  1 
ATOM   876  C C   . GLY A 1 116 ? -11.616 -0.054  -1.076  1.00 7.29  ? 116 GLY A C   1 
ATOM   877  O O   . GLY A 1 116 ? -11.371 1.077   -0.644  1.00 8.61  ? 116 GLY A O   1 
ATOM   878  N N   . ALA A 1 117 ? -11.055 -1.153  -0.595  1.00 6.55  ? 117 ALA A N   1 
ATOM   879  C CA  . ALA A 1 117 ? -10.159 -1.121  0.553   1.00 7.46  ? 117 ALA A CA  1 
ATOM   880  C C   . ALA A 1 117 ? -9.008  -2.056  0.293   1.00 6.70  ? 117 ALA A C   1 
ATOM   881  O O   . ALA A 1 117 ? -9.079  -2.888  -0.604  1.00 7.38  ? 117 ALA A O   1 
ATOM   882  C CB  . ALA A 1 117 ? -10.907 -1.566  1.831   1.00 5.05  ? 117 ALA A CB  1 
ATOM   883  N N   . PHE A 1 118 ? -7.960  -1.924  1.097   1.00 6.37  ? 118 PHE A N   1 
ATOM   884  C CA  . PHE A 1 118 ? -6.778  -2.761  0.984   1.00 5.38  ? 118 PHE A CA  1 
ATOM   885  C C   . PHE A 1 118 ? -6.884  -3.871  2.004   1.00 5.06  ? 118 PHE A C   1 
ATOM   886  O O   . PHE A 1 118 ? -7.578  -3.701  2.994   1.00 5.30  ? 118 PHE A O   1 
ATOM   887  C CB  . PHE A 1 118 ? -5.526  -1.931  1.290   1.00 6.52  ? 118 PHE A CB  1 
ATOM   888  C CG  . PHE A 1 118 ? -5.244  -0.871  0.270   1.00 6.60  ? 118 PHE A CG  1 
ATOM   889  C CD1 . PHE A 1 118 ? -4.586  -1.190  -0.906  1.00 7.12  ? 118 PHE A CD1 1 
ATOM   890  C CD2 . PHE A 1 118 ? -5.681  0.432   0.462   1.00 6.24  ? 118 PHE A CD2 1 
ATOM   891  C CE1 . PHE A 1 118 ? -4.365  -0.219  -1.888  1.00 7.95  ? 118 PHE A CE1 1 
ATOM   892  C CE2 . PHE A 1 118 ? -5.467  1.403   -0.508  1.00 8.34  ? 118 PHE A CE2 1 
ATOM   893  C CZ  . PHE A 1 118 ? -4.807  1.074   -1.691  1.00 6.90  ? 118 PHE A CZ  1 
ATOM   894  N N   . THR A 1 119 ? -6.285  -5.030  1.725   1.00 5.81  ? 119 THR A N   1 
ATOM   895  C CA  . THR A 1 119 ? -6.253  -6.140  2.703   1.00 6.29  ? 119 THR A CA  1 
ATOM   896  C C   . THR A 1 119 ? -4.840  -6.727  2.693   1.00 7.04  ? 119 THR A C   1 
ATOM   897  O O   . THR A 1 119 ? -4.047  -6.460  1.776   1.00 6.56  ? 119 THR A O   1 
ATOM   898  C CB  . THR A 1 119 ? -7.288  -7.281  2.428   1.00 3.32  ? 119 THR A CB  1 
ATOM   899  O OG1 . THR A 1 119 ? -6.980  -7.943  1.204   1.00 7.22  ? 119 THR A OG1 1 
ATOM   900  C CG2 . THR A 1 119 ? -8.690  -6.747  2.358   1.00 6.18  ? 119 THR A CG2 1 
ATOM   901  N N   . ILE A 1 120 ? -4.528  -7.529  3.699   1.00 4.86  ? 120 ILE A N   1 
ATOM   902  C CA  . ILE A 1 120 ? -3.209  -8.143  3.812   1.00 3.18  ? 120 ILE A CA  1 
ATOM   903  C C   . ILE A 1 120 ? -3.369  -9.650  3.930   1.00 5.64  ? 120 ILE A C   1 
ATOM   904  O O   . ILE A 1 120 ? -4.291  -10.120 4.609   1.00 6.69  ? 120 ILE A O   1 
ATOM   905  C CB  . ILE A 1 120 ? -2.489  -7.669  5.110   1.00 3.35  ? 120 ILE A CB  1 
ATOM   906  C CG1 . ILE A 1 120 ? -2.231  -6.159  5.074   1.00 5.10  ? 120 ILE A CG1 1 
ATOM   907  C CG2 . ILE A 1 120 ? -1.203  -8.445  5.306   1.00 3.97  ? 120 ILE A CG2 1 
ATOM   908  C CD1 . ILE A 1 120 ? -1.846  -5.543  6.416   1.00 4.55  ? 120 ILE A CD1 1 
ATOM   909  N N   . GLN A 1 121 ? -2.495  -10.400 3.260   1.00 4.19  ? 121 GLN A N   1 
ATOM   910  C CA  . GLN A 1 121 ? -2.487  -11.861 3.325   1.00 5.44  ? 121 GLN A CA  1 
ATOM   911  C C   . GLN A 1 121 ? -1.034  -12.289 3.394   1.00 5.82  ? 121 GLN A C   1 
ATOM   912  O O   . GLN A 1 121 ? -0.158  -11.510 3.030   1.00 4.68  ? 121 GLN A O   1 
ATOM   913  C CB  . GLN A 1 121 ? -3.079  -12.477 2.071   1.00 5.51  ? 121 GLN A CB  1 
ATOM   914  C CG  . GLN A 1 121 ? -4.563  -12.503 2.023   1.00 5.71  ? 121 GLN A CG  1 
ATOM   915  C CD  . GLN A 1 121 ? -5.066  -13.386 0.918   1.00 6.65  ? 121 GLN A CD  1 
ATOM   916  O OE1 . GLN A 1 121 ? -4.291  -13.960 0.152   1.00 10.09 ? 121 GLN A OE1 1 
ATOM   917  N NE2 . GLN A 1 121 ? -6.365  -13.477 0.797   1.00 6.94  ? 121 GLN A NE2 1 
ATOM   918  N N   . LYS A 1 122 ? -0.765  -13.501 3.880   1.00 7.31  ? 122 LYS A N   1 
ATOM   919  C CA  . LYS A 1 122 ? 0.601   -14.015 3.938   1.00 9.72  ? 122 LYS A CA  1 
ATOM   920  C C   . LYS A 1 122 ? 1.157   -13.938 2.529   1.00 10.56 ? 122 LYS A C   1 
ATOM   921  O O   . LYS A 1 122 ? 0.471   -14.311 1.577   1.00 11.33 ? 122 LYS A O   1 
ATOM   922  C CB  . LYS A 1 122 ? 0.617   -15.473 4.378   1.00 13.65 ? 122 LYS A CB  1 
ATOM   923  C CG  . LYS A 1 122 ? 0.363   -15.648 5.835   1.00 18.91 ? 122 LYS A CG  1 
ATOM   924  C CD  . LYS A 1 122 ? 0.387   -17.111 6.226   1.00 17.69 ? 122 LYS A CD  1 
ATOM   925  C CE  . LYS A 1 122 ? -0.122  -17.275 7.657   1.00 21.18 ? 122 LYS A CE  1 
ATOM   926  N NZ  . LYS A 1 122 ? -1.585  -16.942 7.792   1.00 19.09 ? 122 LYS A NZ  1 
ATOM   927  N N   . GLY A 1 123 ? 2.393   -13.473 2.402   1.00 10.64 ? 123 GLY A N   1 
ATOM   928  C CA  . GLY A 1 123 ? 3.004   -13.308 1.096   1.00 14.52 ? 123 GLY A CA  1 
ATOM   929  C C   . GLY A 1 123 ? 3.897   -14.436 0.626   1.00 18.06 ? 123 GLY A C   1 
ATOM   930  O O   . GLY A 1 123 ? 4.087   -14.594 -0.582  1.00 19.30 ? 123 GLY A O   1 
ATOM   931  N N   . SER A 1 124 ? 4.486   -15.187 1.555   1.00 17.77 ? 124 SER A N   1 
ATOM   932  C CA  . SER A 1 124 ? 5.354   -16.305 1.192   1.00 20.75 ? 124 SER A CA  1 
ATOM   933  C C   . SER A 1 124 ? 5.470   -17.286 2.340   1.00 22.56 ? 124 SER A C   1 
ATOM   934  O O   . SER A 1 124 ? 4.851   -17.122 3.396   1.00 21.75 ? 124 SER A O   1 
ATOM   935  C CB  . SER A 1 124 ? 6.757   -15.822 0.778   1.00 17.99 ? 124 SER A CB  1 
ATOM   936  O OG  . SER A 1 124 ? 7.543   -15.405 1.884   1.00 16.23 ? 124 SER A OG  1 
ATOM   937  N N   . ASN A 1 125 ? 6.270   -18.315 2.126   1.00 26.21 ? 125 ASN A N   1 
ATOM   938  C CA  . ASN A 1 125 ? 6.464   -19.312 3.160   1.00 32.12 ? 125 ASN A CA  1 
ATOM   939  C C   . ASN A 1 125 ? 7.344   -18.728 4.269   1.00 30.88 ? 125 ASN A C   1 
ATOM   940  O O   . ASN A 1 125 ? 7.305   -19.184 5.417   1.00 34.79 ? 125 ASN A O   1 
ATOM   941  C CB  . ASN A 1 125 ? 7.028   -20.612 2.562   1.00 38.61 ? 125 ASN A CB  1 
ATOM   942  C CG  . ASN A 1 125 ? 5.978   -21.385 1.760   1.00 45.03 ? 125 ASN A CG  1 
ATOM   943  O OD1 . ASN A 1 125 ? 4.774   -21.192 1.950   1.00 47.67 ? 125 ASN A OD1 1 
ATOM   944  N ND2 . ASN A 1 125 ? 6.428   -22.249 0.852   1.00 50.45 ? 125 ASN A ND2 1 
ATOM   945  N N   . THR A 1 126 ? 8.122   -17.707 3.923   1.00 27.22 ? 126 THR A N   1 
ATOM   946  C CA  . THR A 1 126 ? 8.964   -17.043 4.901   1.00 25.01 ? 126 THR A CA  1 
ATOM   947  C C   . THR A 1 126 ? 8.044   -16.335 5.902   1.00 22.72 ? 126 THR A C   1 
ATOM   948  O O   . THR A 1 126 ? 7.141   -15.597 5.518   1.00 20.89 ? 126 THR A O   1 
ATOM   949  C CB  . THR A 1 126 ? 9.865   -15.999 4.238   1.00 25.51 ? 126 THR A CB  1 
ATOM   950  O OG1 . THR A 1 126 ? 10.603  -16.623 3.180   1.00 27.50 ? 126 THR A OG1 1 
ATOM   951  C CG2 . THR A 1 126 ? 10.830  -15.402 5.255   1.00 25.17 ? 126 THR A CG2 1 
ATOM   952  N N   . PRO A 1 127 ? 8.259   -16.580 7.201   1.00 20.91 ? 127 PRO A N   1 
ATOM   953  C CA  . PRO A 1 127 ? 7.463   -15.980 8.274   1.00 17.03 ? 127 PRO A CA  1 
ATOM   954  C C   . PRO A 1 127 ? 7.504   -14.458 8.277   1.00 12.71 ? 127 PRO A C   1 
ATOM   955  O O   . PRO A 1 127 ? 8.533   -13.858 7.961   1.00 10.64 ? 127 PRO A O   1 
ATOM   956  C CB  . PRO A 1 127 ? 8.133   -16.524 9.534   1.00 20.26 ? 127 PRO A CB  1 
ATOM   957  C CG  . PRO A 1 127 ? 8.682   -17.843 9.073   1.00 24.01 ? 127 PRO A CG  1 
ATOM   958  C CD  . PRO A 1 127 ? 9.277   -17.490 7.748   1.00 19.88 ? 127 PRO A CD  1 
ATOM   959  N N   . ARG A 1 128 ? 6.389   -13.854 8.677   1.00 10.41 ? 128 ARG A N   1 
ATOM   960  C CA  . ARG A 1 128 ? 6.261   -12.400 8.767   1.00 11.93 ? 128 ARG A CA  1 
ATOM   961  C C   . ARG A 1 128 ? 6.379   -11.683 7.421   1.00 11.54 ? 128 ARG A C   1 
ATOM   962  O O   . ARG A 1 128 ? 6.729   -10.495 7.366   1.00 10.93 ? 128 ARG A O   1 
ATOM   963  C CB  . ARG A 1 128 ? 7.272   -11.831 9.780   1.00 12.74 ? 128 ARG A CB  1 
ATOM   964  C CG  . ARG A 1 128 ? 7.232   -12.504 11.145  1.00 13.50 ? 128 ARG A CG  1 
ATOM   965  C CD  . ARG A 1 128 ? 8.448   -12.161 12.002  1.00 16.42 ? 128 ARG A CD  1 
ATOM   966  N NE  . ARG A 1 128 ? 8.492   -13.005 13.195  1.00 22.63 ? 128 ARG A NE  1 
ATOM   967  C CZ  . ARG A 1 128 ? 9.458   -12.992 14.116  1.00 25.87 ? 128 ARG A CZ  1 
ATOM   968  N NH1 . ARG A 1 128 ? 10.499  -12.176 14.005  1.00 25.55 ? 128 ARG A NH1 1 
ATOM   969  N NH2 . ARG A 1 128 ? 9.357   -13.771 15.188  1.00 24.96 ? 128 ARG A NH2 1 
ATOM   970  N N   . THR A 1 129 ? 6.139   -12.416 6.338   1.00 9.32  ? 129 THR A N   1 
ATOM   971  C CA  . THR A 1 129 ? 6.158   -11.813 5.019   1.00 10.02 ? 129 THR A CA  1 
ATOM   972  C C   . THR A 1 129 ? 4.688   -11.764 4.531   1.00 8.99  ? 129 THR A C   1 
ATOM   973  O O   . THR A 1 129 ? 3.921   -12.719 4.709   1.00 7.65  ? 129 THR A O   1 
ATOM   974  C CB  . THR A 1 129 ? 7.083   -12.559 4.025   1.00 6.70  ? 129 THR A CB  1 
ATOM   975  O OG1 . THR A 1 129 ? 6.590   -13.879 3.796   1.00 7.84  ? 129 THR A OG1 1 
ATOM   976  C CG2 . THR A 1 129 ? 8.510   -12.608 4.554   1.00 9.45  ? 129 THR A CG2 1 
ATOM   977  N N   . TYR A 1 130 ? 4.301   -10.646 3.925   1.00 7.80  ? 130 TYR A N   1 
ATOM   978  C CA  . TYR A 1 130 ? 2.932   -10.439 3.474   1.00 6.29  ? 130 TYR A CA  1 
ATOM   979  C C   . TYR A 1 130 ? 2.833   -9.821  2.098   1.00 6.56  ? 130 TYR A C   1 
ATOM   980  O O   . TYR A 1 130 ? 3.825   -9.407  1.523   1.00 7.52  ? 130 TYR A O   1 
ATOM   981  C CB  . TYR A 1 130 ? 2.239   -9.502  4.469   1.00 4.48  ? 130 TYR A CB  1 
ATOM   982  C CG  . TYR A 1 130 ? 2.150   -10.127 5.817   1.00 4.55  ? 130 TYR A CG  1 
ATOM   983  C CD1 . TYR A 1 130 ? 1.100   -10.980 6.122   1.00 4.69  ? 130 TYR A CD1 1 
ATOM   984  C CD2 . TYR A 1 130 ? 3.171   -9.965  6.747   1.00 4.74  ? 130 TYR A CD2 1 
ATOM   985  C CE1 . TYR A 1 130 ? 1.057   -11.663 7.319   1.00 5.82  ? 130 TYR A CE1 1 
ATOM   986  C CE2 . TYR A 1 130 ? 3.146   -10.646 7.964   1.00 6.20  ? 130 TYR A CE2 1 
ATOM   987  C CZ  . TYR A 1 130 ? 2.082   -11.497 8.238   1.00 7.03  ? 130 TYR A CZ  1 
ATOM   988  O OH  . TYR A 1 130 ? 2.017   -12.158 9.436   1.00 7.92  ? 130 TYR A OH  1 
ATOM   989  N N   . LYS A 1 131 ? 1.616   -9.772  1.574   1.00 7.74  ? 131 LYS A N   1 
ATOM   990  C CA  . LYS A 1 131 ? 1.350   -9.135  0.289   1.00 8.24  ? 131 LYS A CA  1 
ATOM   991  C C   . LYS A 1 131 ? 0.116   -8.291  0.523   1.00 7.90  ? 131 LYS A C   1 
ATOM   992  O O   . LYS A 1 131 ? -0.651  -8.546  1.458   1.00 7.19  ? 131 LYS A O   1 
ATOM   993  C CB  . LYS A 1 131 ? 1.107   -10.155 -0.824  1.00 6.82  ? 131 LYS A CB  1 
ATOM   994  C CG  . LYS A 1 131 ? -0.115  -10.991 -0.648  1.00 9.42  ? 131 LYS A CG  1 
ATOM   995  C CD  . LYS A 1 131 ? -0.295  -11.878 -1.836  1.00 11.22 ? 131 LYS A CD  1 
ATOM   996  C CE  . LYS A 1 131 ? -1.384  -12.873 -1.576  1.00 15.49 ? 131 LYS A CE  1 
ATOM   997  N NZ  . LYS A 1 131 ? -1.705  -13.639 -2.805  1.00 23.53 ? 131 LYS A NZ  1 
ATOM   998  N N   . LEU A 1 132 ? -0.049  -7.262  -0.303  1.00 8.41  ? 132 LEU A N   1 
ATOM   999  C CA  . LEU A 1 132 ? -1.185  -6.337  -0.205  1.00 8.05  ? 132 LEU A CA  1 
ATOM   1000 C C   . LEU A 1 132 ? -2.144  -6.579  -1.365  1.00 6.44  ? 132 LEU A C   1 
ATOM   1001 O O   . LEU A 1 132 ? -1.713  -6.863  -2.478  1.00 7.38  ? 132 LEU A O   1 
ATOM   1002 C CB  . LEU A 1 132 ? -0.678  -4.887  -0.229  1.00 8.72  ? 132 LEU A CB  1 
ATOM   1003 C CG  . LEU A 1 132 ? 0.300   -4.465  0.874   1.00 14.73 ? 132 LEU A CG  1 
ATOM   1004 C CD1 . LEU A 1 132 ? 0.735   -3.015  0.661   1.00 17.79 ? 132 LEU A CD1 1 
ATOM   1005 C CD2 . LEU A 1 132 ? -0.331  -4.625  2.237   1.00 16.25 ? 132 LEU A CD2 1 
ATOM   1006 N N   . LEU A 1 133 ? -3.439  -6.514  -1.096  1.00 6.50  ? 133 LEU A N   1 
ATOM   1007 C CA  . LEU A 1 133 ? -4.421  -6.713  -2.142  1.00 4.96  ? 133 LEU A CA  1 
ATOM   1008 C C   . LEU A 1 133 ? -5.351  -5.514  -2.112  1.00 3.92  ? 133 LEU A C   1 
ATOM   1009 O O   . LEU A 1 133 ? -5.379  -4.764  -1.137  1.00 4.39  ? 133 LEU A O   1 
ATOM   1010 C CB  . LEU A 1 133 ? -5.227  -8.001  -1.905  1.00 7.49  ? 133 LEU A CB  1 
ATOM   1011 C CG  . LEU A 1 133 ? -4.445  -9.335  -1.876  1.00 8.18  ? 133 LEU A CG  1 
ATOM   1012 C CD1 . LEU A 1 133 ? -4.279  -9.814  -0.473  1.00 10.04 ? 133 LEU A CD1 1 
ATOM   1013 C CD2 . LEU A 1 133 ? -5.121  -10.367 -2.699  1.00 11.33 ? 133 LEU A CD2 1 
ATOM   1014 N N   . PHE A 1 134 ? -6.038  -5.281  -3.214  1.00 4.90  ? 134 PHE A N   1 
ATOM   1015 C CA  . PHE A 1 134 ? -7.011  -4.208  -3.265  1.00 5.01  ? 134 PHE A CA  1 
ATOM   1016 C C   . PHE A 1 134 ? -8.328  -4.879  -3.598  1.00 5.08  ? 134 PHE A C   1 
ATOM   1017 O O   . PHE A 1 134 ? -8.442  -5.630  -4.568  1.00 5.41  ? 134 PHE A O   1 
ATOM   1018 C CB  . PHE A 1 134 ? -6.674  -3.136  -4.307  1.00 7.26  ? 134 PHE A CB  1 
ATOM   1019 C CG  . PHE A 1 134 ? -7.715  -2.070  -4.397  1.00 7.47  ? 134 PHE A CG  1 
ATOM   1020 C CD1 . PHE A 1 134 ? -7.853  -1.139  -3.380  1.00 8.66  ? 134 PHE A CD1 1 
ATOM   1021 C CD2 . PHE A 1 134 ? -8.588  -2.019  -5.479  1.00 8.56  ? 134 PHE A CD2 1 
ATOM   1022 C CE1 . PHE A 1 134 ? -8.858  -0.167  -3.432  1.00 8.93  ? 134 PHE A CE1 1 
ATOM   1023 C CE2 . PHE A 1 134 ? -9.596  -1.049  -5.535  1.00 9.53  ? 134 PHE A CE2 1 
ATOM   1024 C CZ  . PHE A 1 134 ? -9.730  -0.128  -4.510  1.00 7.47  ? 134 PHE A CZ  1 
ATOM   1025 N N   . CYS A 1 135 ? -9.326  -4.596  -2.781  1.00 5.00  ? 135 CYS A N   1 
ATOM   1026 C CA  . CYS A 1 135 ? -10.634 -5.200  -2.948  1.00 6.67  ? 135 CYS A CA  1 
ATOM   1027 C C   . CYS A 1 135 ? -11.648 -4.125  -3.239  1.00 4.82  ? 135 CYS A C   1 
ATOM   1028 O O   . CYS A 1 135 ? -12.119 -3.443  -2.340  1.00 5.98  ? 135 CYS A O   1 
ATOM   1029 C CB  . CYS A 1 135 ? -11.022 -5.957  -1.670  1.00 6.25  ? 135 CYS A CB  1 
ATOM   1030 S SG  . CYS A 1 135 ? -9.864  -7.304  -1.219  1.00 7.94  ? 135 CYS A SG  1 
ATOM   1031 N N   . PRO A 1 136 ? -11.969 -3.927  -4.523  1.00 8.17  ? 136 PRO A N   1 
ATOM   1032 C CA  . PRO A 1 136 ? -12.950 -2.906  -4.888  1.00 9.33  ? 136 PRO A CA  1 
ATOM   1033 C C   . PRO A 1 136 ? -14.309 -3.333  -4.390  1.00 11.77 ? 136 PRO A C   1 
ATOM   1034 O O   . PRO A 1 136 ? -14.548 -4.527  -4.160  1.00 10.32 ? 136 PRO A O   1 
ATOM   1035 C CB  . PRO A 1 136 ? -12.889 -2.888  -6.411  1.00 9.81  ? 136 PRO A CB  1 
ATOM   1036 C CG  . PRO A 1 136 ? -12.388 -4.239  -6.773  1.00 14.43 ? 136 PRO A CG  1 
ATOM   1037 C CD  . PRO A 1 136 ? -11.372 -4.544  -5.719  1.00 8.24  ? 136 PRO A CD  1 
ATOM   1038 N N   . VAL A 1 137 ? -15.193 -2.361  -4.180  1.00 12.29 ? 137 VAL A N   1 
ATOM   1039 C CA  . VAL A 1 137 ? -16.535 -2.673  -3.715  1.00 15.40 ? 137 VAL A CA  1 
ATOM   1040 C C   . VAL A 1 137 ? -17.281 -3.460  -4.788  1.00 18.26 ? 137 VAL A C   1 
ATOM   1041 O O   . VAL A 1 137 ? -17.290 -3.077  -5.963  1.00 19.66 ? 137 VAL A O   1 
ATOM   1042 C CB  . VAL A 1 137 ? -17.317 -1.411  -3.335  1.00 15.43 ? 137 VAL A CB  1 
ATOM   1043 C CG1 . VAL A 1 137 ? -18.744 -1.781  -2.963  1.00 18.17 ? 137 VAL A CG1 1 
ATOM   1044 C CG2 . VAL A 1 137 ? -16.654 -0.737  -2.162  1.00 13.79 ? 137 VAL A CG2 1 
ATOM   1045 N N   . GLY A 1 138 ? -17.829 -4.600  -4.371  1.00 21.98 ? 138 GLY A N   1 
ATOM   1046 C CA  . GLY A 1 138 ? -18.584 -5.474  -5.261  1.00 26.81 ? 138 GLY A CA  1 
ATOM   1047 C C   . GLY A 1 138 ? -17.791 -6.168  -6.358  1.00 29.17 ? 138 GLY A C   1 
ATOM   1048 O O   . GLY A 1 138 ? -18.343 -6.504  -7.410  1.00 31.37 ? 138 GLY A O   1 
ATOM   1049 N N   . SER A 1 139 ? -16.523 -6.457  -6.093  1.00 26.75 ? 139 SER A N   1 
ATOM   1050 C CA  . SER A 1 139 ? -15.680 -7.092  -7.087  1.00 23.41 ? 139 SER A CA  1 
ATOM   1051 C C   . SER A 1 139 ? -14.598 -7.936  -6.392  1.00 19.55 ? 139 SER A C   1 
ATOM   1052 O O   . SER A 1 139 ? -14.300 -7.730  -5.209  1.00 16.37 ? 139 SER A O   1 
ATOM   1053 C CB  . SER A 1 139 ? -15.054 -5.998  -7.963  1.00 25.73 ? 139 SER A CB  1 
ATOM   1054 O OG  . SER A 1 139 ? -14.282 -6.518  -9.031  1.00 32.51 ? 139 SER A OG  1 
ATOM   1055 N N   . PRO A 1 140 ? -14.076 -8.966  -7.091  1.00 16.34 ? 140 PRO A N   1 
ATOM   1056 C CA  . PRO A 1 140 ? -13.036 -9.802  -6.482  1.00 12.51 ? 140 PRO A CA  1 
ATOM   1057 C C   . PRO A 1 140 ? -11.781 -8.957  -6.241  1.00 8.73  ? 140 PRO A C   1 
ATOM   1058 O O   . PRO A 1 140 ? -11.563 -7.944  -6.903  1.00 6.92  ? 140 PRO A O   1 
ATOM   1059 C CB  . PRO A 1 140 ? -12.778 -10.874 -7.548  1.00 12.36 ? 140 PRO A CB  1 
ATOM   1060 C CG  . PRO A 1 140 ? -14.077 -10.943 -8.301  1.00 16.12 ? 140 PRO A CG  1 
ATOM   1061 C CD  . PRO A 1 140 ? -14.459 -9.483  -8.417  1.00 15.80 ? 140 PRO A CD  1 
ATOM   1062 N N   . CYS A 1 141 ? -10.942 -9.398  -5.317  1.00 7.22  ? 141 CYS A N   1 
ATOM   1063 C CA  . CYS A 1 141 ? -9.723  -8.679  -4.978  1.00 7.08  ? 141 CYS A CA  1 
ATOM   1064 C C   . CYS A 1 141 ? -8.611  -8.881  -5.999  1.00 7.98  ? 141 CYS A C   1 
ATOM   1065 O O   . CYS A 1 141 ? -8.507  -9.946  -6.629  1.00 11.13 ? 141 CYS A O   1 
ATOM   1066 C CB  . CYS A 1 141 ? -9.244  -9.112  -3.592  1.00 6.33  ? 141 CYS A CB  1 
ATOM   1067 S SG  . CYS A 1 141 ? -10.502 -8.886  -2.303  1.00 8.25  ? 141 CYS A SG  1 
ATOM   1068 N N   . LYS A 1 142 ? -7.750  -7.876  -6.118  1.00 5.17  ? 142 LYS A N   1 
ATOM   1069 C CA  . LYS A 1 142 ? -6.642  -7.906  -7.054  1.00 6.53  ? 142 LYS A CA  1 
ATOM   1070 C C   . LYS A 1 142 ? -5.334  -7.756  -6.310  1.00 6.93  ? 142 LYS A C   1 
ATOM   1071 O O   . LYS A 1 142 ? -5.279  -7.150  -5.229  1.00 5.92  ? 142 LYS A O   1 
ATOM   1072 C CB  . LYS A 1 142 ? -6.789  -6.763  -8.049  1.00 7.10  ? 142 LYS A CB  1 
ATOM   1073 C CG  . LYS A 1 142 ? -8.129  -6.761  -8.728  1.00 12.66 ? 142 LYS A CG  1 
ATOM   1074 C CD  . LYS A 1 142 ? -8.318  -5.603  -9.672  1.00 11.90 ? 142 LYS A CD  1 
ATOM   1075 C CE  . LYS A 1 142 ? -9.607  -5.810  -10.441 1.00 15.13 ? 142 LYS A CE  1 
ATOM   1076 N NZ  . LYS A 1 142 ? -9.851  -4.751  -11.437 1.00 17.16 ? 142 LYS A NZ  1 
ATOM   1077 N N   . ASN A 1 143 ? -4.273  -8.279  -6.905  1.00 7.92  ? 143 ASN A N   1 
ATOM   1078 C CA  . ASN A 1 143 ? -2.954  -8.193  -6.305  1.00 8.58  ? 143 ASN A CA  1 
ATOM   1079 C C   . ASN A 1 143 ? -2.333  -6.844  -6.562  1.00 8.81  ? 143 ASN A C   1 
ATOM   1080 O O   . ASN A 1 143 ? -2.687  -6.154  -7.528  1.00 7.45  ? 143 ASN A O   1 
ATOM   1081 C CB  . ASN A 1 143 ? -2.030  -9.228  -6.919  1.00 11.09 ? 143 ASN A CB  1 
ATOM   1082 C CG  . ASN A 1 143 ? -2.407  -10.621 -6.547  1.00 16.16 ? 143 ASN A CG  1 
ATOM   1083 O OD1 . ASN A 1 143 ? -2.527  -10.951 -5.365  1.00 16.43 ? 143 ASN A OD1 1 
ATOM   1084 N ND2 . ASN A 1 143 ? -2.600  -11.457 -7.548  1.00 21.13 ? 143 ASN A ND2 1 
ATOM   1085 N N   . ILE A 1 144 ? -1.417  -6.465  -5.684  1.00 8.08  ? 144 ILE A N   1 
ATOM   1086 C CA  . ILE A 1 144 ? -0.682  -5.224  -5.860  1.00 7.85  ? 144 ILE A CA  1 
ATOM   1087 C C   . ILE A 1 144 ? 0.748   -5.634  -6.196  1.00 8.36  ? 144 ILE A C   1 
ATOM   1088 O O   . ILE A 1 144 ? 1.395   -6.346  -5.423  1.00 7.54  ? 144 ILE A O   1 
ATOM   1089 C CB  . ILE A 1 144 ? -0.742  -4.324  -4.606  1.00 9.33  ? 144 ILE A CB  1 
ATOM   1090 C CG1 . ILE A 1 144 ? -2.201  -3.879  -4.378  1.00 9.03  ? 144 ILE A CG1 1 
ATOM   1091 C CG2 . ILE A 1 144 ? 0.188   -3.097  -4.781  1.00 8.68  ? 144 ILE A CG2 1 
ATOM   1092 C CD1 . ILE A 1 144 ? -2.452  -3.189  -3.061  1.00 9.47  ? 144 ILE A CD1 1 
ATOM   1093 N N   . GLY A 1 145 ? 1.213   -5.223  -7.370  1.00 3.90  ? 145 GLY A N   1 
ATOM   1094 C CA  . GLY A 1 145 ? 2.554   -5.562  -7.793  1.00 6.24  ? 145 GLY A CA  1 
ATOM   1095 C C   . GLY A 1 145 ? 3.291   -4.337  -8.301  1.00 7.29  ? 145 GLY A C   1 
ATOM   1096 O O   . GLY A 1 145 ? 2.814   -3.209  -8.175  1.00 9.26  ? 145 GLY A O   1 
ATOM   1097 N N   . ILE A 1 146 ? 4.436   -4.574  -8.920  1.00 8.39  ? 146 ILE A N   1 
ATOM   1098 C CA  . ILE A 1 146 ? 5.280   -3.518  -9.448  1.00 9.74  ? 146 ILE A CA  1 
ATOM   1099 C C   . ILE A 1 146 ? 5.286   -3.527  -10.971 1.00 10.43 ? 146 ILE A C   1 
ATOM   1100 O O   . ILE A 1 146 ? 5.209   -4.583  -11.593 1.00 10.50 ? 146 ILE A O   1 
ATOM   1101 C CB  . ILE A 1 146 ? 6.745   -3.725  -8.969  1.00 11.88 ? 146 ILE A CB  1 
ATOM   1102 C CG1 . ILE A 1 146 ? 6.837   -3.527  -7.462  1.00 13.47 ? 146 ILE A CG1 1 
ATOM   1103 C CG2 . ILE A 1 146 ? 7.706   -2.781  -9.693  1.00 15.58 ? 146 ILE A CG2 1 
ATOM   1104 C CD1 . ILE A 1 146 ? 6.539   -2.137  -7.034  1.00 15.51 ? 146 ILE A CD1 1 
ATOM   1105 N N   . SER A 1 147 ? 5.363   -2.346  -11.562 1.00 9.55  ? 147 SER A N   1 
ATOM   1106 C CA  . SER A 1 147 ? 5.455   -2.214  -13.006 1.00 10.90 ? 147 SER A CA  1 
ATOM   1107 C C   . SER A 1 147 ? 6.402   -1.042  -13.227 1.00 9.81  ? 147 SER A C   1 
ATOM   1108 O O   . SER A 1 147 ? 6.167   0.061   -12.714 1.00 10.22 ? 147 SER A O   1 
ATOM   1109 C CB  . SER A 1 147 ? 4.097   -1.911  -13.621 1.00 13.67 ? 147 SER A CB  1 
ATOM   1110 O OG  . SER A 1 147 ? 4.213   -1.813  -15.027 1.00 18.52 ? 147 SER A OG  1 
ATOM   1111 N N   . THR A 1 148 ? 7.489   -1.287  -13.945 1.00 9.41  ? 148 THR A N   1 
ATOM   1112 C CA  . THR A 1 148 ? 8.470   -0.238  -14.207 1.00 9.80  ? 148 THR A CA  1 
ATOM   1113 C C   . THR A 1 148 ? 8.046   0.584   -15.410 1.00 9.79  ? 148 THR A C   1 
ATOM   1114 O O   . THR A 1 148 ? 7.742   0.016   -16.466 1.00 10.06 ? 148 THR A O   1 
ATOM   1115 C CB  . THR A 1 148 ? 9.859   -0.841  -14.450 1.00 10.75 ? 148 THR A CB  1 
ATOM   1116 O OG1 . THR A 1 148 ? 10.233  -1.620  -13.302 1.00 16.94 ? 148 THR A OG1 1 
ATOM   1117 C CG2 . THR A 1 148 ? 10.904  0.249   -14.651 1.00 8.52  ? 148 THR A CG2 1 
ATOM   1118 N N   . ASP A 1 149 ? 7.984   1.905   -15.246 1.00 7.84  ? 149 ASP A N   1 
ATOM   1119 C CA  . ASP A 1 149 ? 7.603   2.774   -16.353 1.00 8.26  ? 149 ASP A CA  1 
ATOM   1120 C C   . ASP A 1 149 ? 8.827   3.141   -17.232 1.00 7.88  ? 149 ASP A C   1 
ATOM   1121 O O   . ASP A 1 149 ? 9.969   2.784   -16.891 1.00 7.73  ? 149 ASP A O   1 
ATOM   1122 C CB  . ASP A 1 149 ? 6.797   4.008   -15.858 1.00 7.71  ? 149 ASP A CB  1 
ATOM   1123 C CG  . ASP A 1 149 ? 7.618   5.013   -15.048 1.00 3.41  ? 149 ASP A CG  1 
ATOM   1124 O OD1 . ASP A 1 149 ? 8.855   5.082   -15.152 1.00 4.81  ? 149 ASP A OD1 1 
ATOM   1125 O OD2 . ASP A 1 149 ? 6.988   5.788   -14.314 1.00 6.59  ? 149 ASP A OD2 1 
ATOM   1126 N N   . PRO A 1 150 ? 8.609   3.834   -18.369 1.00 7.08  ? 150 PRO A N   1 
ATOM   1127 C CA  . PRO A 1 150 ? 9.722   4.202   -19.252 1.00 7.35  ? 150 PRO A CA  1 
ATOM   1128 C C   . PRO A 1 150 ? 10.843  4.995   -18.597 1.00 7.83  ? 150 PRO A C   1 
ATOM   1129 O O   . PRO A 1 150 ? 11.968  4.976   -19.075 1.00 8.71  ? 150 PRO A O   1 
ATOM   1130 C CB  . PRO A 1 150 ? 9.031   5.009   -20.353 1.00 6.89  ? 150 PRO A CB  1 
ATOM   1131 C CG  . PRO A 1 150 ? 7.699   4.324   -20.458 1.00 6.42  ? 150 PRO A CG  1 
ATOM   1132 C CD  . PRO A 1 150 ? 7.323   4.202   -18.992 1.00 5.75  ? 150 PRO A CD  1 
ATOM   1133 N N   . GLU A 1 151 ? 10.523  5.723   -17.532 1.00 7.56  ? 151 GLU A N   1 
ATOM   1134 C CA  . GLU A 1 151 ? 11.526  6.521   -16.826 1.00 7.48  ? 151 GLU A CA  1 
ATOM   1135 C C   . GLU A 1 151 ? 12.229  5.732   -15.706 1.00 8.55  ? 151 GLU A C   1 
ATOM   1136 O O   . GLU A 1 151 ? 13.087  6.264   -15.010 1.00 9.23  ? 151 GLU A O   1 
ATOM   1137 C CB  . GLU A 1 151 ? 10.900  7.803   -16.260 1.00 7.83  ? 151 GLU A CB  1 
ATOM   1138 C CG  . GLU A 1 151 ? 10.324  8.776   -17.300 1.00 7.28  ? 151 GLU A CG  1 
ATOM   1139 C CD  . GLU A 1 151 ? 9.071   8.251   -17.947 1.00 10.12 ? 151 GLU A CD  1 
ATOM   1140 O OE1 . GLU A 1 151 ? 8.212   7.704   -17.234 1.00 11.70 ? 151 GLU A OE1 1 
ATOM   1141 O OE2 . GLU A 1 151 ? 8.939   8.343   -19.184 1.00 12.22 ? 151 GLU A OE2 1 
ATOM   1142 N N   . GLY A 1 152 ? 11.821  4.482   -15.505 1.00 7.83  ? 152 GLY A N   1 
ATOM   1143 C CA  . GLY A 1 152 ? 12.451  3.668   -14.487 1.00 8.34  ? 152 GLY A CA  1 
ATOM   1144 C C   . GLY A 1 152 ? 11.820  3.701   -13.108 1.00 9.13  ? 152 GLY A C   1 
ATOM   1145 O O   . GLY A 1 152 ? 12.383  3.138   -12.162 1.00 8.22  ? 152 GLY A O   1 
ATOM   1146 N N   . LYS A 1 153 ? 10.644  4.314   -12.976 1.00 7.45  ? 153 LYS A N   1 
ATOM   1147 C CA  . LYS A 1 153 ? 9.994   4.355   -11.672 1.00 7.84  ? 153 LYS A CA  1 
ATOM   1148 C C   . LYS A 1 153 ? 9.233   3.046   -11.476 1.00 7.74  ? 153 LYS A C   1 
ATOM   1149 O O   . LYS A 1 153 ? 8.672   2.487   -12.435 1.00 7.08  ? 153 LYS A O   1 
ATOM   1150 C CB  . LYS A 1 153 ? 9.049   5.556   -11.545 1.00 10.71 ? 153 LYS A CB  1 
ATOM   1151 C CG  . LYS A 1 153 ? 9.671   6.941   -11.840 1.00 19.88 ? 153 LYS A CG  1 
ATOM   1152 C CD  . LYS A 1 153 ? 10.993  7.228   -11.093 1.00 28.64 ? 153 LYS A CD  1 
ATOM   1153 C CE  . LYS A 1 153 ? 10.823  7.215   -9.570  1.00 36.15 ? 153 LYS A CE  1 
ATOM   1154 N NZ  . LYS A 1 153 ? 12.086  7.445   -8.769  1.00 34.89 ? 153 LYS A NZ  1 
ATOM   1155 N N   . LYS A 1 154 ? 9.271   2.521   -10.253 1.00 6.42  ? 154 LYS A N   1 
ATOM   1156 C CA  . LYS A 1 154 ? 8.594   1.270   -9.944  1.00 7.67  ? 154 LYS A CA  1 
ATOM   1157 C C   . LYS A 1 154 ? 7.202   1.515   -9.379  1.00 7.09  ? 154 LYS A C   1 
ATOM   1158 O O   . LYS A 1 154 ? 6.999   1.504   -8.166  1.00 6.45  ? 154 LYS A O   1 
ATOM   1159 C CB  . LYS A 1 154 ? 9.449   0.447   -8.993  1.00 6.74  ? 154 LYS A CB  1 
ATOM   1160 C CG  . LYS A 1 154 ? 10.728  0.027   -9.653  1.00 12.34 ? 154 LYS A CG  1 
ATOM   1161 C CD  . LYS A 1 154 ? 11.514  -0.937  -8.799  1.00 23.90 ? 154 LYS A CD  1 
ATOM   1162 C CE  . LYS A 1 154 ? 12.856  -1.258  -9.453  1.00 28.48 ? 154 LYS A CE  1 
ATOM   1163 N NZ  . LYS A 1 154 ? 12.681  -1.507  -10.929 1.00 34.58 ? 154 LYS A NZ  1 
ATOM   1164 N N   . ARG A 1 155 ? 6.246   1.716   -10.279 1.00 4.30  ? 155 ARG A N   1 
ATOM   1165 C CA  . ARG A 1 155 ? 4.872   1.994   -9.901  1.00 6.06  ? 155 ARG A CA  1 
ATOM   1166 C C   . ARG A 1 155 ? 4.178   0.794   -9.263  1.00 7.41  ? 155 ARG A C   1 
ATOM   1167 O O   . ARG A 1 155 ? 4.447   -0.354  -9.619  1.00 7.69  ? 155 ARG A O   1 
ATOM   1168 C CB  . ARG A 1 155 ? 4.074   2.430   -11.125 1.00 7.79  ? 155 ARG A CB  1 
ATOM   1169 C CG  . ARG A 1 155 ? 4.663   3.607   -11.892 1.00 8.93  ? 155 ARG A CG  1 
ATOM   1170 C CD  . ARG A 1 155 ? 3.644   4.094   -12.881 1.00 8.30  ? 155 ARG A CD  1 
ATOM   1171 N NE  . ARG A 1 155 ? 4.186   5.025   -13.862 1.00 10.02 ? 155 ARG A NE  1 
ATOM   1172 C CZ  . ARG A 1 155 ? 3.432   5.692   -14.730 1.00 10.34 ? 155 ARG A CZ  1 
ATOM   1173 N NH1 . ARG A 1 155 ? 2.115   5.531   -14.702 1.00 8.74  ? 155 ARG A NH1 1 
ATOM   1174 N NH2 . ARG A 1 155 ? 3.990   6.456   -15.665 1.00 6.36  ? 155 ARG A NH2 1 
ATOM   1175 N N   . LEU A 1 156 ? 3.323   1.071   -8.284  1.00 8.06  ? 156 LEU A N   1 
ATOM   1176 C CA  . LEU A 1 156 ? 2.554   0.029   -7.617  1.00 8.07  ? 156 LEU A CA  1 
ATOM   1177 C C   . LEU A 1 156 ? 1.259   -0.064  -8.406  1.00 6.30  ? 156 LEU A C   1 
ATOM   1178 O O   . LEU A 1 156 ? 0.486   0.893   -8.464  1.00 7.18  ? 156 LEU A O   1 
ATOM   1179 C CB  . LEU A 1 156 ? 2.282   0.407   -6.160  1.00 5.91  ? 156 LEU A CB  1 
ATOM   1180 C CG  . LEU A 1 156 ? 3.488   0.384   -5.212  1.00 10.57 ? 156 LEU A CG  1 
ATOM   1181 C CD1 . LEU A 1 156 ? 3.034   0.589   -3.799  1.00 13.41 ? 156 LEU A CD1 1 
ATOM   1182 C CD2 . LEU A 1 156 ? 4.182   -0.925  -5.286  1.00 12.78 ? 156 LEU A CD2 1 
ATOM   1183 N N   . VAL A 1 157 ? 1.070   -1.192  -9.081  1.00 7.15  ? 157 VAL A N   1 
ATOM   1184 C CA  . VAL A 1 157 ? -0.112  -1.409  -9.902  1.00 7.95  ? 157 VAL A CA  1 
ATOM   1185 C C   . VAL A 1 157 ? -1.039  -2.484  -9.323  1.00 8.53  ? 157 VAL A C   1 
ATOM   1186 O O   . VAL A 1 157 ? -0.614  -3.357  -8.558  1.00 7.89  ? 157 VAL A O   1 
ATOM   1187 C CB  . VAL A 1 157 ? 0.262   -1.742  -11.358 1.00 6.13  ? 157 VAL A CB  1 
ATOM   1188 C CG1 . VAL A 1 157 ? 1.138   -0.633  -11.927 1.00 8.94  ? 157 VAL A CG1 1 
ATOM   1189 C CG2 . VAL A 1 157 ? 0.980   -3.067  -11.445 1.00 10.42 ? 157 VAL A CG2 1 
ATOM   1190 N N   . VAL A 1 158 ? -2.309  -2.412  -9.698  1.00 7.61  ? 158 VAL A N   1 
ATOM   1191 C CA  . VAL A 1 158 ? -3.303  -3.346  -9.200  1.00 8.98  ? 158 VAL A CA  1 
ATOM   1192 C C   . VAL A 1 158 ? -3.917  -4.170  -10.329 1.00 9.87  ? 158 VAL A C   1 
ATOM   1193 O O   . VAL A 1 158 ? -4.489  -3.619  -11.271 1.00 10.09 ? 158 VAL A O   1 
ATOM   1194 C CB  . VAL A 1 158 ? -4.439  -2.578  -8.454  1.00 9.98  ? 158 VAL A CB  1 
ATOM   1195 C CG1 . VAL A 1 158 ? -5.485  -3.535  -7.888  1.00 12.18 ? 158 VAL A CG1 1 
ATOM   1196 C CG2 . VAL A 1 158 ? -3.859  -1.736  -7.333  1.00 9.87  ? 158 VAL A CG2 1 
ATOM   1197 N N   . SER A 1 159 ? -3.769  -5.485  -10.253 1.00 9.40  ? 159 SER A N   1 
ATOM   1198 C CA  . SER A 1 159 ? -4.373  -6.361  -11.236 1.00 11.02 ? 159 SER A CA  1 
ATOM   1199 C C   . SER A 1 159 ? -4.403  -7.793  -10.728 1.00 10.90 ? 159 SER A C   1 
ATOM   1200 O O   . SER A 1 159 ? -3.677  -8.158  -9.794  1.00 10.89 ? 159 SER A O   1 
ATOM   1201 C CB  . SER A 1 159 ? -3.668  -6.277  -12.599 1.00 15.06 ? 159 SER A CB  1 
ATOM   1202 O OG  . SER A 1 159 ? -2.536  -7.112  -12.674 1.00 20.52 ? 159 SER A OG  1 
ATOM   1203 N N   . TYR A 1 160 ? -5.305  -8.577  -11.312 1.00 13.22 ? 160 TYR A N   1 
ATOM   1204 C CA  . TYR A 1 160 ? -5.461  -9.993  -10.972 1.00 15.54 ? 160 TYR A CA  1 
ATOM   1205 C C   . TYR A 1 160 ? -4.171  -10.738 -11.290 1.00 16.51 ? 160 TYR A C   1 
ATOM   1206 O O   . TYR A 1 160 ? -3.790  -11.682 -10.609 1.00 19.23 ? 160 TYR A O   1 
ATOM   1207 C CB  . TYR A 1 160 ? -6.576  -10.613 -11.834 1.00 13.05 ? 160 TYR A CB  1 
ATOM   1208 C CG  . TYR A 1 160 ? -7.976  -10.132 -11.540 1.00 14.11 ? 160 TYR A CG  1 
ATOM   1209 C CD1 . TYR A 1 160 ? -8.455  -10.076 -10.231 1.00 10.38 ? 160 TYR A CD1 1 
ATOM   1210 C CD2 . TYR A 1 160 ? -8.843  -9.771  -12.577 1.00 13.53 ? 160 TYR A CD2 1 
ATOM   1211 C CE1 . TYR A 1 160 ? -9.750  -9.678  -9.955  1.00 11.96 ? 160 TYR A CE1 1 
ATOM   1212 C CE2 . TYR A 1 160 ? -10.154 -9.375  -12.311 1.00 12.70 ? 160 TYR A CE2 1 
ATOM   1213 C CZ  . TYR A 1 160 ? -10.597 -9.330  -10.993 1.00 13.33 ? 160 TYR A CZ  1 
ATOM   1214 O OH  . TYR A 1 160 ? -11.885 -8.934  -10.703 1.00 14.50 ? 160 TYR A OH  1 
ATOM   1215 N N   . GLN A 1 161 ? -3.486  -10.265 -12.320 1.00 20.59 ? 161 GLN A N   1 
ATOM   1216 C CA  . GLN A 1 161 ? -2.279  -10.913 -12.799 1.00 24.04 ? 161 GLN A CA  1 
ATOM   1217 C C   . GLN A 1 161 ? -0.940  -10.375 -12.300 1.00 24.33 ? 161 GLN A C   1 
ATOM   1218 O O   . GLN A 1 161 ? 0.112   -10.908 -12.660 1.00 27.07 ? 161 GLN A O   1 
ATOM   1219 C CB  . GLN A 1 161 ? -2.329  -10.969 -14.336 1.00 25.16 ? 161 GLN A CB  1 
ATOM   1220 N N   . SER A 1 162 ? -0.969  -9.356  -11.448 1.00 23.00 ? 162 SER A N   1 
ATOM   1221 C CA  . SER A 1 162 ? 0.278   -8.805  -10.928 1.00 22.31 ? 162 SER A CA  1 
ATOM   1222 C C   . SER A 1 162 ? 0.939   -9.796  -9.987  1.00 20.69 ? 162 SER A C   1 
ATOM   1223 O O   . SER A 1 162 ? 0.260   -10.450 -9.195  1.00 20.09 ? 162 SER A O   1 
ATOM   1224 C CB  . SER A 1 162 ? 0.036   -7.497  -10.162 1.00 23.18 ? 162 SER A CB  1 
ATOM   1225 O OG  . SER A 1 162 ? -0.371  -6.455  -11.033 1.00 28.16 ? 162 SER A OG  1 
ATOM   1226 N N   . ASP A 1 163 ? 2.255   -9.932  -10.115 1.00 19.06 ? 163 ASP A N   1 
ATOM   1227 C CA  . ASP A 1 163 ? 3.031   -10.798 -9.241  1.00 18.82 ? 163 ASP A CA  1 
ATOM   1228 C C   . ASP A 1 163 ? 3.058   -9.949  -7.966  1.00 14.50 ? 163 ASP A C   1 
ATOM   1229 O O   . ASP A 1 163 ? 3.531   -8.823  -7.992  1.00 14.37 ? 163 ASP A O   1 
ATOM   1230 C CB  . ASP A 1 163 ? 4.432   -10.980 -9.833  1.00 24.23 ? 163 ASP A CB  1 
ATOM   1231 C CG  . ASP A 1 163 ? 5.321   -11.871 -8.989  1.00 29.48 ? 163 ASP A CG  1 
ATOM   1232 O OD1 . ASP A 1 163 ? 4.817   -12.869 -8.424  1.00 33.13 ? 163 ASP A OD1 1 
ATOM   1233 O OD2 . ASP A 1 163 ? 6.533   -11.563 -8.905  1.00 34.81 ? 163 ASP A OD2 1 
ATOM   1234 N N   . PRO A 1 164 ? 2.501   -10.457 -6.858  1.00 15.00 ? 164 PRO A N   1 
ATOM   1235 C CA  . PRO A 1 164 ? 2.450   -9.731  -5.584  1.00 13.56 ? 164 PRO A CA  1 
ATOM   1236 C C   . PRO A 1 164 ? 3.787   -9.236  -5.066  1.00 14.76 ? 164 PRO A C   1 
ATOM   1237 O O   . PRO A 1 164 ? 4.788   -9.947  -5.125  1.00 16.97 ? 164 PRO A O   1 
ATOM   1238 C CB  . PRO A 1 164 ? 1.877   -10.766 -4.619  1.00 15.11 ? 164 PRO A CB  1 
ATOM   1239 C CG  . PRO A 1 164 ? 1.139   -11.728 -5.509  1.00 16.42 ? 164 PRO A CG  1 
ATOM   1240 C CD  . PRO A 1 164 ? 2.037   -11.845 -6.683  1.00 14.03 ? 164 PRO A CD  1 
ATOM   1241 N N   . LEU A 1 165 ? 3.810   -8.002  -4.583  1.00 14.65 ? 165 LEU A N   1 
ATOM   1242 C CA  . LEU A 1 165 ? 5.014   -7.433  -4.000  1.00 12.80 ? 165 LEU A CA  1 
ATOM   1243 C C   . LEU A 1 165 ? 4.987   -8.013  -2.579  1.00 10.22 ? 165 LEU A C   1 
ATOM   1244 O O   . LEU A 1 165 ? 3.993   -7.870  -1.875  1.00 9.20  ? 165 LEU A O   1 
ATOM   1245 C CB  . LEU A 1 165 ? 4.875   -5.906  -3.930  1.00 15.73 ? 165 LEU A CB  1 
ATOM   1246 C CG  . LEU A 1 165 ? 6.067   -4.945  -3.755  1.00 21.83 ? 165 LEU A CG  1 
ATOM   1247 C CD1 . LEU A 1 165 ? 5.544   -3.668  -3.112  1.00 22.04 ? 165 LEU A CD1 1 
ATOM   1248 C CD2 . LEU A 1 165 ? 7.186   -5.519  -2.912  1.00 22.37 ? 165 LEU A CD2 1 
ATOM   1249 N N   . VAL A 1 166 ? 6.038   -8.710  -2.176  1.00 8.97  ? 166 VAL A N   1 
ATOM   1250 C CA  . VAL A 1 166 ? 6.080   -9.288  -0.837  1.00 9.40  ? 166 VAL A CA  1 
ATOM   1251 C C   . VAL A 1 166 ? 6.791   -8.286  0.065   1.00 9.55  ? 166 VAL A C   1 
ATOM   1252 O O   . VAL A 1 166 ? 7.901   -7.828  -0.234  1.00 8.20  ? 166 VAL A O   1 
ATOM   1253 C CB  . VAL A 1 166 ? 6.801   -10.680 -0.802  1.00 10.21 ? 166 VAL A CB  1 
ATOM   1254 C CG1 . VAL A 1 166 ? 6.854   -11.225 0.629   1.00 7.12  ? 166 VAL A CG1 1 
ATOM   1255 C CG2 . VAL A 1 166 ? 6.075   -11.662 -1.697  1.00 8.57  ? 166 VAL A CG2 1 
ATOM   1256 N N   . VAL A 1 167 ? 6.177   -7.995  1.201   1.00 7.72  ? 167 VAL A N   1 
ATOM   1257 C CA  . VAL A 1 167 ? 6.711   -7.006  2.122   1.00 7.69  ? 167 VAL A CA  1 
ATOM   1258 C C   . VAL A 1 167 ? 6.754   -7.487  3.570   1.00 6.79  ? 167 VAL A C   1 
ATOM   1259 O O   . VAL A 1 167 ? 6.232   -8.553  3.907   1.00 6.43  ? 167 VAL A O   1 
ATOM   1260 C CB  . VAL A 1 167 ? 5.826   -5.714  2.084   1.00 7.59  ? 167 VAL A CB  1 
ATOM   1261 C CG1 . VAL A 1 167 ? 5.739   -5.169  0.672   1.00 7.97  ? 167 VAL A CG1 1 
ATOM   1262 C CG2 . VAL A 1 167 ? 4.409   -6.021  2.591   1.00 7.75  ? 167 VAL A CG2 1 
ATOM   1263 N N   . LYS A 1 168 ? 7.379   -6.662  4.400   1.00 6.50  ? 168 LYS A N   1 
ATOM   1264 C CA  . LYS A 1 168 ? 7.481   -6.851  5.830   1.00 8.67  ? 168 LYS A CA  1 
ATOM   1265 C C   . LYS A 1 168 ? 7.066   -5.511  6.426   1.00 7.82  ? 168 LYS A C   1 
ATOM   1266 O O   . LYS A 1 168 ? 7.255   -4.472  5.799   1.00 8.97  ? 168 LYS A O   1 
ATOM   1267 C CB  . LYS A 1 168 ? 8.919   -7.156  6.248   1.00 12.78 ? 168 LYS A CB  1 
ATOM   1268 C CG  . LYS A 1 168 ? 9.293   -8.620  6.275   1.00 15.68 ? 168 LYS A CG  1 
ATOM   1269 C CD  . LYS A 1 168 ? 10.713  -8.765  6.785   1.00 23.38 ? 168 LYS A CD  1 
ATOM   1270 C CE  . LYS A 1 168 ? 11.048  -10.204 7.097   1.00 29.15 ? 168 LYS A CE  1 
ATOM   1271 N NZ  . LYS A 1 168 ? 10.183  -10.707 8.194   1.00 37.51 ? 168 LYS A NZ  1 
ATOM   1272 N N   . PHE A 1 169 ? 6.480   -5.533  7.619   1.00 5.57  ? 169 PHE A N   1 
ATOM   1273 C CA  . PHE A 1 169 ? 6.060   -4.312  8.298   1.00 7.81  ? 169 PHE A CA  1 
ATOM   1274 C C   . PHE A 1 169 ? 6.992   -4.043  9.469   1.00 9.26  ? 169 PHE A C   1 
ATOM   1275 O O   . PHE A 1 169 ? 7.112   -4.865  10.372  1.00 10.30 ? 169 PHE A O   1 
ATOM   1276 C CB  . PHE A 1 169 ? 4.614   -4.439  8.818   1.00 8.18  ? 169 PHE A CB  1 
ATOM   1277 C CG  . PHE A 1 169 ? 3.595   -4.679  7.733   1.00 9.17  ? 169 PHE A CG  1 
ATOM   1278 C CD1 . PHE A 1 169 ? 3.067   -3.609  7.010   1.00 11.71 ? 169 PHE A CD1 1 
ATOM   1279 C CD2 . PHE A 1 169 ? 3.183   -5.969  7.417   1.00 10.16 ? 169 PHE A CD2 1 
ATOM   1280 C CE1 . PHE A 1 169 ? 2.148   -3.824  5.971   1.00 10.40 ? 169 PHE A CE1 1 
ATOM   1281 C CE2 . PHE A 1 169 ? 2.268   -6.193  6.388   1.00 8.84  ? 169 PHE A CE2 1 
ATOM   1282 C CZ  . PHE A 1 169 ? 1.750   -5.111  5.663   1.00 9.12  ? 169 PHE A CZ  1 
ATOM   1283 N N   . HIS A 1 170 ? 7.678   -2.906  9.442   1.00 9.13  ? 170 HIS A N   1 
ATOM   1284 C CA  . HIS A 1 170 ? 8.582   -2.544  10.529  1.00 11.74 ? 170 HIS A CA  1 
ATOM   1285 C C   . HIS A 1 170 ? 7.909   -1.546  11.438  1.00 13.21 ? 170 HIS A C   1 
ATOM   1286 O O   . HIS A 1 170 ? 7.404   -0.517  10.975  1.00 13.17 ? 170 HIS A O   1 
ATOM   1287 C CB  . HIS A 1 170 ? 9.887   -1.978  9.979   1.00 11.58 ? 170 HIS A CB  1 
ATOM   1288 C CG  . HIS A 1 170 ? 10.727  -3.013  9.300   1.00 17.96 ? 170 HIS A CG  1 
ATOM   1289 N ND1 . HIS A 1 170 ? 10.489  -3.436  8.013   1.00 20.98 ? 170 HIS A ND1 1 
ATOM   1290 C CD2 . HIS A 1 170 ? 11.751  -3.768  9.763   1.00 20.19 ? 170 HIS A CD2 1 
ATOM   1291 C CE1 . HIS A 1 170 ? 11.328  -4.412  7.706   1.00 21.42 ? 170 HIS A CE1 1 
ATOM   1292 N NE2 . HIS A 1 170 ? 12.103  -4.632  8.753   1.00 23.53 ? 170 HIS A NE2 1 
ATOM   1293 N N   . ARG A 1 171 ? 7.842   -1.872  12.721  1.00 15.35 ? 171 ARG A N   1 
ATOM   1294 C CA  . ARG A 1 171 ? 7.192   -0.983  13.666  1.00 21.82 ? 171 ARG A CA  1 
ATOM   1295 C C   . ARG A 1 171 ? 7.952   0.341   13.649  1.00 26.75 ? 171 ARG A C   1 
ATOM   1296 O O   . ARG A 1 171 ? 9.187   0.355   13.657  1.00 28.15 ? 171 ARG A O   1 
ATOM   1297 C CB  . ARG A 1 171 ? 7.164   -1.602  15.072  1.00 19.80 ? 171 ARG A CB  1 
ATOM   1298 C CG  . ARG A 1 171 ? 6.291   -0.845  16.061  1.00 19.80 ? 171 ARG A CG  1 
ATOM   1299 N N   . HIS A 1 172 ? 7.212   1.437   13.529  1.00 32.02 ? 172 HIS A N   1 
ATOM   1300 C CA  . HIS A 1 172 ? 7.813   2.760   13.481  1.00 36.19 ? 172 HIS A CA  1 
ATOM   1301 C C   . HIS A 1 172 ? 7.157   3.697   14.502  1.00 38.36 ? 172 HIS A C   1 
ATOM   1302 O O   . HIS A 1 172 ? 5.924   3.603   14.698  1.00 41.80 ? 172 HIS A O   1 
ATOM   1303 C CB  . HIS A 1 172 ? 7.711   3.317   12.054  1.00 37.30 ? 172 HIS A CB  1 
ATOM   1304 C CG  . HIS A 1 172 ? 7.738   4.805   11.982  1.00 41.95 ? 172 HIS A CG  1 
ATOM   1305 N ND1 . HIS A 1 172 ? 6.639   5.587   12.295  1.00 44.39 ? 172 HIS A ND1 1 
ATOM   1306 C CD2 . HIS A 1 172 ? 8.717   5.672   11.625  1.00 42.63 ? 172 HIS A CD2 1 
ATOM   1307 C CE1 . HIS A 1 172 ? 6.938   6.858   12.136  1.00 43.36 ? 172 HIS A CE1 1 
ATOM   1308 N NE2 . HIS A 1 172 ? 8.195   6.940   11.729  1.00 44.26 ? 172 HIS A NE2 1 
HETATM 1309 O O   . HOH B 2 .   ? 8.368   2.541   3.402   1.00 6.26  ? 176 HOH A O   1 
HETATM 1310 O O   . HOH B 2 .   ? 6.107   -8.026  8.783   1.00 6.82  ? 177 HOH A O   1 
HETATM 1311 O O   . HOH B 2 .   ? -9.204  3.965   -3.986  1.00 9.37  ? 178 HOH A O   1 
HETATM 1312 O O   . HOH B 2 .   ? 7.805   12.476  -1.753  1.00 9.61  ? 179 HOH A O   1 
HETATM 1313 O O   . HOH B 2 .   ? 1.852   16.100  -3.854  1.00 12.26 ? 180 HOH A O   1 
HETATM 1314 O O   . HOH B 2 .   ? -5.953  -6.941  6.092   1.00 6.42  ? 181 HOH A O   1 
HETATM 1315 O O   . HOH B 2 .   ? -12.502 -2.849  8.533   1.00 11.88 ? 182 HOH A O   1 
HETATM 1316 O O   . HOH B 2 .   ? 10.405  4.214   -8.179  1.00 9.91  ? 183 HOH A O   1 
HETATM 1317 O O   . HOH B 2 .   ? -6.403  10.861  -6.641  1.00 11.09 ? 184 HOH A O   1 
HETATM 1318 O O   . HOH B 2 .   ? 11.565  6.490   -5.950  1.00 7.16  ? 185 HOH A O   1 
HETATM 1319 O O   . HOH B 2 .   ? 1.508   16.513  -10.445 1.00 12.13 ? 186 HOH A O   1 
HETATM 1320 O O   . HOH B 2 .   ? 4.878   9.125   5.718   1.00 13.58 ? 187 HOH A O   1 
HETATM 1321 O O   . HOH B 2 .   ? 1.691   -9.173  19.820  1.00 12.86 ? 188 HOH A O   1 
HETATM 1322 O O   . HOH B 2 .   ? 8.878   14.162  -7.450  1.00 14.81 ? 189 HOH A O   1 
HETATM 1323 O O   . HOH B 2 .   ? 14.713  4.897   -18.518 1.00 8.60  ? 190 HOH A O   1 
HETATM 1324 O O   . HOH B 2 .   ? 1.323   8.868   -14.127 1.00 7.12  ? 191 HOH A O   1 
HETATM 1325 O O   . HOH B 2 .   ? -6.557  3.639   1.928   1.00 6.26  ? 192 HOH A O   1 
HETATM 1326 O O   . HOH B 2 .   ? 15.259  2.629   -2.735  1.00 14.50 ? 193 HOH A O   1 
HETATM 1327 O O   . HOH B 2 .   ? 13.836  2.655   -0.135  1.00 9.47  ? 194 HOH A O   1 
HETATM 1328 O O   . HOH B 2 .   ? -14.509 -1.307  13.864  1.00 14.78 ? 195 HOH A O   1 
HETATM 1329 O O   . HOH B 2 .   ? 3.308   -4.154  16.050  1.00 12.33 ? 196 HOH A O   1 
HETATM 1330 O O   . HOH B 2 .   ? 0.848   11.152  -15.854 1.00 17.22 ? 197 HOH A O   1 
HETATM 1331 O O   . HOH B 2 .   ? -13.015 -6.230  7.004   1.00 17.18 ? 198 HOH A O   1 
HETATM 1332 O O   . HOH B 2 .   ? 4.954   11.192  3.561   1.00 18.02 ? 199 HOH A O   1 
HETATM 1333 O O   . HOH B 2 .   ? 1.610   -6.677  -2.438  1.00 7.03  ? 200 HOH A O   1 
HETATM 1334 O O   . HOH B 2 .   ? -9.253  3.240   -1.253  1.00 33.82 ? 201 HOH A O   1 
HETATM 1335 O O   . HOH B 2 .   ? 3.987   -14.903 6.396   1.00 24.96 ? 202 HOH A O   1 
HETATM 1336 O O   . HOH B 2 .   ? -0.141  -13.719 9.795   1.00 10.91 ? 203 HOH A O   1 
HETATM 1337 O O   . HOH B 2 .   ? 5.103   2.353   4.757   1.00 7.40  ? 204 HOH A O   1 
HETATM 1338 O O   . HOH B 2 .   ? 1.255   5.776   -10.796 1.00 9.60  ? 205 HOH A O   1 
HETATM 1339 O O   . HOH B 2 .   ? -8.741  10.282  -23.310 1.00 13.50 ? 206 HOH A O   1 
HETATM 1340 O O   . HOH B 2 .   ? -4.948  4.679   8.117   1.00 15.88 ? 207 HOH A O   1 
HETATM 1341 O O   . HOH B 2 .   ? 1.314   -6.293  19.327  1.00 21.39 ? 208 HOH A O   1 
HETATM 1342 O O   . HOH B 2 .   ? -4.904  12.182  0.115   1.00 15.56 ? 209 HOH A O   1 
HETATM 1343 O O   . HOH B 2 .   ? 7.650   8.241   -14.775 1.00 12.77 ? 210 HOH A O   1 
HETATM 1344 O O   . HOH B 2 .   ? -14.564 -0.320  0.750   1.00 22.32 ? 211 HOH A O   1 
HETATM 1345 O O   . HOH B 2 .   ? -3.985  -10.132 21.523  1.00 32.37 ? 212 HOH A O   1 
HETATM 1346 O O   . HOH B 2 .   ? 9.088   13.311  -4.847  1.00 9.39  ? 213 HOH A O   1 
HETATM 1347 O O   . HOH B 2 .   ? 1.776   4.235   -8.751  1.00 11.24 ? 214 HOH A O   1 
HETATM 1348 O O   . HOH B 2 .   ? -6.868  -7.148  -13.470 1.00 18.85 ? 215 HOH A O   1 
HETATM 1349 O O   . HOH B 2 .   ? 9.885   -8.359  -2.004  1.00 17.27 ? 216 HOH A O   1 
HETATM 1350 O O   . HOH B 2 .   ? -9.610  2.622   12.174  1.00 16.61 ? 217 HOH A O   1 
HETATM 1351 O O   . HOH B 2 .   ? -8.771  2.088   1.753   1.00 19.60 ? 218 HOH A O   1 
HETATM 1352 O O   . HOH B 2 .   ? 1.384   15.588  -1.148  1.00 26.24 ? 219 HOH A O   1 
HETATM 1353 O O   . HOH B 2 .   ? 5.307   -12.873 -5.308  1.00 27.14 ? 220 HOH A O   1 
HETATM 1354 O O   . HOH B 2 .   ? -6.044  -11.264 -7.569  1.00 25.65 ? 221 HOH A O   1 
HETATM 1355 O O   . HOH B 2 .   ? -0.679  -8.788  -3.996  1.00 24.10 ? 222 HOH A O   1 
HETATM 1356 O O   . HOH B 2 .   ? -8.034  -7.605  16.612  1.00 23.92 ? 223 HOH A O   1 
HETATM 1357 O O   . HOH B 2 .   ? 5.725   -7.113  -8.433  1.00 31.41 ? 224 HOH A O   1 
HETATM 1358 O O   . HOH B 2 .   ? 13.693  0.800   -11.899 1.00 24.00 ? 225 HOH A O   1 
HETATM 1359 O O   . HOH B 2 .   ? 10.028  5.405   7.954   1.00 30.20 ? 226 HOH A O   1 
HETATM 1360 O O   . HOH B 2 .   ? -17.056 0.079   6.802   1.00 37.93 ? 227 HOH A O   1 
HETATM 1361 O O   . HOH B 2 .   ? 7.329   -4.914  17.380  1.00 33.34 ? 228 HOH A O   1 
HETATM 1362 O O   . HOH B 2 .   ? -14.715 -6.023  -2.134  1.00 27.17 ? 229 HOH A O   1 
HETATM 1363 O O   . HOH B 2 .   ? -3.169  -16.961 25.629  1.00 20.96 ? 230 HOH A O   1 
HETATM 1364 O O   . HOH B 2 .   ? -6.906  -3.988  -12.820 1.00 19.87 ? 231 HOH A O   1 
HETATM 1365 O O   . HOH B 2 .   ? -1.983  17.800  -5.677  1.00 27.59 ? 232 HOH A O   1 
HETATM 1366 O O   . HOH B 2 .   ? -7.909  -0.619  -16.191 1.00 21.48 ? 233 HOH A O   1 
HETATM 1367 O O   . HOH B 2 .   ? 9.473   9.866   -13.465 1.00 26.26 ? 234 HOH A O   1 
HETATM 1368 O O   . HOH B 2 .   ? 8.197   8.237   7.259   1.00 21.39 ? 235 HOH A O   1 
HETATM 1369 O O   . HOH B 2 .   ? -5.574  -18.390 25.629  1.00 38.41 ? 236 HOH A O   1 
HETATM 1370 O O   . HOH B 2 .   ? -5.348  -15.339 4.669   1.00 23.40 ? 237 HOH A O   1 
HETATM 1371 O O   . HOH B 2 .   ? 8.090   -9.484  -4.236  1.00 29.56 ? 238 HOH A O   1 
HETATM 1372 O O   . HOH B 2 .   ? -1.426  9.418   10.072  1.00 32.49 ? 239 HOH A O   1 
HETATM 1373 O O   . HOH B 2 .   ? -14.973 -4.419  7.426   1.00 33.42 ? 240 HOH A O   1 
HETATM 1374 O O   . HOH B 2 .   ? 13.228  -0.227  -5.886  1.00 35.03 ? 241 HOH A O   1 
HETATM 1375 O O   . HOH B 2 .   ? -15.452 2.474   -7.688  1.00 31.62 ? 242 HOH A O   1 
HETATM 1376 O O   . HOH B 2 .   ? -15.178 -0.687  -7.164  1.00 34.59 ? 243 HOH A O   1 
HETATM 1377 O O   . HOH B 2 .   ? -17.357 -2.850  16.217  1.00 33.41 ? 244 HOH A O   1 
HETATM 1378 O O   . HOH B 2 .   ? -10.362 12.382  -6.053  1.00 32.18 ? 245 HOH A O   1 
HETATM 1379 O O   . HOH B 2 .   ? -2.907  -13.906 -5.761  1.00 39.06 ? 246 HOH A O   1 
HETATM 1380 O O   . HOH B 2 .   ? -13.144 1.783   18.972  1.00 30.27 ? 247 HOH A O   1 
HETATM 1381 O O   . HOH B 2 .   ? -6.371  9.129   -24.999 1.00 29.91 ? 248 HOH A O   1 
HETATM 1382 O O   . HOH B 2 .   ? 5.950   -14.716 13.766  1.00 32.96 ? 249 HOH A O   1 
HETATM 1383 O O   . HOH B 2 .   ? -15.386 -2.073  5.897   1.00 30.97 ? 250 HOH A O   1 
HETATM 1384 O O   . HOH B 2 .   ? -9.977  -6.759  19.178  1.00 26.72 ? 251 HOH A O   1 
HETATM 1385 O O   . HOH B 2 .   ? 12.861  7.764   4.224   1.00 29.52 ? 252 HOH A O   1 
HETATM 1386 O O   . HOH B 2 .   ? -10.776 -2.955  -9.586  1.00 43.50 ? 253 HOH A O   1 
HETATM 1387 O O   . HOH B 2 .   ? 1.671   7.481   -16.975 1.00 24.71 ? 254 HOH A O   1 
HETATM 1388 O O   . HOH B 2 .   ? -0.918  13.781  -14.643 1.00 21.86 ? 255 HOH A O   1 
HETATM 1389 O O   . HOH B 2 .   ? -1.507  9.905   -19.540 0.50 22.42 ? 256 HOH A O   1 
HETATM 1390 O O   . HOH B 2 .   ? -5.541  9.703   -20.481 1.00 29.68 ? 257 HOH A O   1 
HETATM 1391 O O   . HOH B 2 .   ? 16.917  9.623   -17.151 1.00 28.95 ? 258 HOH A O   1 
HETATM 1392 O O   . HOH B 2 .   ? 14.145  10.015  -17.369 1.00 35.57 ? 259 HOH A O   1 
HETATM 1393 O O   . HOH B 2 .   ? 2.995   16.852  5.521   1.00 36.09 ? 260 HOH A O   1 
HETATM 1394 O O   . HOH B 2 .   ? -2.960  -2.246  -13.563 1.00 41.74 ? 261 HOH A O   1 
HETATM 1395 O O   . HOH B 2 .   ? 7.781   -3.914  -15.157 1.00 43.91 ? 262 HOH A O   1 
# 
